data_9FG3
#
_entry.id   9FG3
#
_cell.length_a   1.00
_cell.length_b   1.00
_cell.length_c   1.00
_cell.angle_alpha   90.00
_cell.angle_beta   90.00
_cell.angle_gamma   90.00
#
_symmetry.space_group_name_H-M   'P 1'
#
loop_
_entity.id
_entity.type
_entity.pdbx_description
1 polymer 'Gamma-aminobutyric acid receptor subunit alpha-1'
2 polymer 'Gamma-aminobutyric acid receptor subunit beta-3'
3 polymer 'Isoform 1 of Gamma-aminobutyric acid receptor subunit gamma-2'
4 polymer Nanobody38
5 branched alpha-D-mannopyranose-(1-2)-alpha-D-mannopyranose-(1-2)-alpha-D-mannopyranose-(1-3)-[alpha-D-mannopyranose-(1-2)-alpha-D-mannopyranose-(1-6)-[alpha-D-mannopyranose-(1-3)]alpha-D-mannopyranose-(1-6)]beta-D-mannopyranose-(1-4)-2-acetamido-2-deoxy-beta-D-glucopyranose-(1-4)-2-acetamido-2-deoxy-beta-D-glucopyranose
6 branched 2-acetamido-2-deoxy-beta-D-glucopyranose-(1-4)-2-acetamido-2-deoxy-beta-D-glucopyranose
7 branched alpha-D-mannopyranose-(1-3)-alpha-D-mannopyranose-(1-6)-[alpha-D-mannopyranose-(1-3)]beta-D-mannopyranose-(1-4)-2-acetamido-2-deoxy-beta-D-glucopyranose-(1-4)-2-acetamido-2-deoxy-beta-D-glucopyranose
8 branched alpha-D-mannopyranose-(1-3)-[alpha-D-mannopyranose-(1-6)]beta-D-mannopyranose-(1-4)-2-acetamido-2-deoxy-beta-D-glucopyranose-(1-4)-2-acetamido-2-deoxy-beta-D-glucopyranose
9 non-polymer DECANE
10 non-polymer '(19S,22R,25R)-22,25,26-trihydroxy-16,22-dioxo-17,21,23-trioxa-22lambda~5~-phosphahexacosan-19-yl (9E)-octadec-9-enoate'
11 non-polymer 'GAMMA-AMINO-BUTANOIC ACID'
#
loop_
_entity_poly.entity_id
_entity_poly.type
_entity_poly.pdbx_seq_one_letter_code
_entity_poly.pdbx_strand_id
1 'polypeptide(L)'
;MDEKTTGWRGGHVVEGLAGELEQLRARLEHHPQGQREPDYDIPTTENLYFQGTGQPSQDELKDNTTVFTRILDRLLDGYD
NRLRPGLGERVTEVKTDIFVTSFGPVSDHDMEYTIDVFFRQSWKDERLKFKGPMTVLRLNNLMASKIWTPDTFFHNGKKS
VAHNMTMPNKLLRITEDGTLLYTMRLTVRAECPMHLEDFPMDAHACPLKFGSYAYTRAEVVYEWTREPARSVVVAEDGSR
LNQYDLLGQTVDSGIVQSSTGEYVVMTTHFHLKRKIGYFVIQTYLPCIMTVILSQVSFWLNRESVPARTVFGVTTVLTMT
TLSISARNSLPKVAYATAMDWFIAVCYAFVFSALIEFATVNYFTKSQPARAAKIDRLSRIAFPLLFGIFNLVYWATYLNR
EPQLKAPTPHQ
;
A,D
2 'polypeptide(L)'
;MDEKTTGWRGGHVVEGLAGELEQLRARLEHHPQGQREPDYDIPTTENLYFQGTGQSVNDPGNMSFVKETVDKLLKGYDIR
LRPDFGGPPVCVGMNIDIASIDMVSEVNMDYTLTMYFQQYWRDKRLAYSGIPLNLTLDNRVADQLWVPDTYFLNDKKSFV
HGVTVKNRMIRLHPDGTVLYGLRITTTAACMMDLRRYPLDEQNCTLEIESYGYTTDDIEFYWRGGDKAVTGVERIELPQF
SIVEHRLVSRNVVFATGAYPRLSLSFRLKRNIGYFILQTYMPSILITILSWVSFWINYDASAARVALGITTVLTMTTINT
HLRETLPKIPYVKAIDMYLMGCFVFVFLALLEYAFVNYIFFSQPARAAAIDRWSRIVFPFTFSLFNLVYWLYYVN
;
B,E
3 'polypeptide(L)'
;TGQKSDDDYEDYTSNKTWVLTPKVPEGDVTVILNNLLEGYDNKLRPDIGVKPTLIHTDMYVNSIGPVNAINMEYTIDIFF
AQTWYDRRLKFNSTIKVLRLNSNMVGKIWIPDTFFRNSKKADAHWITTPNRMLRIWNDGRVLYTLRLTIDAECQLQLHNF
PMDEHSCPLEFSSYGYPREEIVYQWKRSSVEVGDTRSWRLYQFSFVGLRNTTEVVKTTSGDYVVMSVYFDLSRRMGYFTI
QTYIPCTLIVVLSWVSFWINKDAVPARTSLGITTVLTMTTLSTIARKSLPKVSYVTAMDLFVSVCFIFVFSALVEYGTLH
YFVSSQPARAAKMDSYARIFFPTAFCLFNLVYWVSYLYLGTGGTTETSQVAPA
;
C
4 'polypeptide(L)'
;QVQLQESGGGLVQAGGSLRVSCAASGRTFTTYIMAWFRQAPGKEREFLAAMDQGRIQYYGDSVRGRFTISRDYAKNSVDL
QLDGLRPEDTAVYYCAAGAGFWGLRTASSYHYWGQGTQVTVSSHHHHHHEPEA
;
F,G
#
loop_
_chem_comp.id
_chem_comp.type
_chem_comp.name
_chem_comp.formula
ABU non-polymer 'GAMMA-AMINO-BUTANOIC ACID' 'C4 H9 N O2'
BMA D-saccharide, beta linking beta-D-mannopyranose 'C6 H12 O6'
D10 non-polymer DECANE 'C10 H22'
D3D non-polymer '(19S,22R,25R)-22,25,26-trihydroxy-16,22-dioxo-17,21,23-trioxa-22lambda~5~-phosphahexacosan-19-yl (9E)-octadec-9-enoate' 'C40 H77 O10 P'
MAN D-saccharide, alpha linking alpha-D-mannopyranose 'C6 H12 O6'
NAG D-saccharide, beta linking 2-acetamido-2-deoxy-beta-D-glucopyranose 'C8 H15 N O6'
#
# COMPACT_ATOMS: atom_id res chain seq x y z
N ASP A 63 -30.14 47.66 9.03
CA ASP A 63 -31.35 46.86 9.19
C ASP A 63 -31.58 45.96 7.98
N ASN A 64 -30.71 46.08 6.98
CA ASN A 64 -30.84 45.27 5.78
C ASN A 64 -30.58 43.81 6.07
N THR A 65 -29.48 43.50 6.79
CA THR A 65 -29.16 42.11 7.08
C THR A 65 -30.03 41.57 8.21
N THR A 66 -30.63 42.45 9.00
CA THR A 66 -31.47 42.00 10.10
C THR A 66 -32.73 41.32 9.59
N VAL A 67 -33.25 41.78 8.45
CA VAL A 67 -34.46 41.21 7.87
C VAL A 67 -34.23 39.75 7.53
N PHE A 68 -33.08 39.45 6.92
CA PHE A 68 -32.79 38.07 6.53
C PHE A 68 -32.52 37.18 7.74
N THR A 69 -31.96 37.75 8.81
CA THR A 69 -31.77 36.97 10.02
C THR A 69 -33.09 36.58 10.64
N ARG A 70 -34.08 37.50 10.64
CA ARG A 70 -35.40 37.17 11.16
C ARG A 70 -36.07 36.09 10.31
N ILE A 71 -35.89 36.15 8.99
CA ILE A 71 -36.53 35.18 8.11
C ILE A 71 -36.01 33.77 8.39
N LEU A 72 -34.69 33.63 8.53
CA LEU A 72 -34.12 32.33 8.80
C LEU A 72 -34.50 31.80 10.18
N ASP A 73 -34.65 32.69 11.16
CA ASP A 73 -35.12 32.26 12.47
C ASP A 73 -36.56 31.77 12.40
N ARG A 74 -37.40 32.43 11.60
CA ARG A 74 -38.78 32.00 11.49
C ARG A 74 -38.91 30.69 10.71
N LEU A 75 -38.05 30.49 9.71
CA LEU A 75 -38.09 29.25 8.94
C LEU A 75 -37.73 28.05 9.81
N LEU A 76 -36.73 28.19 10.67
CA LEU A 76 -36.24 27.09 11.50
C LEU A 76 -36.96 26.97 12.83
N ASP A 77 -37.88 27.88 13.15
CA ASP A 77 -38.60 27.82 14.41
C ASP A 77 -39.74 26.80 14.28
N GLY A 78 -39.72 25.78 15.14
CA GLY A 78 -40.70 24.72 15.02
C GLY A 78 -40.46 23.78 13.87
N TYR A 79 -39.24 23.76 13.32
CA TYR A 79 -38.90 22.93 12.18
C TYR A 79 -38.23 21.65 12.68
N ASP A 80 -38.71 20.50 12.21
CA ASP A 80 -38.17 19.20 12.56
C ASP A 80 -37.53 18.60 11.32
N ASN A 81 -36.21 18.41 11.35
CA ASN A 81 -35.47 17.89 10.22
C ASN A 81 -35.38 16.37 10.20
N ARG A 82 -36.01 15.70 11.16
CA ARG A 82 -36.06 14.25 11.15
C ARG A 82 -37.21 13.71 10.31
N LEU A 83 -38.05 14.59 9.77
CA LEU A 83 -39.22 14.19 8.99
C LEU A 83 -39.09 14.73 7.58
N ARG A 84 -39.32 13.87 6.60
CA ARG A 84 -39.27 14.29 5.21
C ARG A 84 -40.47 15.19 4.89
N PRO A 85 -40.34 16.06 3.90
CA PRO A 85 -41.48 16.90 3.51
C PRO A 85 -42.67 16.06 3.08
N GLY A 86 -43.85 16.46 3.50
CA GLY A 86 -45.05 15.69 3.19
C GLY A 86 -45.06 14.31 3.78
N LEU A 87 -44.64 14.18 5.04
CA LEU A 87 -44.62 12.88 5.70
C LEU A 87 -46.04 12.44 6.03
N GLY A 88 -46.48 11.34 5.44
CA GLY A 88 -47.82 10.84 5.64
C GLY A 88 -48.88 11.47 4.78
N GLU A 89 -48.52 12.40 3.91
CA GLU A 89 -49.47 13.08 3.04
C GLU A 89 -49.22 12.81 1.56
N ARG A 90 -47.97 12.90 1.10
CA ARG A 90 -47.65 12.71 -0.29
C ARG A 90 -46.27 12.07 -0.39
N VAL A 91 -45.69 12.10 -1.59
CA VAL A 91 -44.39 11.50 -1.87
C VAL A 91 -43.41 12.61 -2.21
N THR A 92 -42.24 12.58 -1.56
CA THR A 92 -41.20 13.57 -1.81
C THR A 92 -40.51 13.24 -3.13
N GLU A 93 -40.54 14.17 -4.07
CA GLU A 93 -39.91 13.99 -5.37
C GLU A 93 -38.60 14.76 -5.44
N VAL A 94 -37.55 14.11 -5.91
CA VAL A 94 -36.22 14.70 -5.98
C VAL A 94 -35.79 14.72 -7.45
N LYS A 95 -35.55 15.92 -7.97
CA LYS A 95 -34.97 16.08 -9.29
C LYS A 95 -33.46 15.99 -9.20
N THR A 96 -32.85 15.25 -10.11
CA THR A 96 -31.43 14.97 -10.05
C THR A 96 -30.78 15.21 -11.42
N ASP A 97 -29.59 15.80 -11.40
CA ASP A 97 -28.76 15.88 -12.59
C ASP A 97 -27.30 15.91 -12.17
N ILE A 98 -26.43 15.51 -13.08
CA ILE A 98 -25.01 15.32 -12.80
C ILE A 98 -24.19 16.08 -13.84
N PHE A 99 -23.15 16.77 -13.38
CA PHE A 99 -22.16 17.37 -14.26
C PHE A 99 -20.82 16.71 -13.97
N VAL A 100 -20.34 15.87 -14.90
CA VAL A 100 -19.12 15.12 -14.70
C VAL A 100 -17.94 16.03 -15.03
N THR A 101 -17.22 16.47 -13.99
CA THR A 101 -16.07 17.35 -14.20
C THR A 101 -14.86 16.58 -14.70
N SER A 102 -14.74 15.30 -14.33
CA SER A 102 -13.66 14.48 -14.84
C SER A 102 -14.04 13.00 -14.69
N PHE A 103 -13.73 12.23 -15.71
CA PHE A 103 -13.97 10.78 -15.70
C PHE A 103 -12.61 10.12 -15.49
N GLY A 104 -12.37 9.65 -14.26
CA GLY A 104 -11.05 9.26 -13.87
C GLY A 104 -10.62 7.96 -14.51
N PRO A 105 -9.41 7.52 -14.16
CA PRO A 105 -8.86 6.30 -14.77
C PRO A 105 -9.66 5.06 -14.39
N VAL A 106 -9.69 4.11 -15.31
CA VAL A 106 -10.34 2.82 -15.10
C VAL A 106 -9.27 1.82 -14.71
N SER A 107 -9.53 1.09 -13.63
CA SER A 107 -8.59 0.09 -13.11
C SER A 107 -9.09 -1.29 -13.46
N ASP A 108 -8.25 -2.07 -14.15
CA ASP A 108 -8.63 -3.43 -14.52
C ASP A 108 -8.32 -4.45 -13.44
N HIS A 109 -7.25 -4.24 -12.67
CA HIS A 109 -6.93 -5.16 -11.59
C HIS A 109 -8.04 -5.20 -10.55
N ASP A 110 -8.58 -4.04 -10.18
CA ASP A 110 -9.64 -3.96 -9.20
C ASP A 110 -11.04 -3.96 -9.82
N MET A 111 -11.14 -3.85 -11.14
CA MET A 111 -12.42 -3.77 -11.85
C MET A 111 -13.27 -2.62 -11.30
N GLU A 112 -12.76 -1.41 -11.48
CA GLU A 112 -13.41 -0.22 -10.95
C GLU A 112 -12.99 0.99 -11.79
N TYR A 113 -13.57 2.13 -11.47
CA TYR A 113 -13.23 3.39 -12.11
C TYR A 113 -13.55 4.53 -11.15
N THR A 114 -12.99 5.69 -11.45
CA THR A 114 -13.17 6.88 -10.62
C THR A 114 -13.88 7.95 -11.45
N ILE A 115 -14.69 8.77 -10.77
CA ILE A 115 -15.44 9.82 -11.43
C ILE A 115 -15.66 10.97 -10.46
N ASP A 116 -15.57 12.19 -10.96
CA ASP A 116 -15.81 13.39 -10.19
C ASP A 116 -17.02 14.11 -10.77
N VAL A 117 -17.99 14.43 -9.91
CA VAL A 117 -19.27 14.94 -10.36
C VAL A 117 -19.67 16.15 -9.54
N PHE A 118 -20.53 16.99 -10.13
CA PHE A 118 -21.28 18.02 -9.41
C PHE A 118 -22.69 17.46 -9.22
N PHE A 119 -22.89 16.75 -8.12
CA PHE A 119 -24.14 16.02 -7.90
C PHE A 119 -25.20 16.99 -7.39
N ARG A 120 -26.23 17.24 -8.20
CA ARG A 120 -27.27 18.21 -7.89
C ARG A 120 -28.57 17.50 -7.51
N GLN A 121 -29.26 18.04 -6.51
CA GLN A 121 -30.56 17.53 -6.08
C GLN A 121 -31.50 18.69 -5.83
N SER A 122 -32.77 18.47 -6.09
CA SER A 122 -33.78 19.51 -5.94
C SER A 122 -35.12 18.89 -5.56
N TRP A 123 -35.73 19.42 -4.51
CA TRP A 123 -37.04 18.97 -4.06
C TRP A 123 -37.84 20.18 -3.60
N LYS A 124 -38.99 19.94 -2.98
CA LYS A 124 -39.89 21.00 -2.53
C LYS A 124 -40.23 20.78 -1.07
N ASP A 125 -40.14 21.85 -0.28
CA ASP A 125 -40.45 21.80 1.15
C ASP A 125 -41.31 23.00 1.49
N GLU A 126 -42.59 22.76 1.78
CA GLU A 126 -43.50 23.86 2.10
C GLU A 126 -43.17 24.54 3.42
N ARG A 127 -42.45 23.87 4.31
CA ARG A 127 -42.08 24.47 5.59
C ARG A 127 -41.05 25.59 5.44
N LEU A 128 -40.45 25.74 4.27
CA LEU A 128 -39.41 26.73 4.04
C LEU A 128 -39.86 27.85 3.10
N LYS A 129 -41.17 28.04 2.96
CA LYS A 129 -41.68 29.17 2.19
C LYS A 129 -41.53 30.46 2.98
N PHE A 130 -41.22 31.55 2.27
CA PHE A 130 -41.02 32.84 2.90
C PHE A 130 -41.30 33.94 1.90
N LYS A 131 -41.51 35.14 2.42
CA LYS A 131 -41.65 36.34 1.61
C LYS A 131 -40.74 37.43 2.15
N GLY A 132 -39.91 38.00 1.29
CA GLY A 132 -38.95 38.99 1.70
C GLY A 132 -38.44 39.81 0.52
N PRO A 133 -37.43 40.65 0.77
CA PRO A 133 -36.88 41.48 -0.32
C PRO A 133 -36.32 40.66 -1.47
N MET A 134 -35.73 39.51 -1.19
CA MET A 134 -35.15 38.66 -2.23
C MET A 134 -36.09 37.51 -2.57
N THR A 135 -35.80 36.87 -3.71
CA THR A 135 -36.54 35.69 -4.13
C THR A 135 -35.78 34.40 -3.92
N VAL A 136 -34.45 34.46 -3.92
CA VAL A 136 -33.61 33.29 -3.68
C VAL A 136 -32.65 33.62 -2.54
N LEU A 137 -32.54 32.72 -1.58
CA LEU A 137 -31.57 32.84 -0.49
C LEU A 137 -30.40 31.92 -0.81
N ARG A 138 -29.32 32.50 -1.32
CA ARG A 138 -28.07 31.76 -1.52
C ARG A 138 -27.34 31.71 -0.19
N LEU A 139 -27.54 30.63 0.55
CA LEU A 139 -27.10 30.52 1.93
C LEU A 139 -25.81 29.72 2.04
N ASN A 140 -25.28 29.70 3.26
CA ASN A 140 -24.07 28.95 3.55
C ASN A 140 -24.37 27.45 3.58
N ASN A 141 -23.32 26.64 3.43
CA ASN A 141 -23.51 25.20 3.42
C ASN A 141 -23.78 24.61 4.79
N LEU A 142 -23.56 25.38 5.87
CA LEU A 142 -23.90 24.89 7.19
C LEU A 142 -25.40 24.90 7.46
N MET A 143 -26.15 25.67 6.68
CA MET A 143 -27.61 25.61 6.75
C MET A 143 -28.15 24.28 6.25
N ALA A 144 -27.37 23.54 5.45
CA ALA A 144 -27.82 22.26 4.91
C ALA A 144 -28.00 21.22 6.00
N SER A 145 -27.29 21.34 7.11
CA SER A 145 -27.43 20.42 8.23
C SER A 145 -28.53 20.83 9.19
N LYS A 146 -29.21 21.94 8.93
CA LYS A 146 -30.33 22.38 9.75
C LYS A 146 -31.68 22.00 9.18
N ILE A 147 -31.73 21.50 7.94
CA ILE A 147 -32.99 21.11 7.31
C ILE A 147 -32.90 19.66 6.86
N TRP A 148 -33.99 19.15 6.29
CA TRP A 148 -34.03 17.78 5.81
C TRP A 148 -33.43 17.70 4.41
N THR A 149 -32.56 16.72 4.20
CA THR A 149 -31.95 16.47 2.91
C THR A 149 -32.04 14.99 2.58
N PRO A 150 -32.11 14.63 1.30
CA PRO A 150 -32.21 13.22 0.93
C PRO A 150 -30.97 12.44 1.34
N ASP A 151 -31.17 11.17 1.63
CA ASP A 151 -30.08 10.26 1.97
C ASP A 151 -29.66 9.45 0.74
N THR A 152 -29.18 10.15 -0.27
CA THR A 152 -28.77 9.52 -1.52
C THR A 152 -27.43 8.83 -1.34
N PHE A 153 -27.33 7.59 -1.80
CA PHE A 153 -26.10 6.84 -1.80
C PHE A 153 -25.95 6.14 -3.14
N PHE A 154 -24.74 5.68 -3.44
CA PHE A 154 -24.44 5.01 -4.70
C PHE A 154 -24.37 3.51 -4.46
N HIS A 155 -25.23 2.76 -5.16
CA HIS A 155 -25.39 1.34 -4.90
C HIS A 155 -24.09 0.57 -5.14
N ASN A 156 -23.39 0.89 -6.23
CA ASN A 156 -22.17 0.18 -6.58
C ASN A 156 -20.91 0.96 -6.22
N GLY A 157 -21.02 1.98 -5.37
CA GLY A 157 -19.85 2.69 -4.91
C GLY A 157 -18.98 1.82 -4.02
N LYS A 158 -17.68 2.12 -4.01
CA LYS A 158 -16.73 1.38 -3.21
C LYS A 158 -16.16 2.21 -2.07
N LYS A 159 -15.61 3.38 -2.36
CA LYS A 159 -15.28 4.34 -1.31
C LYS A 159 -15.27 5.72 -1.95
N SER A 160 -16.35 6.46 -1.75
CA SER A 160 -16.48 7.80 -2.30
C SER A 160 -16.01 8.84 -1.29
N VAL A 161 -15.78 10.05 -1.79
CA VAL A 161 -15.31 11.17 -0.98
C VAL A 161 -16.18 12.37 -1.26
N ALA A 162 -16.60 13.06 -0.21
CA ALA A 162 -17.24 14.37 -0.31
C ALA A 162 -16.21 15.40 0.12
N HIS A 163 -15.76 16.21 -0.82
CA HIS A 163 -14.66 17.13 -0.56
C HIS A 163 -15.11 18.25 0.38
N ASN A 164 -14.23 18.63 1.29
CA ASN A 164 -14.50 19.73 2.21
C ASN A 164 -13.25 20.59 2.39
N MET A 165 -12.60 20.91 1.27
CA MET A 165 -11.46 21.82 1.24
C MET A 165 -11.78 22.95 0.27
N THR A 166 -11.63 24.20 0.72
CA THR A 166 -11.19 24.54 2.06
C THR A 166 -12.38 24.53 3.04
N MET A 167 -13.57 24.43 2.47
CA MET A 167 -14.82 24.33 3.21
C MET A 167 -15.64 23.23 2.55
N PRO A 168 -16.65 22.70 3.26
CA PRO A 168 -17.54 21.71 2.63
C PRO A 168 -18.09 22.19 1.29
N ASN A 169 -17.77 21.46 0.22
CA ASN A 169 -18.11 21.88 -1.14
C ASN A 169 -19.59 21.57 -1.39
N LYS A 170 -20.44 22.38 -0.80
CA LYS A 170 -21.88 22.26 -0.97
C LYS A 170 -22.49 23.64 -1.13
N LEU A 171 -23.65 23.70 -1.78
CA LEU A 171 -24.42 24.93 -1.88
C LEU A 171 -25.88 24.63 -1.56
N LEU A 172 -26.58 25.64 -1.06
CA LEU A 172 -27.99 25.53 -0.75
C LEU A 172 -28.67 26.83 -1.12
N ARG A 173 -29.73 26.74 -1.92
CA ARG A 173 -30.49 27.91 -2.35
C ARG A 173 -31.96 27.64 -2.13
N ILE A 174 -32.63 28.55 -1.41
CA ILE A 174 -34.02 28.40 -1.03
C ILE A 174 -34.81 29.50 -1.72
N THR A 175 -35.68 29.10 -2.66
CA THR A 175 -36.54 30.08 -3.30
C THR A 175 -37.77 30.34 -2.44
N GLU A 176 -38.51 31.40 -2.80
CA GLU A 176 -39.60 31.86 -1.96
C GLU A 176 -40.77 30.90 -1.92
N ASP A 177 -40.88 29.99 -2.87
CA ASP A 177 -42.00 29.04 -2.92
C ASP A 177 -41.68 27.72 -2.23
N GLY A 178 -40.50 27.58 -1.64
CA GLY A 178 -40.14 26.37 -0.92
C GLY A 178 -39.18 25.46 -1.67
N THR A 179 -38.95 25.70 -2.95
CA THR A 179 -38.05 24.84 -3.71
C THR A 179 -36.62 24.99 -3.21
N LEU A 180 -35.90 23.87 -3.18
CA LEU A 180 -34.52 23.85 -2.70
C LEU A 180 -33.62 23.29 -3.79
N LEU A 181 -32.42 23.87 -3.91
CA LEU A 181 -31.36 23.34 -4.75
C LEU A 181 -30.17 23.03 -3.86
N TYR A 182 -29.65 21.81 -3.97
CA TYR A 182 -28.65 21.31 -3.03
C TYR A 182 -27.63 20.46 -3.81
N THR A 183 -26.55 21.08 -4.24
CA THR A 183 -25.51 20.39 -4.97
C THR A 183 -24.29 20.16 -4.09
N MET A 184 -23.44 19.24 -4.52
CA MET A 184 -22.22 18.92 -3.79
C MET A 184 -21.23 18.29 -4.76
N ARG A 185 -19.95 18.31 -4.37
CA ARG A 185 -18.87 17.78 -5.19
C ARG A 185 -18.39 16.47 -4.59
N LEU A 186 -18.31 15.43 -5.42
CA LEU A 186 -18.01 14.08 -4.98
C LEU A 186 -16.95 13.45 -5.87
N THR A 187 -16.22 12.50 -5.29
CA THR A 187 -15.33 11.63 -6.04
C THR A 187 -15.73 10.20 -5.73
N VAL A 188 -16.26 9.49 -6.71
CA VAL A 188 -16.86 8.17 -6.52
C VAL A 188 -15.98 7.12 -7.16
N ARG A 189 -15.68 6.06 -6.41
CA ARG A 189 -15.07 4.85 -6.96
C ARG A 189 -16.16 3.80 -7.06
N ALA A 190 -16.52 3.43 -8.29
CA ALA A 190 -17.63 2.54 -8.54
C ALA A 190 -17.16 1.22 -9.11
N GLU A 191 -17.94 0.18 -8.88
CA GLU A 191 -17.64 -1.15 -9.40
C GLU A 191 -18.01 -1.25 -10.86
N CYS A 192 -17.14 -1.89 -11.65
CA CYS A 192 -17.40 -2.15 -13.06
C CYS A 192 -16.93 -3.56 -13.39
N PRO A 193 -17.82 -4.55 -13.35
CA PRO A 193 -17.43 -5.90 -13.81
C PRO A 193 -17.05 -5.88 -15.28
N MET A 194 -16.00 -6.63 -15.61
CA MET A 194 -15.46 -6.63 -16.96
C MET A 194 -15.40 -8.05 -17.49
N HIS A 195 -15.84 -8.23 -18.74
CA HIS A 195 -15.69 -9.49 -19.45
C HIS A 195 -14.47 -9.36 -20.36
N LEU A 196 -13.37 -9.98 -19.96
CA LEU A 196 -12.09 -9.79 -20.63
C LEU A 196 -11.79 -10.91 -21.62
N GLU A 197 -12.81 -11.51 -22.23
CA GLU A 197 -12.58 -12.56 -23.20
C GLU A 197 -12.09 -12.02 -24.54
N ASP A 198 -12.14 -10.69 -24.75
CA ASP A 198 -11.64 -10.07 -25.97
C ASP A 198 -10.51 -9.09 -25.70
N PHE A 199 -9.79 -9.27 -24.60
CA PHE A 199 -8.70 -8.38 -24.25
C PHE A 199 -7.60 -8.48 -25.30
N PRO A 200 -7.03 -7.35 -25.76
CA PRO A 200 -7.32 -5.97 -25.37
C PRO A 200 -8.29 -5.26 -26.31
N MET A 201 -9.04 -5.98 -27.13
CA MET A 201 -9.99 -5.40 -28.07
C MET A 201 -11.41 -5.43 -27.53
N ASP A 202 -11.57 -5.24 -26.23
CA ASP A 202 -12.85 -5.34 -25.55
C ASP A 202 -13.41 -3.95 -25.22
N ALA A 203 -14.71 -3.92 -24.96
CA ALA A 203 -15.41 -2.70 -24.58
C ALA A 203 -16.33 -3.00 -23.40
N HIS A 204 -16.59 -1.97 -22.60
CA HIS A 204 -17.35 -2.14 -21.36
C HIS A 204 -18.37 -1.02 -21.22
N ALA A 205 -19.40 -1.30 -20.44
CA ALA A 205 -20.43 -0.33 -20.06
C ALA A 205 -20.44 -0.24 -18.54
N CYS A 206 -19.65 0.69 -18.00
CA CYS A 206 -19.52 0.82 -16.56
C CYS A 206 -20.70 1.61 -15.99
N PRO A 207 -21.41 1.06 -15.00
CA PRO A 207 -22.62 1.71 -14.50
C PRO A 207 -22.35 2.68 -13.34
N LEU A 208 -23.39 3.43 -13.00
CA LEU A 208 -23.37 4.31 -11.83
C LEU A 208 -24.80 4.42 -11.32
N LYS A 209 -25.10 3.74 -10.22
CA LYS A 209 -26.45 3.61 -9.72
C LYS A 209 -26.58 4.30 -8.37
N PHE A 210 -27.67 5.03 -8.17
CA PHE A 210 -27.87 5.71 -6.90
C PHE A 210 -29.35 5.76 -6.56
N GLY A 211 -29.62 5.91 -5.28
CA GLY A 211 -30.97 6.03 -4.79
C GLY A 211 -30.98 6.34 -3.32
N SER A 212 -32.18 6.29 -2.74
CA SER A 212 -32.32 6.52 -1.31
C SER A 212 -31.94 5.27 -0.53
N TYR A 213 -31.36 5.47 0.65
CA TYR A 213 -30.93 4.34 1.47
C TYR A 213 -32.00 3.87 2.44
N ALA A 214 -32.87 4.78 2.90
CA ALA A 214 -33.84 4.44 3.93
C ALA A 214 -35.29 4.57 3.49
N TYR A 215 -35.60 5.41 2.51
CA TYR A 215 -36.97 5.69 2.12
C TYR A 215 -37.35 4.84 0.91
N THR A 216 -38.39 4.04 1.07
CA THR A 216 -38.88 3.22 -0.03
C THR A 216 -39.56 4.08 -1.08
N ARG A 217 -39.92 3.46 -2.21
CA ARG A 217 -40.46 4.21 -3.33
C ARG A 217 -41.85 4.77 -3.04
N ALA A 218 -42.48 4.35 -1.95
CA ALA A 218 -43.75 4.94 -1.53
C ALA A 218 -43.55 6.21 -0.72
N GLU A 219 -42.31 6.58 -0.41
CA GLU A 219 -42.03 7.79 0.37
C GLU A 219 -41.19 8.79 -0.40
N VAL A 220 -40.10 8.35 -1.03
CA VAL A 220 -39.21 9.23 -1.77
C VAL A 220 -38.96 8.63 -3.14
N VAL A 221 -39.14 9.43 -4.19
CA VAL A 221 -38.87 9.01 -5.55
C VAL A 221 -37.94 10.03 -6.20
N TYR A 222 -37.21 9.57 -7.21
CA TYR A 222 -36.23 10.38 -7.92
C TYR A 222 -36.61 10.50 -9.38
N GLU A 223 -36.32 11.67 -9.95
CA GLU A 223 -36.51 11.92 -11.37
C GLU A 223 -35.36 12.76 -11.88
N TRP A 224 -35.15 12.72 -13.19
CA TRP A 224 -34.12 13.55 -13.80
C TRP A 224 -34.67 14.96 -14.05
N THR A 225 -33.79 15.95 -13.90
CA THR A 225 -34.21 17.35 -14.00
C THR A 225 -34.74 17.67 -15.39
N ARG A 226 -34.11 17.13 -16.42
CA ARG A 226 -34.45 17.36 -17.81
C ARG A 226 -34.72 16.03 -18.48
N GLU A 227 -34.80 16.04 -19.81
CA GLU A 227 -34.84 14.77 -20.53
C GLU A 227 -33.63 13.94 -20.12
N PRO A 228 -33.78 12.62 -19.94
CA PRO A 228 -32.71 11.83 -19.33
C PRO A 228 -31.39 11.92 -20.07
N ALA A 229 -31.41 12.10 -21.39
CA ALA A 229 -30.17 12.23 -22.14
C ALA A 229 -29.41 13.49 -21.73
N ARG A 230 -30.12 14.60 -21.54
CA ARG A 230 -29.49 15.88 -21.22
C ARG A 230 -29.36 16.12 -19.72
N SER A 231 -29.74 15.15 -18.90
CA SER A 231 -29.63 15.29 -17.45
C SER A 231 -28.27 14.86 -16.91
N VAL A 232 -27.43 14.26 -17.72
CA VAL A 232 -26.04 13.98 -17.38
C VAL A 232 -25.16 14.59 -18.46
N VAL A 233 -24.35 15.57 -18.07
CA VAL A 233 -23.51 16.31 -19.00
C VAL A 233 -22.07 16.14 -18.58
N VAL A 234 -21.22 15.74 -19.53
CA VAL A 234 -19.80 15.50 -19.29
C VAL A 234 -19.01 16.68 -19.84
N ALA A 235 -18.11 17.21 -19.03
CA ALA A 235 -17.27 18.33 -19.46
C ALA A 235 -16.37 17.91 -20.62
N GLU A 236 -16.13 18.85 -21.54
CA GLU A 236 -15.38 18.53 -22.75
C GLU A 236 -13.94 18.15 -22.44
N ASP A 237 -13.28 18.88 -21.54
CA ASP A 237 -11.87 18.65 -21.22
C ASP A 237 -11.69 17.96 -19.88
N GLY A 238 -12.56 17.03 -19.53
CA GLY A 238 -12.46 16.37 -18.24
C GLY A 238 -11.89 14.98 -18.27
N SER A 239 -11.65 14.44 -19.47
CA SER A 239 -11.20 13.06 -19.59
C SER A 239 -9.84 12.87 -18.91
N ARG A 240 -9.79 11.94 -17.96
CA ARG A 240 -8.56 11.49 -17.33
C ARG A 240 -8.20 10.07 -17.76
N LEU A 241 -8.81 9.58 -18.84
CA LEU A 241 -8.59 8.22 -19.28
C LEU A 241 -7.27 8.10 -20.03
N ASN A 242 -6.57 6.99 -19.79
CA ASN A 242 -5.29 6.72 -20.45
C ASN A 242 -5.42 5.69 -21.57
N GLN A 243 -6.03 4.54 -21.29
CA GLN A 243 -6.14 3.46 -22.26
C GLN A 243 -7.57 3.19 -22.69
N TYR A 244 -8.49 4.12 -22.44
CA TYR A 244 -9.87 3.91 -22.83
C TYR A 244 -10.39 5.08 -23.66
N ASP A 245 -11.67 5.05 -24.00
CA ASP A 245 -12.26 6.06 -24.88
C ASP A 245 -13.75 6.10 -24.59
N LEU A 246 -14.20 7.19 -23.96
CA LEU A 246 -15.61 7.34 -23.60
C LEU A 246 -16.42 7.60 -24.86
N LEU A 247 -17.10 6.56 -25.35
CA LEU A 247 -17.91 6.71 -26.55
C LEU A 247 -19.21 7.45 -26.29
N GLY A 248 -19.73 7.35 -25.08
CA GLY A 248 -20.99 7.98 -24.76
C GLY A 248 -21.57 7.36 -23.50
N GLN A 249 -22.71 7.90 -23.09
CA GLN A 249 -23.39 7.44 -21.89
C GLN A 249 -24.87 7.26 -22.14
N THR A 250 -25.47 6.33 -21.41
CA THR A 250 -26.90 6.05 -21.49
C THR A 250 -27.50 6.22 -20.11
N VAL A 251 -28.58 6.98 -20.02
CA VAL A 251 -29.24 7.33 -18.77
C VAL A 251 -30.56 6.60 -18.69
N ASP A 252 -30.81 5.94 -17.57
CA ASP A 252 -32.00 5.10 -17.43
C ASP A 252 -32.49 5.21 -15.99
N SER A 253 -33.48 4.39 -15.64
CA SER A 253 -34.07 4.38 -14.31
C SER A 253 -34.70 3.02 -14.08
N GLY A 254 -34.60 2.52 -12.85
CA GLY A 254 -35.12 1.20 -12.54
C GLY A 254 -35.77 1.07 -11.19
N ILE A 255 -36.03 -0.17 -10.78
CA ILE A 255 -36.63 -0.49 -9.48
C ILE A 255 -35.87 -1.67 -8.89
N VAL A 256 -35.54 -1.60 -7.61
CA VAL A 256 -34.90 -2.70 -6.91
C VAL A 256 -35.77 -3.07 -5.71
N GLN A 257 -35.85 -4.36 -5.44
CA GLN A 257 -36.55 -4.88 -4.28
C GLN A 257 -35.55 -5.50 -3.32
N SER A 258 -35.58 -5.07 -2.08
CA SER A 258 -34.65 -5.51 -1.06
C SER A 258 -35.41 -6.22 0.06
N SER A 259 -34.70 -6.53 1.14
CA SER A 259 -35.32 -7.11 2.34
C SER A 259 -36.14 -6.09 3.12
N THR A 260 -36.10 -4.81 2.73
CA THR A 260 -36.83 -3.77 3.43
C THR A 260 -37.91 -3.09 2.60
N GLY A 261 -37.86 -3.18 1.28
CA GLY A 261 -38.90 -2.57 0.46
C GLY A 261 -38.38 -2.30 -0.94
N GLU A 262 -39.26 -1.68 -1.73
CA GLU A 262 -38.94 -1.30 -3.10
C GLU A 262 -38.37 0.10 -3.13
N TYR A 263 -37.25 0.26 -3.85
CA TYR A 263 -36.56 1.53 -3.95
C TYR A 263 -36.37 1.88 -5.41
N VAL A 264 -36.28 3.18 -5.69
CA VAL A 264 -36.05 3.68 -7.03
C VAL A 264 -34.55 3.84 -7.23
N VAL A 265 -34.04 3.33 -8.35
CA VAL A 265 -32.62 3.42 -8.67
C VAL A 265 -32.46 4.17 -9.98
N MET A 266 -31.63 5.21 -9.96
CA MET A 266 -31.30 5.98 -11.16
C MET A 266 -29.94 5.54 -11.65
N THR A 267 -29.85 5.19 -12.93
CA THR A 267 -28.66 4.53 -13.47
C THR A 267 -28.09 5.33 -14.64
N THR A 268 -26.76 5.31 -14.74
CA THR A 268 -26.05 5.84 -15.89
C THR A 268 -24.97 4.85 -16.28
N HIS A 269 -24.90 4.53 -17.58
CA HIS A 269 -23.91 3.60 -18.10
C HIS A 269 -22.97 4.34 -19.02
N PHE A 270 -21.67 4.30 -18.72
CA PHE A 270 -20.65 4.93 -19.55
C PHE A 270 -20.00 3.84 -20.39
N HIS A 271 -20.06 4.00 -21.71
CA HIS A 271 -19.60 2.98 -22.64
C HIS A 271 -18.18 3.31 -23.06
N LEU A 272 -17.23 2.48 -22.63
CA LEU A 272 -15.82 2.68 -22.86
C LEU A 272 -15.29 1.62 -23.81
N LYS A 273 -14.38 2.01 -24.70
CA LYS A 273 -13.71 1.08 -25.59
C LYS A 273 -12.21 1.24 -25.43
N ARG A 274 -11.52 0.12 -25.18
CA ARG A 274 -10.09 0.16 -24.91
C ARG A 274 -9.31 0.50 -26.17
N LYS A 275 -8.22 1.23 -26.00
CA LYS A 275 -7.32 1.57 -27.09
C LYS A 275 -6.16 0.57 -27.09
N ILE A 276 -5.97 -0.10 -28.23
CA ILE A 276 -5.02 -1.20 -28.32
C ILE A 276 -3.59 -0.73 -28.56
N GLY A 277 -3.36 0.58 -28.63
CA GLY A 277 -2.05 1.08 -29.02
C GLY A 277 -0.94 0.61 -28.09
N TYR A 278 -1.22 0.54 -26.80
CA TYR A 278 -0.18 0.15 -25.84
C TYR A 278 0.25 -1.30 -26.05
N PHE A 279 -0.70 -2.20 -26.26
CA PHE A 279 -0.39 -3.61 -26.33
C PHE A 279 0.19 -4.03 -27.67
N VAL A 280 0.01 -3.24 -28.72
CA VAL A 280 0.71 -3.49 -29.97
C VAL A 280 2.21 -3.32 -29.78
N ILE A 281 2.61 -2.27 -29.06
CA ILE A 281 4.02 -2.05 -28.78
C ILE A 281 4.53 -3.01 -27.71
N GLN A 282 3.76 -3.19 -26.63
CA GLN A 282 4.26 -3.93 -25.48
C GLN A 282 4.30 -5.44 -25.72
N THR A 283 3.28 -5.99 -26.37
CA THR A 283 3.16 -7.44 -26.53
C THR A 283 3.20 -7.90 -27.97
N TYR A 284 2.37 -7.32 -28.84
CA TYR A 284 2.20 -7.88 -30.18
C TYR A 284 3.45 -7.74 -31.03
N LEU A 285 4.24 -6.69 -30.84
CA LEU A 285 5.46 -6.53 -31.63
C LEU A 285 6.60 -7.40 -31.12
N PRO A 286 6.88 -7.46 -29.81
CA PRO A 286 7.94 -8.38 -29.35
C PRO A 286 7.66 -9.84 -29.68
N CYS A 287 6.39 -10.25 -29.76
CA CYS A 287 6.09 -11.62 -30.12
C CYS A 287 6.30 -11.88 -31.61
N ILE A 288 5.92 -10.93 -32.46
CA ILE A 288 6.07 -11.11 -33.91
C ILE A 288 7.55 -11.13 -34.28
N MET A 289 8.35 -10.25 -33.69
CA MET A 289 9.78 -10.23 -33.99
C MET A 289 10.46 -11.52 -33.54
N THR A 290 10.04 -12.06 -32.39
CA THR A 290 10.61 -13.32 -31.92
C THR A 290 10.29 -14.46 -32.88
N VAL A 291 9.06 -14.51 -33.40
CA VAL A 291 8.71 -15.53 -34.36
C VAL A 291 9.51 -15.37 -35.64
N ILE A 292 9.64 -14.13 -36.12
CA ILE A 292 10.46 -13.87 -37.30
C ILE A 292 11.93 -14.18 -37.02
N LEU A 293 12.39 -13.91 -35.80
CA LEU A 293 13.77 -14.19 -35.45
C LEU A 293 14.07 -15.68 -35.52
N SER A 294 13.16 -16.52 -35.02
CA SER A 294 13.38 -17.96 -35.02
C SER A 294 13.41 -18.55 -36.42
N GLN A 295 12.84 -17.85 -37.40
CA GLN A 295 12.81 -18.36 -38.76
C GLN A 295 14.06 -17.98 -39.56
N VAL A 296 14.93 -17.14 -39.01
CA VAL A 296 16.24 -16.92 -39.62
C VAL A 296 17.06 -18.20 -39.59
N SER A 297 16.80 -19.06 -38.61
CA SER A 297 17.56 -20.31 -38.47
C SER A 297 17.40 -21.21 -39.68
N PHE A 298 16.34 -21.05 -40.47
CA PHE A 298 16.15 -21.90 -41.64
C PHE A 298 17.13 -21.56 -42.76
N TRP A 299 17.75 -20.39 -42.73
CA TRP A 299 18.65 -19.97 -43.79
C TRP A 299 20.12 -20.25 -43.51
N LEU A 300 20.48 -20.46 -42.24
CA LEU A 300 21.84 -20.86 -41.92
C LEU A 300 22.10 -22.27 -42.45
N ASN A 301 23.35 -22.53 -42.82
CA ASN A 301 23.70 -23.85 -43.33
C ASN A 301 23.58 -24.89 -42.23
N ARG A 302 23.32 -26.13 -42.64
CA ARG A 302 23.09 -27.22 -41.70
C ARG A 302 24.34 -27.60 -40.92
N GLU A 303 25.51 -27.12 -41.30
CA GLU A 303 26.74 -27.41 -40.58
C GLU A 303 26.95 -26.51 -39.37
N SER A 304 26.09 -25.52 -39.18
CA SER A 304 26.18 -24.63 -38.02
C SER A 304 25.27 -25.13 -36.89
N VAL A 305 25.57 -26.34 -36.41
CA VAL A 305 24.73 -26.96 -35.38
C VAL A 305 24.69 -26.14 -34.10
N PRO A 306 25.82 -25.69 -33.53
CA PRO A 306 25.72 -24.82 -32.35
C PRO A 306 25.02 -23.50 -32.63
N ALA A 307 25.13 -22.96 -33.85
CA ALA A 307 24.51 -21.69 -34.15
C ALA A 307 23.00 -21.81 -34.26
N ARG A 308 22.50 -22.88 -34.91
CA ARG A 308 21.07 -23.04 -35.07
C ARG A 308 20.39 -23.53 -33.81
N THR A 309 21.14 -24.08 -32.85
CA THR A 309 20.54 -24.41 -31.56
C THR A 309 20.32 -23.17 -30.72
N VAL A 310 21.26 -22.23 -30.75
CA VAL A 310 21.10 -20.98 -30.00
C VAL A 310 19.89 -20.22 -30.51
N PHE A 311 19.64 -20.25 -31.81
CA PHE A 311 18.46 -19.61 -32.36
C PHE A 311 17.18 -20.19 -31.76
N GLY A 312 17.09 -21.53 -31.70
CA GLY A 312 15.89 -22.15 -31.19
C GLY A 312 15.69 -21.94 -29.70
N VAL A 313 16.77 -22.03 -28.92
CA VAL A 313 16.65 -21.99 -27.47
C VAL A 313 16.26 -20.60 -26.99
N THR A 314 16.93 -19.57 -27.52
CA THR A 314 16.70 -18.21 -27.02
C THR A 314 15.30 -17.72 -27.38
N THR A 315 14.82 -18.05 -28.58
CA THR A 315 13.48 -17.62 -28.98
C THR A 315 12.41 -18.31 -28.14
N VAL A 316 12.60 -19.60 -27.85
CA VAL A 316 11.67 -20.30 -26.96
C VAL A 316 11.72 -19.71 -25.56
N LEU A 317 12.92 -19.42 -25.06
CA LEU A 317 13.05 -18.78 -23.77
C LEU A 317 12.40 -17.40 -23.76
N THR A 318 12.55 -16.65 -24.86
CA THR A 318 11.95 -15.32 -24.94
C THR A 318 10.42 -15.41 -24.93
N MET A 319 9.85 -16.39 -25.63
CA MET A 319 8.40 -16.53 -25.65
C MET A 319 7.86 -16.84 -24.25
N THR A 320 8.60 -17.63 -23.47
CA THR A 320 8.19 -17.91 -22.10
C THR A 320 8.17 -16.65 -21.27
N THR A 321 9.18 -15.79 -21.44
CA THR A 321 9.20 -14.52 -20.71
C THR A 321 8.02 -13.64 -21.08
N LEU A 322 7.72 -13.53 -22.37
CA LEU A 322 6.60 -12.71 -22.81
C LEU A 322 5.26 -13.29 -22.39
N SER A 323 5.14 -14.63 -22.38
CA SER A 323 3.88 -15.26 -21.98
C SER A 323 3.57 -14.97 -20.52
N ILE A 324 4.58 -15.00 -19.65
CA ILE A 324 4.36 -14.75 -18.23
C ILE A 324 4.01 -13.29 -17.99
N SER A 325 4.69 -12.37 -18.67
CA SER A 325 4.58 -10.95 -18.36
C SER A 325 3.36 -10.29 -18.99
N ALA A 326 2.61 -10.98 -19.85
CA ALA A 326 1.47 -10.36 -20.52
C ALA A 326 0.29 -10.16 -19.59
N ARG A 327 0.14 -11.00 -18.57
CA ARG A 327 -1.01 -10.96 -17.68
C ARG A 327 -0.75 -10.17 -16.40
N ASN A 328 0.34 -9.40 -16.35
CA ASN A 328 0.69 -8.71 -15.11
C ASN A 328 -0.35 -7.67 -14.72
N SER A 329 -0.88 -6.93 -15.71
CA SER A 329 -1.85 -5.88 -15.41
C SER A 329 -3.23 -6.45 -15.11
N LEU A 330 -3.63 -7.53 -15.77
CA LEU A 330 -4.99 -8.05 -15.71
C LEU A 330 -5.28 -8.71 -14.37
N PRO A 331 -6.55 -8.79 -13.99
CA PRO A 331 -6.93 -9.63 -12.86
C PRO A 331 -6.76 -11.11 -13.19
N LYS A 332 -6.61 -11.91 -12.14
CA LYS A 332 -6.33 -13.34 -12.29
C LYS A 332 -7.61 -14.07 -12.71
N VAL A 333 -8.00 -13.83 -13.96
CA VAL A 333 -9.18 -14.50 -14.52
C VAL A 333 -8.83 -15.93 -14.92
N ALA A 334 -9.84 -16.78 -14.99
CA ALA A 334 -9.67 -18.21 -15.23
C ALA A 334 -10.07 -18.60 -16.65
N TYR A 335 -9.81 -17.75 -17.63
CA TYR A 335 -10.08 -18.08 -19.02
C TYR A 335 -9.01 -17.45 -19.90
N ALA A 336 -9.10 -17.73 -21.20
CA ALA A 336 -8.10 -17.27 -22.16
C ALA A 336 -8.63 -16.04 -22.89
N THR A 337 -7.88 -14.95 -22.82
CA THR A 337 -8.23 -13.73 -23.51
C THR A 337 -7.79 -13.82 -24.98
N ALA A 338 -8.11 -12.78 -25.75
CA ALA A 338 -7.66 -12.75 -27.14
C ALA A 338 -6.15 -12.60 -27.26
N MET A 339 -5.50 -12.09 -26.22
CA MET A 339 -4.04 -12.00 -26.23
C MET A 339 -3.40 -13.34 -25.95
N ASP A 340 -4.02 -14.16 -25.09
CA ASP A 340 -3.47 -15.47 -24.78
C ASP A 340 -3.51 -16.40 -25.99
N TRP A 341 -4.48 -16.22 -26.88
CA TRP A 341 -4.53 -17.03 -28.09
C TRP A 341 -3.51 -16.60 -29.14
N PHE A 342 -2.92 -15.42 -29.00
CA PHE A 342 -1.86 -14.98 -29.90
C PHE A 342 -0.48 -15.43 -29.42
N ILE A 343 -0.22 -15.29 -28.12
CA ILE A 343 1.06 -15.75 -27.58
C ILE A 343 1.17 -17.26 -27.65
N ALA A 344 0.07 -17.97 -27.43
CA ALA A 344 0.09 -19.43 -27.53
C ALA A 344 0.41 -19.89 -28.95
N VAL A 345 -0.19 -19.25 -29.95
CA VAL A 345 0.07 -19.62 -31.33
C VAL A 345 1.49 -19.19 -31.72
N CYS A 346 1.92 -18.01 -31.31
CA CYS A 346 3.31 -17.61 -31.53
C CYS A 346 4.27 -18.56 -30.84
N TYR A 347 3.88 -19.09 -29.68
CA TYR A 347 4.69 -20.10 -29.01
C TYR A 347 4.81 -21.36 -29.84
N ALA A 348 3.72 -21.78 -30.48
CA ALA A 348 3.74 -22.99 -31.30
C ALA A 348 4.65 -22.81 -32.51
N PHE A 349 4.63 -21.64 -33.15
CA PHE A 349 5.50 -21.40 -34.29
C PHE A 349 6.96 -21.43 -33.89
N VAL A 350 7.30 -20.83 -32.74
CA VAL A 350 8.68 -20.80 -32.30
C VAL A 350 9.15 -22.19 -31.89
N PHE A 351 8.29 -22.95 -31.22
CA PHE A 351 8.65 -24.31 -30.82
C PHE A 351 8.74 -25.23 -32.02
N SER A 352 7.86 -25.03 -33.02
CA SER A 352 7.91 -25.85 -34.21
C SER A 352 9.18 -25.59 -35.03
N ALA A 353 9.68 -24.36 -35.01
CA ALA A 353 10.90 -24.04 -35.75
C ALA A 353 12.13 -24.71 -35.16
N LEU A 354 12.06 -25.20 -33.92
CA LEU A 354 13.16 -25.96 -33.34
C LEU A 354 13.02 -27.45 -33.59
N ILE A 355 11.80 -27.97 -33.62
CA ILE A 355 11.58 -29.37 -33.97
C ILE A 355 11.99 -29.62 -35.41
N GLU A 356 11.78 -28.63 -36.29
CA GLU A 356 12.21 -28.76 -37.67
C GLU A 356 13.72 -28.93 -37.75
N PHE A 357 14.48 -28.15 -36.98
CA PHE A 357 15.92 -28.27 -37.01
C PHE A 357 16.39 -29.63 -36.52
N ALA A 358 15.77 -30.14 -35.46
CA ALA A 358 16.13 -31.47 -34.96
C ALA A 358 15.82 -32.54 -36.01
N THR A 359 14.71 -32.38 -36.74
CA THR A 359 14.41 -33.31 -37.83
C THR A 359 15.44 -33.20 -38.95
N VAL A 360 15.86 -31.98 -39.29
CA VAL A 360 16.88 -31.80 -40.31
C VAL A 360 18.21 -32.37 -39.84
N ASN A 361 18.61 -32.05 -38.61
CA ASN A 361 19.88 -32.54 -38.09
C ASN A 361 19.89 -34.05 -37.92
N TYR A 362 18.73 -34.67 -37.71
CA TYR A 362 18.68 -36.12 -37.60
C TYR A 362 18.96 -36.79 -38.94
N PHE A 363 18.44 -36.22 -40.03
CA PHE A 363 18.61 -36.80 -41.35
C PHE A 363 19.91 -36.40 -42.03
N THR A 364 20.70 -35.52 -41.42
CA THR A 364 21.99 -35.16 -41.99
C THR A 364 22.96 -36.33 -41.87
N LYS A 365 23.89 -36.40 -42.82
CA LYS A 365 24.93 -37.43 -42.93
C LYS A 365 24.37 -38.81 -43.25
N SER A 366 23.07 -38.96 -43.38
CA SER A 366 22.47 -40.22 -43.80
C SER A 366 21.56 -40.06 -45.00
N GLN A 367 20.75 -38.99 -45.03
CA GLN A 367 19.86 -38.69 -46.15
C GLN A 367 19.98 -37.22 -46.49
N PRO A 368 21.12 -36.79 -47.05
CA PRO A 368 21.32 -35.36 -47.32
C PRO A 368 20.28 -34.78 -48.26
N ALA A 369 19.78 -35.56 -49.22
CA ALA A 369 18.76 -35.07 -50.14
C ALA A 369 17.48 -34.72 -49.39
N ARG A 370 17.06 -35.59 -48.47
CA ARG A 370 15.83 -35.33 -47.73
C ARG A 370 15.99 -34.17 -46.76
N ALA A 371 17.15 -34.06 -46.10
CA ALA A 371 17.38 -32.97 -45.17
C ALA A 371 17.37 -31.63 -45.88
N ALA A 372 17.96 -31.57 -47.07
CA ALA A 372 17.95 -30.33 -47.84
C ALA A 372 16.55 -29.97 -48.30
N LYS A 373 15.72 -30.96 -48.62
CA LYS A 373 14.36 -30.68 -49.08
C LYS A 373 13.53 -30.04 -47.98
N ILE A 374 13.69 -30.51 -46.74
CA ILE A 374 12.90 -29.97 -45.64
C ILE A 374 13.23 -28.49 -45.42
N ASP A 375 14.51 -28.15 -45.49
CA ASP A 375 14.90 -26.75 -45.25
C ASP A 375 14.37 -25.84 -46.34
N ARG A 376 14.31 -26.30 -47.58
CA ARG A 376 13.75 -25.49 -48.65
C ARG A 376 12.28 -25.19 -48.39
N LEU A 377 11.52 -26.21 -47.99
CA LEU A 377 10.08 -26.02 -47.79
C LEU A 377 9.79 -25.16 -46.57
N SER A 378 10.57 -25.33 -45.50
CA SER A 378 10.33 -24.56 -44.29
C SER A 378 10.50 -23.07 -44.51
N ARG A 379 11.39 -22.68 -45.44
CA ARG A 379 11.57 -21.27 -45.75
C ARG A 379 10.33 -20.66 -46.37
N ILE A 380 9.41 -21.47 -46.87
CA ILE A 380 8.18 -20.99 -47.49
C ILE A 380 6.96 -21.26 -46.60
N ALA A 381 6.88 -22.45 -46.02
CA ALA A 381 5.70 -22.81 -45.23
C ALA A 381 5.59 -21.97 -43.96
N PHE A 382 6.69 -21.84 -43.21
CA PHE A 382 6.65 -21.11 -41.95
C PHE A 382 6.31 -19.63 -42.13
N PRO A 383 6.94 -18.87 -43.03
CA PRO A 383 6.50 -17.48 -43.24
C PRO A 383 5.09 -17.37 -43.76
N LEU A 384 4.63 -18.34 -44.56
CA LEU A 384 3.29 -18.26 -45.14
C LEU A 384 2.22 -18.53 -44.10
N LEU A 385 2.43 -19.50 -43.22
CA LEU A 385 1.42 -19.85 -42.23
C LEU A 385 1.25 -18.76 -41.19
N PHE A 386 2.35 -18.12 -40.78
CA PHE A 386 2.24 -17.02 -39.83
C PHE A 386 1.58 -15.81 -40.47
N GLY A 387 1.77 -15.60 -41.77
CA GLY A 387 1.07 -14.54 -42.45
C GLY A 387 -0.42 -14.79 -42.55
N ILE A 388 -0.81 -16.04 -42.79
CA ILE A 388 -2.24 -16.38 -42.86
C ILE A 388 -2.88 -16.25 -41.49
N PHE A 389 -2.19 -16.69 -40.44
CA PHE A 389 -2.76 -16.62 -39.10
C PHE A 389 -3.04 -15.19 -38.67
N ASN A 390 -2.13 -14.26 -39.00
CA ASN A 390 -2.36 -12.86 -38.65
C ASN A 390 -3.57 -12.30 -39.38
N LEU A 391 -3.78 -12.68 -40.64
CA LEU A 391 -4.97 -12.24 -41.35
C LEU A 391 -6.24 -12.76 -40.67
N VAL A 392 -6.24 -14.03 -40.27
CA VAL A 392 -7.41 -14.60 -39.62
C VAL A 392 -7.59 -14.03 -38.21
N TYR A 393 -6.48 -13.83 -37.50
CA TYR A 393 -6.57 -13.34 -36.12
C TYR A 393 -7.12 -11.92 -36.08
N TRP A 394 -6.55 -11.02 -36.87
CA TRP A 394 -6.95 -9.62 -36.79
C TRP A 394 -8.35 -9.41 -37.36
N ALA A 395 -8.69 -10.11 -38.44
CA ALA A 395 -10.02 -9.95 -39.03
C ALA A 395 -11.11 -10.49 -38.11
N THR A 396 -10.77 -11.47 -37.26
CA THR A 396 -11.77 -12.04 -36.36
C THR A 396 -12.11 -11.07 -35.23
N TYR A 397 -11.12 -10.43 -34.64
CA TYR A 397 -11.32 -9.62 -33.44
C TYR A 397 -11.55 -8.15 -33.72
N LEU A 398 -10.99 -7.61 -34.80
CA LEU A 398 -11.20 -6.19 -35.08
C LEU A 398 -12.62 -5.90 -35.58
N ASN A 399 -13.33 -6.92 -36.09
CA ASN A 399 -14.70 -6.72 -36.51
C ASN A 399 -15.67 -6.66 -35.33
N ARG A 400 -15.35 -7.35 -34.24
CA ARG A 400 -16.21 -7.34 -33.05
C ARG A 400 -16.18 -5.98 -32.36
N ASN B 62 -7.51 46.09 31.47
CA ASN B 62 -6.96 46.24 30.14
C ASN B 62 -7.33 45.05 29.26
N MET B 63 -7.01 43.85 29.74
CA MET B 63 -7.34 42.65 28.98
C MET B 63 -8.83 42.35 29.04
N SER B 64 -9.50 42.82 30.10
CA SER B 64 -10.95 42.65 30.18
C SER B 64 -11.65 43.41 29.07
N PHE B 65 -11.15 44.61 28.76
CA PHE B 65 -11.76 45.43 27.71
C PHE B 65 -11.67 44.74 26.36
N VAL B 66 -10.53 44.11 26.08
CA VAL B 66 -10.39 43.35 24.83
C VAL B 66 -11.39 42.20 24.80
N LYS B 67 -11.55 41.51 25.92
CA LYS B 67 -12.55 40.44 25.99
C LYS B 67 -13.96 40.98 25.77
N GLU B 68 -14.27 42.14 26.36
CA GLU B 68 -15.58 42.74 26.17
C GLU B 68 -15.78 43.15 24.71
N THR B 69 -14.73 43.66 24.07
CA THR B 69 -14.83 44.09 22.68
C THR B 69 -15.07 42.91 21.75
N VAL B 70 -14.33 41.82 21.94
CA VAL B 70 -14.49 40.64 21.08
C VAL B 70 -15.85 40.00 21.31
N ASP B 71 -16.32 39.99 22.56
CA ASP B 71 -17.67 39.49 22.83
C ASP B 71 -18.73 40.34 22.17
N LYS B 72 -18.47 41.64 22.02
CA LYS B 72 -19.46 42.52 21.39
C LYS B 72 -19.64 42.19 19.92
N LEU B 73 -18.54 41.88 19.22
CA LEU B 73 -18.62 41.63 17.78
C LEU B 73 -19.42 40.37 17.47
N LEU B 74 -19.36 39.37 18.34
CA LEU B 74 -19.97 38.07 18.08
C LEU B 74 -21.39 37.96 18.63
N LYS B 75 -21.93 39.02 19.22
CA LYS B 75 -23.30 39.01 19.71
C LYS B 75 -24.22 39.48 18.60
N GLY B 76 -25.10 38.58 18.15
CA GLY B 76 -25.94 38.85 17.00
C GLY B 76 -25.32 38.59 15.66
N TYR B 77 -24.07 38.12 15.62
CA TYR B 77 -23.40 37.83 14.36
C TYR B 77 -24.04 36.62 13.70
N ASP B 78 -24.45 36.77 12.44
CA ASP B 78 -25.09 35.71 11.68
C ASP B 78 -24.05 35.08 10.77
N ILE B 79 -23.69 33.83 11.07
CA ILE B 79 -22.66 33.14 10.29
C ILE B 79 -23.20 32.64 8.96
N ARG B 80 -24.53 32.57 8.81
CA ARG B 80 -25.13 32.06 7.58
C ARG B 80 -25.19 33.11 6.47
N LEU B 81 -24.85 34.36 6.77
CA LEU B 81 -24.96 35.46 5.81
C LEU B 81 -23.57 35.99 5.49
N ARG B 82 -23.28 36.14 4.19
CA ARG B 82 -22.04 36.74 3.77
C ARG B 82 -22.05 38.23 4.07
N PRO B 83 -20.87 38.86 4.15
CA PRO B 83 -20.83 40.32 4.29
C PRO B 83 -21.55 41.00 3.13
N ASP B 84 -22.33 42.03 3.46
CA ASP B 84 -23.19 42.72 2.49
C ASP B 84 -24.14 41.73 1.81
N PHE B 85 -24.80 40.91 2.62
CA PHE B 85 -25.79 39.99 2.10
C PHE B 85 -26.94 40.75 1.46
N GLY B 86 -27.33 40.32 0.27
CA GLY B 86 -28.38 41.00 -0.46
C GLY B 86 -27.97 42.31 -1.09
N GLY B 87 -26.68 42.62 -1.11
CA GLY B 87 -26.21 43.86 -1.68
C GLY B 87 -25.05 43.65 -2.64
N PRO B 88 -24.07 44.55 -2.59
CA PRO B 88 -22.93 44.46 -3.51
C PRO B 88 -22.08 43.24 -3.22
N PRO B 89 -21.37 42.73 -4.21
CA PRO B 89 -20.49 41.58 -3.97
C PRO B 89 -19.35 41.94 -3.03
N VAL B 90 -18.85 40.94 -2.32
CA VAL B 90 -17.73 41.09 -1.39
C VAL B 90 -16.45 40.67 -2.12
N CYS B 91 -15.44 41.54 -2.09
CA CYS B 91 -14.18 41.29 -2.76
C CYS B 91 -13.25 40.50 -1.85
N VAL B 92 -12.71 39.40 -2.37
CA VAL B 92 -11.81 38.53 -1.62
C VAL B 92 -10.47 38.50 -2.34
N GLY B 93 -9.42 38.91 -1.64
CA GLY B 93 -8.07 38.91 -2.19
C GLY B 93 -7.27 37.73 -1.67
N MET B 94 -6.49 37.12 -2.55
CA MET B 94 -5.79 35.88 -2.23
C MET B 94 -4.30 36.02 -2.50
N ASN B 95 -3.50 35.48 -1.58
CA ASN B 95 -2.07 35.31 -1.75
C ASN B 95 -1.73 33.84 -1.55
N ILE B 96 -0.68 33.39 -2.22
CA ILE B 96 -0.16 32.04 -2.05
C ILE B 96 1.34 32.13 -1.84
N ASP B 97 1.83 31.50 -0.79
CA ASP B 97 3.26 31.32 -0.55
C ASP B 97 3.56 29.85 -0.65
N ILE B 98 4.32 29.46 -1.67
CA ILE B 98 4.56 28.06 -1.97
C ILE B 98 5.74 27.56 -1.14
N ALA B 99 5.51 26.50 -0.38
CA ALA B 99 6.58 25.93 0.44
C ALA B 99 7.34 24.84 -0.29
N SER B 100 6.65 23.98 -1.04
CA SER B 100 7.32 22.92 -1.77
C SER B 100 6.38 22.35 -2.81
N ILE B 101 6.97 21.92 -3.94
CA ILE B 101 6.28 21.12 -4.94
C ILE B 101 7.07 19.84 -5.14
N ASP B 102 6.39 18.70 -5.02
CA ASP B 102 7.06 17.42 -5.12
C ASP B 102 6.08 16.38 -5.63
N MET B 103 6.57 15.15 -5.80
CA MET B 103 5.74 14.02 -6.22
C MET B 103 5.01 14.30 -7.53
N VAL B 104 5.71 14.92 -8.48
CA VAL B 104 5.16 15.06 -9.82
C VAL B 104 5.17 13.68 -10.48
N SER B 105 4.00 13.06 -10.58
CA SER B 105 3.87 11.68 -11.00
C SER B 105 3.24 11.60 -12.37
N GLU B 106 3.94 10.99 -13.33
CA GLU B 106 3.34 10.68 -14.62
C GLU B 106 2.42 9.47 -14.53
N VAL B 107 2.70 8.56 -13.60
CA VAL B 107 1.88 7.35 -13.46
C VAL B 107 0.46 7.71 -13.04
N ASN B 108 0.32 8.61 -12.07
CA ASN B 108 -0.98 9.04 -11.58
C ASN B 108 -1.43 10.36 -12.19
N MET B 109 -0.58 11.04 -12.95
CA MET B 109 -0.92 12.29 -13.63
C MET B 109 -1.40 13.34 -12.64
N ASP B 110 -0.53 13.68 -11.70
CA ASP B 110 -0.85 14.68 -10.68
C ASP B 110 0.45 15.17 -10.06
N TYR B 111 0.31 16.14 -9.16
CA TYR B 111 1.44 16.66 -8.40
C TYR B 111 0.95 17.06 -7.02
N THR B 112 1.88 17.15 -6.08
CA THR B 112 1.59 17.49 -4.70
C THR B 112 2.17 18.86 -4.38
N LEU B 113 1.39 19.70 -3.73
CA LEU B 113 1.76 21.08 -3.47
C LEU B 113 1.41 21.47 -2.05
N THR B 114 2.40 22.02 -1.33
CA THR B 114 2.19 22.57 0.00
C THR B 114 2.35 24.08 -0.07
N MET B 115 1.38 24.80 0.48
CA MET B 115 1.35 26.25 0.36
C MET B 115 0.78 26.88 1.63
N TYR B 116 1.04 28.17 1.78
CA TYR B 116 0.44 29.00 2.81
C TYR B 116 -0.64 29.84 2.13
N PHE B 117 -1.83 29.26 2.01
CA PHE B 117 -2.94 29.91 1.33
C PHE B 117 -3.56 30.97 2.23
N GLN B 118 -3.74 32.18 1.71
CA GLN B 118 -4.25 33.29 2.49
C GLN B 118 -5.37 34.00 1.74
N GLN B 119 -6.37 34.45 2.48
CA GLN B 119 -7.52 35.14 1.92
C GLN B 119 -7.78 36.41 2.71
N TYR B 120 -8.30 37.43 2.02
CA TYR B 120 -8.37 38.78 2.55
C TYR B 120 -9.68 39.41 2.11
N TRP B 121 -10.47 39.89 3.06
CA TRP B 121 -11.74 40.54 2.77
C TRP B 121 -12.11 41.42 3.96
N ARG B 122 -13.07 42.31 3.74
CA ARG B 122 -13.52 43.23 4.77
C ARG B 122 -14.95 42.91 5.15
N ASP B 123 -15.17 42.65 6.44
CA ASP B 123 -16.50 42.44 7.00
C ASP B 123 -16.82 43.62 7.90
N LYS B 124 -17.90 44.33 7.59
CA LYS B 124 -18.24 45.53 8.33
C LYS B 124 -18.84 45.23 9.70
N ARG B 125 -19.22 43.98 9.96
CA ARG B 125 -19.74 43.58 11.27
C ARG B 125 -18.63 43.33 12.28
N LEU B 126 -17.38 43.20 11.85
CA LEU B 126 -16.27 42.92 12.74
C LEU B 126 -15.42 44.15 13.03
N ALA B 127 -15.91 45.34 12.69
CA ALA B 127 -15.20 46.56 13.01
C ALA B 127 -15.28 46.86 14.50
N TYR B 128 -14.17 47.34 15.06
CA TYR B 128 -14.11 47.71 16.46
C TYR B 128 -13.31 49.00 16.60
N SER B 129 -13.57 49.71 17.69
CA SER B 129 -12.93 50.99 17.96
C SER B 129 -12.38 51.01 19.38
N GLY B 130 -11.31 51.77 19.57
CA GLY B 130 -10.67 51.93 20.86
C GLY B 130 -9.45 51.06 21.07
N ILE B 131 -9.27 50.02 20.28
CA ILE B 131 -8.11 49.15 20.41
C ILE B 131 -7.22 49.35 19.18
N PRO B 132 -6.10 50.05 19.31
CA PRO B 132 -5.20 50.27 18.16
C PRO B 132 -4.28 49.07 17.92
N LEU B 133 -4.88 47.90 17.75
CA LEU B 133 -4.12 46.67 17.53
C LEU B 133 -4.82 45.84 16.46
N ASN B 134 -4.03 45.01 15.79
CA ASN B 134 -4.55 44.01 14.87
C ASN B 134 -4.74 42.72 15.67
N LEU B 135 -5.96 42.49 16.15
CA LEU B 135 -6.22 41.39 17.06
C LEU B 135 -5.99 40.05 16.39
N THR B 136 -4.93 39.36 16.76
CA THR B 136 -4.70 37.99 16.31
C THR B 136 -5.36 37.06 17.34
N LEU B 137 -6.49 36.49 16.97
CA LEU B 137 -7.25 35.63 17.87
C LEU B 137 -6.87 34.17 17.66
N ASP B 138 -7.30 33.34 18.60
CA ASP B 138 -7.07 31.91 18.48
C ASP B 138 -7.81 31.38 17.26
N ASN B 139 -7.18 30.41 16.58
CA ASN B 139 -7.71 29.95 15.29
C ASN B 139 -9.08 29.31 15.42
N ARG B 140 -9.48 28.90 16.63
CA ARG B 140 -10.80 28.31 16.80
C ARG B 140 -11.92 29.34 16.70
N VAL B 141 -11.60 30.63 16.68
CA VAL B 141 -12.63 31.64 16.44
C VAL B 141 -13.08 31.67 15.00
N ALA B 142 -12.35 31.02 14.10
CA ALA B 142 -12.77 30.94 12.70
C ALA B 142 -14.07 30.16 12.54
N ASP B 143 -14.38 29.28 13.50
CA ASP B 143 -15.62 28.52 13.43
C ASP B 143 -16.85 29.37 13.71
N GLN B 144 -16.68 30.60 14.19
CA GLN B 144 -17.79 31.48 14.51
C GLN B 144 -17.86 32.67 13.55
N LEU B 145 -17.12 32.64 12.45
CA LEU B 145 -17.08 33.73 11.50
C LEU B 145 -17.38 33.21 10.10
N TRP B 146 -17.84 34.11 9.24
CA TRP B 146 -18.05 33.77 7.84
C TRP B 146 -16.71 33.75 7.11
N VAL B 147 -16.44 32.67 6.40
CA VAL B 147 -15.23 32.56 5.59
C VAL B 147 -15.66 32.16 4.17
N PRO B 148 -14.95 32.58 3.14
CA PRO B 148 -15.31 32.18 1.77
C PRO B 148 -15.19 30.68 1.59
N ASP B 149 -16.08 30.14 0.75
CA ASP B 149 -16.10 28.70 0.47
C ASP B 149 -15.22 28.35 -0.72
N THR B 150 -13.96 28.77 -0.65
CA THR B 150 -13.03 28.53 -1.74
C THR B 150 -12.70 27.04 -1.86
N TYR B 151 -12.68 26.54 -3.09
CA TYR B 151 -12.31 25.15 -3.35
C TYR B 151 -11.44 25.09 -4.59
N PHE B 152 -10.69 24.00 -4.72
CA PHE B 152 -9.82 23.76 -5.86
C PHE B 152 -10.47 22.71 -6.74
N LEU B 153 -10.73 23.07 -8.00
CA LEU B 153 -11.49 22.19 -8.87
C LEU B 153 -10.72 20.92 -9.21
N ASN B 154 -9.44 21.03 -9.56
CA ASN B 154 -8.63 19.89 -9.91
C ASN B 154 -7.97 19.23 -8.71
N ASP B 155 -8.51 19.44 -7.52
CA ASP B 155 -7.97 18.83 -6.31
C ASP B 155 -8.49 17.41 -6.15
N LYS B 156 -7.57 16.47 -5.93
CA LYS B 156 -7.93 15.07 -5.75
C LYS B 156 -7.95 14.65 -4.29
N LYS B 157 -7.03 15.18 -3.48
CA LYS B 157 -6.94 14.83 -2.07
C LYS B 157 -6.11 15.89 -1.38
N SER B 158 -6.68 16.53 -0.36
CA SER B 158 -6.01 17.62 0.33
C SER B 158 -6.41 17.65 1.78
N PHE B 159 -5.58 18.29 2.60
CA PHE B 159 -5.87 18.43 4.02
C PHE B 159 -5.20 19.69 4.54
N VAL B 160 -5.68 20.15 5.69
CA VAL B 160 -5.06 21.24 6.44
C VAL B 160 -4.26 20.61 7.57
N HIS B 161 -3.00 20.99 7.68
CA HIS B 161 -2.13 20.42 8.70
C HIS B 161 -2.65 20.77 10.09
N GLY B 162 -2.48 19.82 11.01
CA GLY B 162 -3.10 19.95 12.32
C GLY B 162 -2.25 19.60 13.52
N VAL B 163 -0.94 19.85 13.44
CA VAL B 163 -0.03 19.65 14.56
C VAL B 163 0.78 20.94 14.73
N THR B 164 0.85 21.45 15.95
CA THR B 164 0.23 20.85 17.13
C THR B 164 -1.25 21.20 17.24
N VAL B 165 -1.63 22.31 16.62
CA VAL B 165 -3.03 22.72 16.51
C VAL B 165 -3.35 22.83 15.03
N LYS B 166 -4.58 23.21 14.70
CA LYS B 166 -4.94 23.40 13.31
C LYS B 166 -4.17 24.58 12.74
N ASN B 167 -3.44 24.34 11.64
CA ASN B 167 -2.59 25.37 11.05
C ASN B 167 -3.48 26.39 10.35
N ARG B 168 -3.95 27.36 11.13
CA ARG B 168 -4.93 28.33 10.68
C ARG B 168 -4.71 29.63 11.44
N MET B 169 -5.01 30.74 10.78
CA MET B 169 -4.79 32.06 11.34
C MET B 169 -6.01 32.93 11.13
N ILE B 170 -6.39 33.67 12.16
CA ILE B 170 -7.43 34.69 12.08
C ILE B 170 -6.88 35.97 12.68
N ARG B 171 -6.94 37.06 11.92
CA ARG B 171 -6.38 38.34 12.35
C ARG B 171 -7.32 39.44 11.92
N LEU B 172 -7.91 40.14 12.87
CA LEU B 172 -8.84 41.21 12.58
C LEU B 172 -8.12 42.55 12.54
N HIS B 173 -8.76 43.52 11.92
CA HIS B 173 -8.26 44.88 11.79
C HIS B 173 -9.37 45.84 12.21
N PRO B 174 -9.01 47.05 12.65
CA PRO B 174 -10.04 47.95 13.20
C PRO B 174 -11.17 48.28 12.24
N ASP B 175 -10.91 48.35 10.94
CA ASP B 175 -11.94 48.65 9.96
C ASP B 175 -12.74 47.43 9.55
N GLY B 176 -12.66 46.34 10.31
CA GLY B 176 -13.40 45.14 10.02
C GLY B 176 -12.72 44.18 9.06
N THR B 177 -11.57 44.55 8.51
CA THR B 177 -10.88 43.69 7.55
C THR B 177 -10.36 42.43 8.24
N VAL B 178 -10.49 41.30 7.56
CA VAL B 178 -10.13 40.00 8.11
C VAL B 178 -9.02 39.40 7.26
N LEU B 179 -7.95 38.96 7.92
CA LEU B 179 -6.88 38.20 7.29
C LEU B 179 -6.97 36.77 7.79
N TYR B 180 -7.13 35.81 6.87
CA TYR B 180 -7.42 34.42 7.23
C TYR B 180 -6.57 33.53 6.36
N GLY B 181 -5.61 32.83 6.98
CA GLY B 181 -4.68 31.99 6.26
C GLY B 181 -4.79 30.54 6.67
N LEU B 182 -4.49 29.64 5.72
CA LEU B 182 -4.50 28.21 5.93
C LEU B 182 -3.22 27.61 5.35
N ARG B 183 -2.77 26.51 5.94
CA ARG B 183 -1.63 25.77 5.45
C ARG B 183 -2.14 24.47 4.85
N ILE B 184 -2.09 24.36 3.52
CA ILE B 184 -2.76 23.30 2.79
C ILE B 184 -1.73 22.47 2.05
N THR B 185 -2.02 21.18 1.89
CA THR B 185 -1.23 20.27 1.07
C THR B 185 -2.20 19.53 0.15
N THR B 186 -2.16 19.84 -1.14
CA THR B 186 -3.13 19.35 -2.10
C THR B 186 -2.45 18.51 -3.18
N THR B 187 -3.08 17.39 -3.51
CA THR B 187 -2.65 16.53 -4.61
C THR B 187 -3.54 16.86 -5.81
N ALA B 188 -3.05 17.73 -6.68
CA ALA B 188 -3.85 18.25 -7.78
C ALA B 188 -3.50 17.53 -9.08
N ALA B 189 -4.52 17.29 -9.91
CA ALA B 189 -4.33 16.54 -11.13
C ALA B 189 -3.97 17.44 -12.31
N CYS B 190 -3.05 16.97 -13.13
CA CYS B 190 -2.78 17.59 -14.42
C CYS B 190 -2.46 16.49 -15.43
N MET B 191 -3.16 16.49 -16.55
CA MET B 191 -2.90 15.53 -17.61
C MET B 191 -1.68 15.94 -18.40
N MET B 192 -0.86 14.96 -18.77
CA MET B 192 0.42 15.20 -19.43
C MET B 192 0.40 14.64 -20.84
N ASP B 193 0.98 15.40 -21.77
CA ASP B 193 1.17 14.96 -23.15
C ASP B 193 2.58 14.41 -23.26
N LEU B 194 2.72 13.10 -23.15
CA LEU B 194 4.02 12.44 -23.09
C LEU B 194 4.54 12.03 -24.46
N ARG B 195 4.12 12.70 -25.53
CA ARG B 195 4.58 12.31 -26.86
C ARG B 195 6.05 12.61 -27.06
N ARG B 196 6.59 13.62 -26.37
CA ARG B 196 8.00 13.97 -26.48
C ARG B 196 8.80 13.57 -25.24
N TYR B 197 8.25 12.66 -24.43
CA TYR B 197 8.97 12.15 -23.28
C TYR B 197 10.25 11.46 -23.74
N PRO B 198 11.39 11.69 -23.09
CA PRO B 198 11.62 12.51 -21.91
C PRO B 198 12.12 13.92 -22.22
N LEU B 199 11.79 14.47 -23.38
CA LEU B 199 12.16 15.83 -23.73
C LEU B 199 10.94 16.76 -23.76
N ASP B 200 9.98 16.51 -22.89
CA ASP B 200 8.71 17.22 -22.89
C ASP B 200 8.73 18.38 -21.90
N GLU B 201 7.73 19.25 -22.04
CA GLU B 201 7.60 20.45 -21.22
C GLU B 201 6.15 20.54 -20.78
N GLN B 202 5.86 20.08 -19.56
CA GLN B 202 4.48 20.01 -19.09
C GLN B 202 4.02 21.38 -18.58
N ASN B 203 2.74 21.45 -18.23
CA ASN B 203 2.15 22.67 -17.71
C ASN B 203 1.01 22.27 -16.77
N CYS B 204 1.29 22.27 -15.48
CA CYS B 204 0.35 21.85 -14.45
C CYS B 204 -0.18 23.08 -13.74
N THR B 205 -1.51 23.14 -13.57
CA THR B 205 -2.20 24.32 -13.08
C THR B 205 -2.89 24.02 -11.75
N LEU B 206 -3.43 25.09 -11.14
CA LEU B 206 -4.24 24.99 -9.94
C LEU B 206 -5.41 25.95 -10.09
N GLU B 207 -6.62 25.42 -9.98
CA GLU B 207 -7.84 26.20 -10.17
C GLU B 207 -8.41 26.59 -8.81
N ILE B 208 -8.77 27.86 -8.67
CA ILE B 208 -9.34 28.40 -7.45
C ILE B 208 -10.71 28.96 -7.77
N GLU B 209 -11.72 28.59 -6.98
CA GLU B 209 -13.08 29.00 -7.28
C GLU B 209 -13.93 28.93 -6.02
N SER B 210 -15.03 29.67 -6.04
CA SER B 210 -16.03 29.63 -4.97
C SER B 210 -17.14 28.67 -5.37
N TYR B 211 -17.48 27.74 -4.47
CA TYR B 211 -18.44 26.70 -4.83
C TYR B 211 -19.87 27.23 -4.87
N GLY B 212 -20.25 28.05 -3.89
CA GLY B 212 -21.64 28.39 -3.73
C GLY B 212 -22.04 29.78 -4.18
N TYR B 213 -21.09 30.70 -4.23
CA TYR B 213 -21.37 32.11 -4.50
C TYR B 213 -20.98 32.45 -5.93
N THR B 214 -21.89 33.12 -6.64
CA THR B 214 -21.66 33.52 -8.02
C THR B 214 -21.00 34.89 -8.05
N THR B 215 -20.83 35.43 -9.26
CA THR B 215 -20.21 36.74 -9.42
C THR B 215 -21.08 37.86 -8.88
N ASP B 216 -22.37 37.59 -8.64
CA ASP B 216 -23.24 38.59 -8.03
C ASP B 216 -22.96 38.76 -6.55
N ASP B 217 -22.26 37.81 -5.92
CA ASP B 217 -22.05 37.80 -4.48
C ASP B 217 -20.59 37.92 -4.08
N ILE B 218 -19.68 37.31 -4.83
CA ILE B 218 -18.27 37.27 -4.44
C ILE B 218 -17.41 37.62 -5.64
N GLU B 219 -16.21 38.14 -5.37
CA GLU B 219 -15.26 38.52 -6.40
C GLU B 219 -13.85 38.20 -5.93
N PHE B 220 -13.16 37.32 -6.65
CA PHE B 220 -11.77 37.00 -6.35
C PHE B 220 -10.85 37.94 -7.11
N TYR B 221 -9.67 38.17 -6.54
CA TYR B 221 -8.61 38.87 -7.24
C TYR B 221 -7.29 38.51 -6.59
N TRP B 222 -6.21 38.60 -7.37
CA TRP B 222 -4.88 38.38 -6.84
C TRP B 222 -4.42 39.62 -6.08
N ARG B 223 -4.13 39.46 -4.80
CA ARG B 223 -3.72 40.58 -3.96
C ARG B 223 -2.25 40.87 -4.20
N GLY B 224 -1.96 42.01 -4.81
CA GLY B 224 -0.61 42.36 -5.19
C GLY B 224 -0.27 42.15 -6.64
N GLY B 225 -1.23 41.77 -7.47
CA GLY B 225 -0.95 41.60 -8.88
C GLY B 225 -0.09 40.37 -9.14
N ASP B 226 0.95 40.55 -9.95
CA ASP B 226 1.83 39.45 -10.31
C ASP B 226 2.74 39.01 -9.17
N LYS B 227 2.78 39.76 -8.07
CA LYS B 227 3.54 39.38 -6.89
C LYS B 227 2.70 38.62 -5.88
N ALA B 228 1.54 38.12 -6.28
CA ALA B 228 0.66 37.44 -5.34
C ALA B 228 1.22 36.09 -4.91
N VAL B 229 1.89 35.39 -5.82
CA VAL B 229 2.43 34.06 -5.55
C VAL B 229 3.95 34.18 -5.43
N THR B 230 4.48 33.76 -4.29
CA THR B 230 5.90 33.82 -4.01
C THR B 230 6.40 32.44 -3.62
N GLY B 231 7.73 32.31 -3.53
CA GLY B 231 8.34 31.06 -3.19
C GLY B 231 8.49 30.07 -4.33
N VAL B 232 8.11 30.45 -5.54
CA VAL B 232 8.21 29.57 -6.68
C VAL B 232 9.66 29.27 -7.05
N GLU B 233 10.59 30.13 -6.62
CA GLU B 233 12.00 30.01 -6.99
C GLU B 233 12.80 29.13 -6.03
N ARG B 234 12.21 28.68 -4.92
CA ARG B 234 12.89 27.81 -3.98
C ARG B 234 12.47 26.36 -4.10
N ILE B 235 11.74 26.00 -5.15
CA ILE B 235 11.25 24.63 -5.30
C ILE B 235 12.36 23.75 -5.86
N GLU B 236 12.62 22.63 -5.19
CA GLU B 236 13.70 21.72 -5.54
C GLU B 236 13.09 20.43 -6.09
N LEU B 237 12.84 20.42 -7.39
CA LEU B 237 12.33 19.21 -8.06
C LEU B 237 13.50 18.38 -8.57
N PRO B 238 13.61 17.11 -8.18
CA PRO B 238 14.73 16.30 -8.66
C PRO B 238 14.74 16.13 -10.17
N GLN B 239 13.58 16.03 -10.80
CA GLN B 239 13.48 15.68 -12.21
C GLN B 239 13.11 16.85 -13.11
N PHE B 240 12.30 17.78 -12.63
CA PHE B 240 11.85 18.92 -13.42
C PHE B 240 12.56 20.18 -12.97
N SER B 241 12.37 21.24 -13.77
CA SER B 241 12.87 22.56 -13.42
C SER B 241 11.85 23.58 -13.87
N ILE B 242 11.38 24.40 -12.94
CA ILE B 242 10.33 25.36 -13.25
C ILE B 242 10.89 26.45 -14.15
N VAL B 243 10.18 26.74 -15.24
CA VAL B 243 10.60 27.76 -16.19
C VAL B 243 9.83 29.06 -15.99
N GLU B 244 8.56 28.96 -15.60
CA GLU B 244 7.69 30.13 -15.52
C GLU B 244 6.45 29.75 -14.73
N HIS B 245 5.83 30.76 -14.11
CA HIS B 245 4.51 30.60 -13.52
C HIS B 245 3.67 31.81 -13.88
N ARG B 246 2.36 31.61 -13.94
CA ARG B 246 1.46 32.63 -14.46
C ARG B 246 0.20 32.70 -13.62
N LEU B 247 -0.35 33.91 -13.52
CA LEU B 247 -1.58 34.17 -12.77
C LEU B 247 -2.66 34.61 -13.73
N VAL B 248 -3.84 34.00 -13.63
CA VAL B 248 -4.96 34.28 -14.53
C VAL B 248 -6.23 34.43 -13.69
N SER B 249 -7.06 35.41 -14.06
CA SER B 249 -8.37 35.61 -13.46
C SER B 249 -9.42 35.59 -14.56
N ARG B 250 -10.50 34.84 -14.35
CA ARG B 250 -11.55 34.73 -15.36
C ARG B 250 -12.83 34.28 -14.68
N ASN B 251 -13.90 34.15 -15.48
CA ASN B 251 -15.19 33.70 -15.01
C ASN B 251 -15.57 32.39 -15.69
N VAL B 252 -16.13 31.48 -14.92
CA VAL B 252 -16.56 30.17 -15.41
C VAL B 252 -18.07 30.08 -15.24
N VAL B 253 -18.76 29.63 -16.28
CA VAL B 253 -20.22 29.55 -16.29
C VAL B 253 -20.62 28.09 -16.23
N PHE B 254 -21.41 27.74 -15.22
CA PHE B 254 -22.02 26.43 -15.09
C PHE B 254 -23.54 26.58 -15.21
N ALA B 255 -24.25 25.48 -14.99
CA ALA B 255 -25.71 25.55 -15.00
C ALA B 255 -26.24 26.42 -13.87
N THR B 256 -25.57 26.40 -12.73
CA THR B 256 -26.02 27.13 -11.55
C THR B 256 -25.66 28.61 -11.58
N GLY B 257 -24.77 29.04 -12.46
CA GLY B 257 -24.45 30.45 -12.59
C GLY B 257 -23.00 30.64 -12.97
N ALA B 258 -22.59 31.91 -12.97
CA ALA B 258 -21.24 32.31 -13.34
C ALA B 258 -20.40 32.49 -12.07
N TYR B 259 -19.21 31.90 -12.06
CA TYR B 259 -18.42 31.88 -10.85
C TYR B 259 -17.03 32.47 -11.09
N PRO B 260 -16.49 33.23 -10.14
CA PRO B 260 -15.13 33.73 -10.28
C PRO B 260 -14.12 32.59 -10.18
N ARG B 261 -13.02 32.74 -10.91
CA ARG B 261 -11.98 31.73 -10.92
C ARG B 261 -10.60 32.38 -11.00
N LEU B 262 -9.70 31.93 -10.14
CA LEU B 262 -8.29 32.28 -10.20
C LEU B 262 -7.49 31.07 -10.62
N SER B 263 -6.48 31.28 -11.45
CA SER B 263 -5.69 30.18 -12.00
C SER B 263 -4.21 30.44 -11.79
N LEU B 264 -3.51 29.43 -11.28
CA LEU B 264 -2.05 29.48 -11.11
C LEU B 264 -1.46 28.29 -11.83
N SER B 265 -0.58 28.54 -12.79
CA SER B 265 -0.02 27.48 -13.63
C SER B 265 1.50 27.57 -13.62
N PHE B 266 2.15 26.42 -13.76
CA PHE B 266 3.59 26.31 -13.84
C PHE B 266 3.97 25.60 -15.12
N ARG B 267 5.05 26.04 -15.76
CA ARG B 267 5.59 25.37 -16.93
C ARG B 267 6.85 24.63 -16.50
N LEU B 268 6.77 23.30 -16.50
CA LEU B 268 7.86 22.46 -16.02
C LEU B 268 8.61 21.86 -17.21
N LYS B 269 9.93 21.92 -17.16
CA LYS B 269 10.79 21.31 -18.17
C LYS B 269 11.53 20.13 -17.55
N ARG B 270 11.43 18.98 -18.20
CA ARG B 270 12.05 17.77 -17.66
C ARG B 270 13.55 17.77 -17.96
N ASN B 271 14.33 17.34 -16.97
CA ASN B 271 15.77 17.22 -17.14
C ASN B 271 16.10 15.89 -17.79
N ILE B 272 16.95 15.93 -18.82
CA ILE B 272 17.26 14.73 -19.61
C ILE B 272 18.49 14.00 -19.11
N GLY B 273 19.20 14.55 -18.12
CA GLY B 273 20.44 13.93 -17.68
C GLY B 273 20.25 12.53 -17.12
N TYR B 274 19.13 12.29 -16.43
CA TYR B 274 18.86 10.97 -15.88
C TYR B 274 18.67 9.93 -16.98
N PHE B 275 17.96 10.29 -18.05
CA PHE B 275 17.65 9.33 -19.10
C PHE B 275 18.83 9.06 -20.02
N ILE B 276 19.83 9.93 -20.04
CA ILE B 276 21.06 9.63 -20.76
C ILE B 276 21.74 8.42 -20.11
N LEU B 277 21.81 8.41 -18.78
CA LEU B 277 22.52 7.34 -18.08
C LEU B 277 21.77 6.02 -18.17
N GLN B 278 20.45 6.04 -18.08
CA GLN B 278 19.69 4.81 -17.91
C GLN B 278 19.20 4.20 -19.21
N THR B 279 18.88 5.01 -20.22
CA THR B 279 18.30 4.47 -21.44
C THR B 279 19.15 4.74 -22.68
N TYR B 280 19.60 5.97 -22.89
CA TYR B 280 20.28 6.29 -24.13
C TYR B 280 21.68 5.70 -24.17
N MET B 281 22.45 5.82 -23.08
CA MET B 281 23.79 5.25 -23.07
C MET B 281 23.78 3.73 -23.18
N PRO B 282 22.96 2.99 -22.42
CA PRO B 282 22.90 1.53 -22.66
C PRO B 282 22.47 1.17 -24.08
N SER B 283 21.54 1.92 -24.66
CA SER B 283 21.07 1.61 -26.01
C SER B 283 22.18 1.77 -27.04
N ILE B 284 22.96 2.85 -26.93
CA ILE B 284 24.04 3.09 -27.88
C ILE B 284 25.13 2.04 -27.73
N LEU B 285 25.47 1.67 -26.50
CA LEU B 285 26.56 0.73 -26.28
C LEU B 285 26.19 -0.67 -26.79
N ILE B 286 24.94 -1.07 -26.64
CA ILE B 286 24.50 -2.35 -27.18
C ILE B 286 24.59 -2.34 -28.71
N THR B 287 24.16 -1.24 -29.34
CA THR B 287 24.23 -1.15 -30.79
C THR B 287 25.68 -1.19 -31.28
N ILE B 288 26.58 -0.47 -30.60
CA ILE B 288 27.99 -0.52 -30.94
C ILE B 288 28.53 -1.93 -30.72
N LEU B 289 28.05 -2.60 -29.68
CA LEU B 289 28.51 -3.95 -29.39
C LEU B 289 28.15 -4.93 -30.50
N SER B 290 27.02 -4.71 -31.19
CA SER B 290 26.62 -5.60 -32.26
C SER B 290 27.55 -5.49 -33.46
N TRP B 291 28.15 -4.32 -33.67
CA TRP B 291 29.05 -4.12 -34.79
C TRP B 291 30.34 -4.90 -34.67
N VAL B 292 30.63 -5.48 -33.50
CA VAL B 292 31.84 -6.26 -33.32
C VAL B 292 31.84 -7.47 -34.25
N SER B 293 30.66 -8.05 -34.48
CA SER B 293 30.56 -9.26 -35.28
C SER B 293 31.02 -9.03 -36.73
N PHE B 294 31.08 -7.79 -37.18
CA PHE B 294 31.56 -7.51 -38.54
C PHE B 294 33.06 -7.70 -38.68
N TRP B 295 33.80 -7.77 -37.56
CA TRP B 295 35.23 -7.99 -37.59
C TRP B 295 35.61 -9.42 -37.21
N ILE B 296 34.65 -10.33 -37.17
CA ILE B 296 34.88 -11.73 -36.86
C ILE B 296 34.70 -12.54 -38.13
N ASN B 297 35.61 -13.49 -38.37
CA ASN B 297 35.57 -14.29 -39.58
C ASN B 297 34.24 -15.03 -39.70
N TYR B 298 33.70 -15.07 -40.92
CA TYR B 298 32.38 -15.65 -41.15
C TYR B 298 32.33 -17.15 -40.88
N ASP B 299 33.47 -17.81 -40.74
CA ASP B 299 33.47 -19.22 -40.36
C ASP B 299 33.23 -19.44 -38.87
N ALA B 300 33.24 -18.37 -38.07
CA ALA B 300 32.91 -18.46 -36.65
C ALA B 300 31.40 -18.27 -36.48
N SER B 301 30.66 -19.28 -36.92
CA SER B 301 29.20 -19.19 -36.92
C SER B 301 28.63 -19.10 -35.52
N ALA B 302 29.15 -19.90 -34.58
CA ALA B 302 28.63 -19.88 -33.22
C ALA B 302 28.91 -18.55 -32.53
N ALA B 303 30.07 -17.95 -32.82
CA ALA B 303 30.43 -16.71 -32.16
C ALA B 303 29.57 -15.55 -32.64
N ARG B 304 29.41 -15.43 -33.96
CA ARG B 304 28.68 -14.28 -34.50
C ARG B 304 27.19 -14.37 -34.24
N VAL B 305 26.63 -15.58 -34.22
CA VAL B 305 25.21 -15.74 -33.92
C VAL B 305 24.94 -15.43 -32.45
N ALA B 306 25.81 -15.92 -31.55
CA ALA B 306 25.62 -15.64 -30.14
C ALA B 306 25.72 -14.15 -29.85
N LEU B 307 26.66 -13.47 -30.49
CA LEU B 307 26.79 -12.02 -30.32
C LEU B 307 25.55 -11.30 -30.85
N GLY B 308 25.02 -11.74 -31.99
CA GLY B 308 23.86 -11.09 -32.55
C GLY B 308 22.59 -11.35 -31.75
N ILE B 309 22.38 -12.58 -31.31
CA ILE B 309 21.13 -12.94 -30.63
C ILE B 309 21.00 -12.19 -29.31
N THR B 310 22.10 -12.15 -28.53
CA THR B 310 22.03 -11.51 -27.22
C THR B 310 21.70 -10.03 -27.34
N THR B 311 22.30 -9.34 -28.31
CA THR B 311 22.05 -7.91 -28.46
C THR B 311 20.62 -7.62 -28.90
N VAL B 312 20.05 -8.49 -29.75
CA VAL B 312 18.67 -8.28 -30.17
C VAL B 312 17.71 -8.49 -29.00
N LEU B 313 17.94 -9.52 -28.20
CA LEU B 313 17.07 -9.75 -27.05
C LEU B 313 17.31 -8.72 -25.95
N THR B 314 18.54 -8.23 -25.81
CA THR B 314 18.81 -7.18 -24.83
C THR B 314 18.07 -5.89 -25.17
N MET B 315 18.01 -5.55 -26.45
CA MET B 315 17.30 -4.33 -26.85
C MET B 315 15.81 -4.45 -26.56
N THR B 316 15.24 -5.63 -26.73
CA THR B 316 13.84 -5.84 -26.35
C THR B 316 13.66 -5.68 -24.85
N THR B 317 14.60 -6.20 -24.06
CA THR B 317 14.50 -6.08 -22.60
C THR B 317 14.55 -4.62 -22.15
N ILE B 318 15.44 -3.82 -22.75
CA ILE B 318 15.55 -2.42 -22.36
C ILE B 318 14.28 -1.66 -22.71
N ASN B 319 13.67 -1.99 -23.86
CA ASN B 319 12.48 -1.28 -24.29
C ASN B 319 11.29 -1.57 -23.38
N THR B 320 11.04 -2.85 -23.10
CA THR B 320 9.84 -3.21 -22.35
C THR B 320 9.92 -2.70 -20.92
N HIS B 321 11.10 -2.75 -20.30
CA HIS B 321 11.22 -2.34 -18.90
C HIS B 321 10.87 -0.87 -18.71
N LEU B 322 11.34 0.00 -19.61
CA LEU B 322 11.11 1.43 -19.44
C LEU B 322 9.63 1.78 -19.59
N ARG B 323 8.93 1.14 -20.52
CA ARG B 323 7.52 1.44 -20.73
C ARG B 323 6.63 0.96 -19.57
N GLU B 324 7.16 0.13 -18.69
CA GLU B 324 6.42 -0.33 -17.52
C GLU B 324 6.49 0.65 -16.35
N THR B 325 7.25 1.73 -16.48
CA THR B 325 7.37 2.74 -15.44
C THR B 325 6.40 3.91 -15.64
N LEU B 326 5.54 3.84 -16.65
CA LEU B 326 4.68 4.94 -17.05
C LEU B 326 3.28 4.39 -17.29
N PRO B 327 2.26 5.26 -17.32
CA PRO B 327 0.92 4.78 -17.63
C PRO B 327 0.84 4.23 -19.04
N LYS B 328 -0.09 3.30 -19.24
CA LYS B 328 -0.24 2.63 -20.53
C LYS B 328 -0.90 3.60 -21.52
N ILE B 329 -0.06 4.45 -22.10
CA ILE B 329 -0.51 5.44 -23.07
C ILE B 329 -0.42 4.86 -24.48
N PRO B 330 -1.47 4.99 -25.29
CA PRO B 330 -1.47 4.33 -26.60
C PRO B 330 -0.40 4.82 -27.56
N TYR B 331 -0.08 6.11 -27.54
CA TYR B 331 0.79 6.67 -28.57
C TYR B 331 2.24 6.26 -28.33
N VAL B 332 3.13 6.77 -29.18
CA VAL B 332 4.55 6.44 -29.17
C VAL B 332 5.31 7.66 -28.66
N LYS B 333 6.11 7.46 -27.61
CA LYS B 333 6.89 8.54 -27.03
C LYS B 333 8.19 8.73 -27.80
N ALA B 334 8.88 9.83 -27.49
CA ALA B 334 10.16 10.10 -28.13
C ALA B 334 11.24 9.13 -27.69
N ILE B 335 11.04 8.40 -26.61
CA ILE B 335 12.00 7.38 -26.19
C ILE B 335 11.71 6.03 -26.83
N ASP B 336 10.45 5.76 -27.19
CA ASP B 336 10.16 4.54 -27.93
C ASP B 336 10.67 4.60 -29.36
N MET B 337 10.67 5.79 -29.96
CA MET B 337 11.22 5.94 -31.31
C MET B 337 12.71 5.64 -31.34
N TYR B 338 13.43 5.97 -30.27
CA TYR B 338 14.87 5.72 -30.24
C TYR B 338 15.16 4.23 -30.03
N LEU B 339 14.42 3.58 -29.13
CA LEU B 339 14.63 2.15 -28.89
C LEU B 339 14.23 1.33 -30.11
N MET B 340 13.13 1.68 -30.76
CA MET B 340 12.77 1.01 -32.00
C MET B 340 13.81 1.24 -33.08
N GLY B 341 14.40 2.44 -33.11
CA GLY B 341 15.46 2.72 -34.07
C GLY B 341 16.71 1.89 -33.80
N CYS B 342 17.09 1.73 -32.54
CA CYS B 342 18.23 0.89 -32.21
C CYS B 342 17.92 -0.58 -32.41
N PHE B 343 16.64 -0.97 -32.29
CA PHE B 343 16.27 -2.36 -32.53
C PHE B 343 16.46 -2.73 -34.00
N VAL B 344 16.16 -1.82 -34.91
CA VAL B 344 16.34 -2.09 -36.33
C VAL B 344 17.82 -2.29 -36.66
N PHE B 345 18.69 -1.50 -36.04
CA PHE B 345 20.12 -1.61 -36.31
C PHE B 345 20.68 -2.93 -35.79
N VAL B 346 20.24 -3.37 -34.62
CA VAL B 346 20.73 -4.63 -34.09
C VAL B 346 20.02 -5.83 -34.72
N PHE B 347 18.81 -5.65 -35.24
CA PHE B 347 18.13 -6.73 -35.95
C PHE B 347 18.69 -6.92 -37.35
N LEU B 348 19.19 -5.85 -37.97
CA LEU B 348 19.78 -5.96 -39.30
C LEU B 348 21.17 -6.57 -39.25
N ALA B 349 21.94 -6.31 -38.18
CA ALA B 349 23.26 -6.91 -38.06
C ALA B 349 23.17 -8.42 -37.99
N LEU B 350 22.21 -8.94 -37.22
CA LEU B 350 21.99 -10.38 -37.20
C LEU B 350 21.45 -10.88 -38.53
N LEU B 351 20.62 -10.08 -39.19
CA LEU B 351 20.13 -10.44 -40.52
C LEU B 351 21.24 -10.33 -41.56
N GLU B 352 22.17 -9.39 -41.39
CA GLU B 352 23.28 -9.25 -42.34
C GLU B 352 24.18 -10.48 -42.32
N TYR B 353 24.43 -11.03 -41.14
CA TYR B 353 25.28 -12.22 -41.06
C TYR B 353 24.60 -13.42 -41.71
N ALA B 354 23.28 -13.53 -41.58
CA ALA B 354 22.57 -14.68 -42.14
C ALA B 354 22.77 -14.76 -43.64
N PHE B 355 22.74 -13.62 -44.33
CA PHE B 355 23.03 -13.62 -45.76
C PHE B 355 24.46 -14.07 -46.03
N VAL B 356 25.41 -13.60 -45.24
CA VAL B 356 26.80 -13.99 -45.41
C VAL B 356 26.96 -15.49 -45.18
N ASN B 357 26.34 -16.00 -44.10
CA ASN B 357 26.42 -17.43 -43.82
C ASN B 357 25.74 -18.25 -44.90
N TYR B 358 24.72 -17.68 -45.56
CA TYR B 358 24.02 -18.37 -46.64
C TYR B 358 24.77 -18.29 -47.97
N ILE B 359 25.76 -17.41 -48.09
CA ILE B 359 26.37 -17.15 -49.38
C ILE B 359 27.87 -17.42 -49.40
N PHE B 360 28.53 -17.61 -48.26
CA PHE B 360 29.98 -17.72 -48.27
C PHE B 360 30.48 -19.07 -48.74
N PHE B 361 29.64 -20.11 -48.71
CA PHE B 361 30.07 -21.41 -49.21
C PHE B 361 30.24 -21.41 -50.72
N SER B 362 29.24 -20.90 -51.43
CA SER B 362 29.27 -20.92 -52.89
C SER B 362 30.23 -19.88 -53.45
N GLN B 363 30.22 -18.67 -52.91
CA GLN B 363 31.04 -17.58 -53.42
C GLN B 363 31.59 -16.76 -52.26
N PRO B 364 32.75 -17.16 -51.71
CA PRO B 364 33.32 -16.42 -50.58
C PRO B 364 33.74 -15.00 -50.93
N ALA B 365 33.91 -14.68 -52.21
CA ALA B 365 34.36 -13.35 -52.59
C ALA B 365 33.36 -12.28 -52.19
N ARG B 366 32.09 -12.48 -52.52
CA ARG B 366 31.08 -11.50 -52.17
C ARG B 366 30.83 -11.45 -50.67
N ALA B 367 30.95 -12.58 -49.99
CA ALA B 367 30.70 -12.62 -48.55
C ALA B 367 31.67 -11.71 -47.80
N ALA B 368 32.94 -11.70 -48.19
CA ALA B 368 33.90 -10.80 -47.56
C ALA B 368 33.62 -9.35 -47.92
N ALA B 369 33.09 -9.08 -49.12
CA ALA B 369 32.78 -7.72 -49.52
C ALA B 369 31.64 -7.14 -48.68
N ILE B 370 30.66 -7.96 -48.32
CA ILE B 370 29.55 -7.49 -47.50
C ILE B 370 30.04 -7.07 -46.12
N ASP B 371 30.96 -7.86 -45.53
CA ASP B 371 31.50 -7.51 -44.23
C ASP B 371 32.34 -6.24 -44.28
N ARG B 372 33.06 -6.02 -45.39
CA ARG B 372 33.86 -4.80 -45.49
C ARG B 372 32.97 -3.56 -45.53
N TRP B 373 31.87 -3.60 -46.27
CA TRP B 373 30.98 -2.45 -46.34
C TRP B 373 30.15 -2.30 -45.06
N SER B 374 29.91 -3.39 -44.34
CA SER B 374 29.16 -3.30 -43.09
C SER B 374 29.96 -2.57 -42.02
N ARG B 375 31.28 -2.64 -42.08
CA ARG B 375 32.12 -1.94 -41.11
C ARG B 375 32.05 -0.43 -41.26
N ILE B 376 31.50 0.08 -42.36
CA ILE B 376 31.41 1.51 -42.61
C ILE B 376 29.96 1.97 -42.61
N VAL B 377 29.07 1.22 -43.26
CA VAL B 377 27.69 1.65 -43.42
C VAL B 377 26.99 1.73 -42.07
N PHE B 378 27.11 0.68 -41.26
CA PHE B 378 26.42 0.67 -39.96
C PHE B 378 26.90 1.78 -39.03
N PRO B 379 28.21 1.98 -38.81
CA PRO B 379 28.60 3.13 -37.98
C PRO B 379 28.20 4.47 -38.57
N PHE B 380 28.22 4.59 -39.90
CA PHE B 380 27.88 5.87 -40.52
C PHE B 380 26.38 6.15 -40.45
N THR B 381 25.56 5.13 -40.76
CA THR B 381 24.12 5.33 -40.75
C THR B 381 23.59 5.59 -39.35
N PHE B 382 24.12 4.88 -38.35
CA PHE B 382 23.67 5.09 -36.98
C PHE B 382 23.97 6.51 -36.51
N SER B 383 25.17 7.01 -36.83
CA SER B 383 25.49 8.40 -36.51
C SER B 383 24.56 9.36 -37.25
N LEU B 384 24.12 9.00 -38.45
CA LEU B 384 23.14 9.80 -39.16
C LEU B 384 21.77 9.71 -38.49
N PHE B 385 21.44 8.55 -37.91
CA PHE B 385 20.17 8.41 -37.20
C PHE B 385 20.13 9.29 -35.96
N ASN B 386 21.21 9.31 -35.19
CA ASN B 386 21.25 10.17 -34.01
C ASN B 386 21.21 11.63 -34.38
N LEU B 387 21.83 12.01 -35.50
CA LEU B 387 21.83 13.41 -35.92
C LEU B 387 20.42 13.90 -36.22
N VAL B 388 19.64 13.10 -36.94
CA VAL B 388 18.27 13.48 -37.27
C VAL B 388 17.39 13.46 -36.02
N TYR B 389 17.58 12.46 -35.17
CA TYR B 389 16.74 12.33 -33.98
C TYR B 389 16.97 13.47 -33.00
N TRP B 390 18.24 13.74 -32.66
CA TRP B 390 18.52 14.74 -31.63
C TRP B 390 18.24 16.15 -32.09
N LEU B 391 18.30 16.42 -33.40
CA LEU B 391 17.91 17.74 -33.89
C LEU B 391 16.40 17.92 -33.94
N TYR B 392 15.65 16.83 -34.10
CA TYR B 392 14.20 16.94 -34.21
C TYR B 392 13.54 17.17 -32.86
N TYR B 393 14.05 16.56 -31.80
CA TYR B 393 13.44 16.64 -30.48
C TYR B 393 14.11 17.67 -29.58
N VAL B 394 14.99 18.51 -30.12
CA VAL B 394 15.63 19.55 -29.33
C VAL B 394 15.44 20.91 -29.98
N GLY C 27 -12.30 17.68 46.66
CA GLY C 27 -12.57 18.66 47.70
C GLY C 27 -12.63 20.08 47.18
N ASP C 28 -11.61 20.88 47.50
CA ASP C 28 -11.54 22.26 47.05
C ASP C 28 -10.74 22.43 45.76
N VAL C 29 -10.17 21.34 45.23
CA VAL C 29 -9.51 21.44 43.93
C VAL C 29 -10.52 21.73 42.84
N THR C 30 -11.74 21.18 42.96
CA THR C 30 -12.81 21.54 42.05
C THR C 30 -13.16 23.02 42.18
N VAL C 31 -13.13 23.54 43.42
CA VAL C 31 -13.37 24.96 43.63
C VAL C 31 -12.30 25.81 42.96
N ILE C 32 -11.04 25.39 43.09
CA ILE C 32 -9.94 26.14 42.48
C ILE C 32 -10.08 26.16 40.96
N LEU C 33 -10.36 25.00 40.37
CA LEU C 33 -10.48 24.92 38.92
C LEU C 33 -11.67 25.71 38.40
N ASN C 34 -12.77 25.76 39.16
CA ASN C 34 -13.92 26.57 38.75
C ASN C 34 -13.56 28.05 38.77
N ASN C 35 -12.77 28.49 39.75
CA ASN C 35 -12.39 29.89 39.83
C ASN C 35 -11.42 30.28 38.72
N LEU C 36 -10.50 29.38 38.36
CA LEU C 36 -9.52 29.69 37.32
C LEU C 36 -10.21 29.92 35.97
N LEU C 37 -11.20 29.10 35.65
CA LEU C 37 -11.85 29.16 34.35
C LEU C 37 -13.12 30.00 34.37
N GLU C 38 -13.40 30.71 35.45
CA GLU C 38 -14.54 31.61 35.52
C GLU C 38 -14.17 32.92 34.83
N GLY C 39 -14.79 33.19 33.68
CA GLY C 39 -14.46 34.35 32.89
C GLY C 39 -13.21 34.23 32.05
N TYR C 40 -12.58 33.05 32.04
CA TYR C 40 -11.38 32.86 31.24
C TYR C 40 -11.74 32.84 29.76
N ASP C 41 -10.97 33.58 28.96
CA ASP C 41 -11.18 33.66 27.52
C ASP C 41 -9.97 33.06 26.83
N ASN C 42 -10.15 31.90 26.20
CA ASN C 42 -9.05 31.20 25.56
C ASN C 42 -8.77 31.71 24.15
N LYS C 43 -9.54 32.68 23.66
CA LYS C 43 -9.27 33.29 22.37
C LYS C 43 -8.17 34.34 22.44
N LEU C 44 -7.75 34.74 23.63
CA LEU C 44 -6.75 35.79 23.82
C LEU C 44 -5.49 35.20 24.43
N ARG C 45 -4.34 35.54 23.87
CA ARG C 45 -3.08 35.11 24.45
C ARG C 45 -2.81 35.87 25.74
N PRO C 46 -2.04 35.29 26.66
CA PRO C 46 -1.69 36.01 27.88
C PRO C 46 -0.97 37.31 27.57
N ASP C 47 -1.31 38.37 28.32
CA ASP C 47 -0.74 39.70 28.13
C ASP C 47 -0.92 40.16 26.68
N ILE C 48 -2.19 40.26 26.27
CA ILE C 48 -2.50 40.51 24.86
C ILE C 48 -2.10 41.93 24.45
N GLY C 49 -1.86 42.81 25.42
CA GLY C 49 -1.46 44.17 25.09
C GLY C 49 -0.34 44.70 25.95
N VAL C 50 0.52 43.81 26.43
CA VAL C 50 1.58 44.21 27.35
C VAL C 50 2.94 43.84 26.77
N LYS C 51 3.19 42.55 26.58
CA LYS C 51 4.50 42.06 26.20
C LYS C 51 4.35 40.70 25.56
N PRO C 52 5.34 40.23 24.80
CA PRO C 52 5.23 38.91 24.18
C PRO C 52 5.21 37.79 25.19
N THR C 53 4.58 36.68 24.81
CA THR C 53 4.50 35.48 25.64
C THR C 53 5.76 34.65 25.38
N LEU C 54 6.67 34.64 26.34
CA LEU C 54 7.92 33.91 26.19
C LEU C 54 7.69 32.44 26.49
N ILE C 55 7.98 31.58 25.51
CA ILE C 55 7.70 30.15 25.60
C ILE C 55 9.02 29.40 25.53
N HIS C 56 9.24 28.49 26.47
CA HIS C 56 10.43 27.66 26.51
C HIS C 56 10.08 26.26 26.05
N THR C 57 10.87 25.71 25.13
CA THR C 57 10.57 24.44 24.50
C THR C 57 11.65 23.41 24.81
N ASP C 58 11.21 22.19 25.12
CA ASP C 58 12.08 21.03 25.25
C ASP C 58 11.72 20.02 24.18
N MET C 59 12.53 18.98 24.08
CA MET C 59 12.28 17.93 23.10
C MET C 59 13.09 16.70 23.48
N TYR C 60 12.42 15.57 23.68
CA TYR C 60 13.08 14.29 23.91
C TYR C 60 12.80 13.41 22.70
N VAL C 61 13.85 13.07 21.96
CA VAL C 61 13.70 12.31 20.72
C VAL C 61 13.63 10.83 21.08
N ASN C 62 12.47 10.20 20.82
CA ASN C 62 12.34 8.77 21.06
C ASN C 62 13.10 7.97 20.03
N SER C 63 12.97 8.32 18.75
CA SER C 63 13.63 7.60 17.68
C SER C 63 13.55 8.42 16.40
N ILE C 64 14.62 8.38 15.61
CA ILE C 64 14.63 8.93 14.27
C ILE C 64 14.42 7.76 13.32
N GLY C 65 13.23 7.67 12.75
CA GLY C 65 12.84 6.54 11.96
C GLY C 65 13.57 6.46 10.63
N PRO C 66 13.01 5.71 9.69
CA PRO C 66 13.70 5.47 8.42
C PRO C 66 13.91 6.76 7.64
N VAL C 67 15.07 6.86 7.01
CA VAL C 67 15.41 7.99 6.14
C VAL C 67 15.17 7.56 4.71
N ASN C 68 14.26 8.26 4.04
CA ASN C 68 13.85 7.90 2.68
C ASN C 68 14.55 8.83 1.70
N ALA C 69 15.44 8.27 0.88
CA ALA C 69 16.13 9.06 -0.14
C ALA C 69 15.23 9.34 -1.33
N ILE C 70 14.34 8.40 -1.68
CA ILE C 70 13.49 8.59 -2.85
C ILE C 70 12.54 9.77 -2.64
N ASN C 71 11.92 9.83 -1.47
CA ASN C 71 11.00 10.92 -1.16
C ASN C 71 11.68 12.08 -0.44
N MET C 72 12.95 11.93 -0.06
CA MET C 72 13.71 12.97 0.64
C MET C 72 12.98 13.43 1.90
N GLU C 73 12.83 12.48 2.83
CA GLU C 73 12.12 12.72 4.08
C GLU C 73 12.68 11.80 5.15
N TYR C 74 12.25 12.01 6.38
CA TYR C 74 12.62 11.14 7.50
C TYR C 74 11.55 11.25 8.57
N THR C 75 11.33 10.15 9.27
CA THR C 75 10.35 10.08 10.34
C THR C 75 11.04 10.27 11.68
N ILE C 76 10.40 11.04 12.56
CA ILE C 76 10.94 11.30 13.90
C ILE C 76 9.79 11.23 14.89
N ASP C 77 10.06 10.63 16.05
CA ASP C 77 9.10 10.50 17.13
C ASP C 77 9.69 11.15 18.38
N ILE C 78 8.97 12.13 18.93
CA ILE C 78 9.50 12.95 20.02
C ILE C 78 8.44 13.14 21.09
N PHE C 79 8.91 13.52 22.28
CA PHE C 79 8.07 14.12 23.31
C PHE C 79 8.33 15.62 23.28
N PHE C 80 7.34 16.39 22.83
CA PHE C 80 7.48 17.82 22.65
C PHE C 80 6.85 18.55 23.83
N ALA C 81 7.64 19.41 24.49
CA ALA C 81 7.21 20.07 25.72
C ALA C 81 7.33 21.58 25.57
N GLN C 82 6.34 22.29 26.12
CA GLN C 82 6.29 23.75 26.07
C GLN C 82 5.97 24.29 27.46
N THR C 83 6.65 25.36 27.84
CA THR C 83 6.45 26.00 29.13
C THR C 83 6.28 27.50 28.94
N TRP C 84 5.30 28.07 29.62
CA TRP C 84 5.05 29.51 29.55
C TRP C 84 4.29 29.94 30.80
N TYR C 85 4.18 31.25 30.97
CA TYR C 85 3.45 31.83 32.09
C TYR C 85 2.11 32.36 31.64
N ASP C 86 1.13 32.26 32.54
CA ASP C 86 -0.22 32.76 32.29
C ASP C 86 -0.76 33.26 33.63
N ARG C 87 -0.73 34.59 33.83
CA ARG C 87 -1.10 35.16 35.11
C ARG C 87 -2.57 34.96 35.45
N ARG C 88 -3.40 34.61 34.48
CA ARG C 88 -4.81 34.34 34.74
C ARG C 88 -5.03 33.02 35.46
N LEU C 89 -3.98 32.20 35.62
CA LEU C 89 -4.10 30.88 36.20
C LEU C 89 -3.44 30.78 37.57
N LYS C 90 -3.21 31.91 38.24
CA LYS C 90 -2.66 31.89 39.58
C LYS C 90 -3.71 31.40 40.57
N PHE C 91 -3.26 30.64 41.57
CA PHE C 91 -4.15 30.22 42.64
C PHE C 91 -3.36 30.13 43.94
N ASN C 92 -4.01 30.50 45.04
CA ASN C 92 -3.40 30.50 46.37
C ASN C 92 -4.00 29.35 47.19
N SER C 93 -3.14 28.45 47.63
CA SER C 93 -3.54 27.33 48.50
C SER C 93 -2.25 26.65 48.96
N THR C 94 -2.41 25.61 49.79
CA THR C 94 -1.28 24.78 50.14
C THR C 94 -0.83 23.90 48.98
N ILE C 95 -1.68 23.74 47.97
CA ILE C 95 -1.33 22.96 46.79
C ILE C 95 -0.42 23.79 45.90
N LYS C 96 0.72 23.21 45.51
CA LYS C 96 1.66 23.92 44.65
C LYS C 96 1.34 23.74 43.17
N VAL C 97 1.28 22.49 42.71
CA VAL C 97 1.14 22.18 41.30
C VAL C 97 -0.09 21.31 41.09
N LEU C 98 -0.96 21.73 40.18
CA LEU C 98 -2.12 20.94 39.77
C LEU C 98 -1.74 20.11 38.55
N ARG C 99 -1.73 18.80 38.70
CA ARG C 99 -1.34 17.88 37.64
C ARG C 99 -2.62 17.31 37.01
N LEU C 100 -3.03 17.89 35.89
CA LEU C 100 -4.24 17.51 35.20
C LEU C 100 -3.92 16.63 34.00
N ASN C 101 -4.92 16.35 33.17
CA ASN C 101 -4.74 15.54 31.98
C ASN C 101 -5.26 16.28 30.75
N SER C 102 -5.37 15.59 29.62
CA SER C 102 -5.72 16.22 28.35
C SER C 102 -7.13 16.79 28.33
N ASN C 103 -7.91 16.67 29.40
CA ASN C 103 -9.24 17.27 29.41
C ASN C 103 -9.19 18.78 29.34
N MET C 104 -8.28 19.40 30.10
CA MET C 104 -8.24 20.84 30.27
C MET C 104 -7.46 21.55 29.16
N VAL C 105 -6.84 20.82 28.24
CA VAL C 105 -6.06 21.46 27.20
C VAL C 105 -6.93 22.36 26.33
N GLY C 106 -8.15 21.92 26.04
CA GLY C 106 -9.04 22.71 25.22
C GLY C 106 -9.73 23.85 25.93
N LYS C 107 -9.53 23.99 27.24
CA LYS C 107 -10.16 25.06 28.00
C LYS C 107 -9.30 26.30 28.12
N ILE C 108 -7.98 26.15 28.11
CA ILE C 108 -7.06 27.25 28.33
C ILE C 108 -6.35 27.57 27.02
N TRP C 109 -5.61 28.68 27.02
CA TRP C 109 -4.91 29.14 25.83
C TRP C 109 -3.68 28.27 25.58
N ILE C 110 -3.50 27.85 24.33
CA ILE C 110 -2.39 26.99 23.95
C ILE C 110 -1.67 27.64 22.77
N PRO C 111 -0.34 27.71 22.78
CA PRO C 111 0.37 28.26 21.62
C PRO C 111 0.13 27.43 20.37
N ASP C 112 0.06 28.12 19.23
CA ASP C 112 -0.23 27.49 17.94
C ASP C 112 1.05 27.13 17.21
N THR C 113 1.87 26.31 17.88
CA THR C 113 3.13 25.88 17.31
C THR C 113 2.91 24.84 16.22
N PHE C 114 3.62 24.98 15.12
CA PHE C 114 3.58 24.02 14.03
C PHE C 114 4.99 23.86 13.47
N PHE C 115 5.20 22.77 12.73
CA PHE C 115 6.50 22.44 12.18
C PHE C 115 6.54 22.81 10.71
N ARG C 116 7.45 23.72 10.35
CA ARG C 116 7.39 24.37 9.05
C ARG C 116 7.67 23.39 7.91
N ASN C 117 8.63 22.50 8.08
CA ASN C 117 9.04 21.59 7.02
C ASN C 117 8.34 20.23 7.12
N SER C 118 7.34 20.10 7.98
CA SER C 118 6.65 18.82 8.13
C SER C 118 5.83 18.50 6.89
N LYS C 119 5.83 17.22 6.52
CA LYS C 119 4.97 16.72 5.45
C LYS C 119 3.68 16.14 5.99
N LYS C 120 3.76 15.35 7.06
CA LYS C 120 2.59 14.68 7.62
C LYS C 120 2.92 14.33 9.07
N ALA C 121 2.24 14.97 10.01
CA ALA C 121 2.47 14.75 11.43
C ALA C 121 1.15 14.51 12.13
N ASP C 122 1.19 13.66 13.16
CA ASP C 122 0.00 13.36 13.94
C ASP C 122 0.39 13.10 15.38
N ALA C 123 -0.48 13.51 16.31
CA ALA C 123 -0.32 13.12 17.70
C ALA C 123 -0.89 11.72 17.91
N HIS C 124 -0.56 11.13 19.05
CA HIS C 124 -0.97 9.78 19.37
C HIS C 124 -2.22 9.82 20.24
N TRP C 125 -3.14 8.90 19.99
CA TRP C 125 -4.47 8.94 20.62
C TRP C 125 -4.88 7.62 21.24
N ILE C 126 -3.92 6.74 21.57
CA ILE C 126 -4.20 5.48 22.22
C ILE C 126 -3.47 5.47 23.56
N THR C 127 -4.18 5.19 24.64
CA THR C 127 -5.61 4.91 24.62
C THR C 127 -6.43 6.19 24.74
N THR C 128 -5.76 7.25 25.15
CA THR C 128 -6.32 8.59 25.26
C THR C 128 -5.36 9.55 24.59
N PRO C 129 -5.76 10.80 24.37
CA PRO C 129 -4.81 11.79 23.87
C PRO C 129 -3.55 11.84 24.72
N ASN C 130 -2.41 11.65 24.08
CA ASN C 130 -1.13 11.59 24.79
C ASN C 130 -0.64 13.02 25.07
N ARG C 131 -1.31 13.65 26.01
CA ARG C 131 -1.03 15.03 26.38
C ARG C 131 -0.95 15.16 27.89
N MET C 132 -0.18 16.15 28.34
CA MET C 132 0.06 16.40 29.76
C MET C 132 -0.06 17.89 30.03
N LEU C 133 -0.72 18.24 31.13
CA LEU C 133 -0.89 19.64 31.51
C LEU C 133 -0.69 19.77 33.02
N ARG C 134 0.31 20.55 33.42
CA ARG C 134 0.57 20.81 34.83
C ARG C 134 0.61 22.31 35.05
N ILE C 135 -0.10 22.78 36.06
CA ILE C 135 -0.22 24.20 36.37
C ILE C 135 0.34 24.45 37.77
N TRP C 136 1.28 25.39 37.88
CA TRP C 136 1.82 25.78 39.17
C TRP C 136 1.03 26.94 39.77
N ASN C 137 1.32 27.23 41.03
CA ASN C 137 0.54 28.25 41.74
C ASN C 137 0.84 29.65 41.22
N ASP C 138 2.06 29.91 40.75
CA ASP C 138 2.41 31.24 40.27
C ASP C 138 1.92 31.50 38.85
N GLY C 139 1.37 30.49 38.18
CA GLY C 139 0.84 30.65 36.84
C GLY C 139 1.61 29.92 35.76
N ARG C 140 2.75 29.33 36.09
CA ARG C 140 3.52 28.60 35.09
C ARG C 140 2.73 27.39 34.58
N VAL C 141 2.76 27.18 33.27
CA VAL C 141 2.02 26.11 32.62
C VAL C 141 3.01 25.25 31.84
N LEU C 142 2.92 23.93 32.05
CA LEU C 142 3.68 22.96 31.28
C LEU C 142 2.73 22.15 30.42
N TYR C 143 2.98 22.13 29.11
CA TYR C 143 2.12 21.44 28.15
C TYR C 143 2.99 20.54 27.31
N THR C 144 2.75 19.24 27.39
CA THR C 144 3.59 18.24 26.74
C THR C 144 2.70 17.29 25.94
N LEU C 145 3.17 16.92 24.75
CA LEU C 145 2.44 15.99 23.91
C LEU C 145 3.44 15.20 23.07
N ARG C 146 3.00 14.05 22.58
CA ARG C 146 3.83 13.10 21.86
C ARG C 146 3.48 13.14 20.38
N LEU C 147 4.49 13.34 19.53
CA LEU C 147 4.28 13.59 18.11
C LEU C 147 5.15 12.69 17.25
N THR C 148 4.60 12.29 16.11
CA THR C 148 5.34 11.57 15.08
C THR C 148 5.31 12.42 13.82
N ILE C 149 6.47 12.86 13.36
CA ILE C 149 6.58 13.84 12.28
C ILE C 149 7.41 13.23 11.16
N ASP C 150 6.88 13.32 9.93
CA ASP C 150 7.65 13.01 8.73
C ASP C 150 8.07 14.34 8.11
N ALA C 151 9.31 14.72 8.35
CA ALA C 151 9.80 16.04 7.93
C ALA C 151 10.45 15.97 6.57
N GLU C 152 10.73 17.14 6.01
CA GLU C 152 11.32 17.26 4.68
C GLU C 152 12.81 17.56 4.82
N CYS C 153 13.63 16.75 4.16
CA CYS C 153 15.08 16.89 4.20
C CYS C 153 15.62 16.70 2.79
N GLN C 154 16.04 17.78 2.15
CA GLN C 154 16.60 17.71 0.80
C GLN C 154 18.02 17.17 0.87
N LEU C 155 18.29 16.10 0.13
CA LEU C 155 19.57 15.41 0.18
C LEU C 155 20.37 15.69 -1.07
N GLN C 156 21.64 16.08 -0.89
CA GLN C 156 22.57 16.20 -2.00
C GLN C 156 23.31 14.87 -2.15
N LEU C 157 23.09 14.20 -3.29
CA LEU C 157 23.58 12.84 -3.50
C LEU C 157 24.72 12.79 -4.51
N HIS C 158 25.59 13.80 -4.50
CA HIS C 158 26.73 13.79 -5.41
C HIS C 158 27.79 12.80 -4.98
N ASN C 159 27.97 12.60 -3.68
CA ASN C 159 28.97 11.68 -3.16
C ASN C 159 28.37 10.36 -2.71
N PHE C 160 27.10 10.11 -3.02
CA PHE C 160 26.45 8.86 -2.64
C PHE C 160 27.22 7.68 -3.20
N PRO C 161 27.44 6.62 -2.41
CA PRO C 161 26.97 6.38 -1.04
C PRO C 161 27.94 6.83 0.06
N MET C 162 28.71 7.89 -0.15
CA MET C 162 29.63 8.41 0.86
C MET C 162 29.26 9.84 1.23
N ASP C 163 27.98 10.09 1.42
CA ASP C 163 27.43 11.42 1.62
C ASP C 163 27.10 11.67 3.08
N GLU C 164 27.04 12.96 3.43
CA GLU C 164 26.67 13.41 4.77
C GLU C 164 25.59 14.47 4.64
N HIS C 165 24.62 14.43 5.54
CA HIS C 165 23.47 15.33 5.49
C HIS C 165 23.19 15.92 6.86
N SER C 166 22.55 17.09 6.86
CA SER C 166 22.11 17.76 8.08
C SER C 166 20.62 18.01 7.94
N CYS C 167 19.80 17.06 8.40
CA CYS C 167 18.36 17.16 8.27
C CYS C 167 17.80 18.07 9.35
N PRO C 168 17.05 19.12 9.01
CA PRO C 168 16.56 20.05 10.01
C PRO C 168 15.17 19.68 10.53
N LEU C 169 14.74 20.44 11.54
CA LEU C 169 13.39 20.34 12.08
C LEU C 169 13.04 21.72 12.61
N GLU C 170 12.26 22.47 11.83
CA GLU C 170 11.96 23.87 12.13
C GLU C 170 10.53 23.99 12.61
N PHE C 171 10.33 24.71 13.71
CA PHE C 171 8.98 25.00 14.19
C PHE C 171 8.89 26.44 14.62
N SER C 172 7.71 27.02 14.43
CA SER C 172 7.45 28.41 14.76
C SER C 172 5.98 28.54 15.17
N SER C 173 5.50 29.77 15.24
CA SER C 173 4.10 30.06 15.53
C SER C 173 3.41 30.49 14.25
N TYR C 174 2.28 29.86 13.94
CA TYR C 174 1.62 30.12 12.67
C TYR C 174 1.09 31.54 12.57
N GLY C 175 0.48 32.05 13.64
CA GLY C 175 -0.22 33.31 13.54
C GLY C 175 0.31 34.46 14.38
N TYR C 176 1.22 34.18 15.30
CA TYR C 176 1.72 35.19 16.22
C TYR C 176 3.10 35.65 15.82
N PRO C 177 3.28 36.91 15.41
CA PRO C 177 4.61 37.39 15.05
C PRO C 177 5.52 37.54 16.27
N ARG C 178 6.73 38.04 16.04
CA ARG C 178 7.70 38.17 17.13
C ARG C 178 7.28 39.18 18.19
N GLU C 179 6.27 40.01 17.90
CA GLU C 179 5.76 40.94 18.88
C GLU C 179 4.76 40.31 19.84
N GLU C 180 4.38 39.05 19.62
CA GLU C 180 3.41 38.40 20.47
C GLU C 180 3.92 37.10 21.10
N ILE C 181 4.66 36.28 20.35
CA ILE C 181 5.20 35.04 20.86
C ILE C 181 6.69 34.99 20.58
N VAL C 182 7.48 34.67 21.60
CA VAL C 182 8.92 34.49 21.47
C VAL C 182 9.27 33.10 21.99
N TYR C 183 10.07 32.37 21.23
CA TYR C 183 10.48 31.02 21.57
C TYR C 183 11.93 31.02 22.03
N GLN C 184 12.26 30.06 22.89
CA GLN C 184 13.59 29.99 23.47
C GLN C 184 13.88 28.56 23.91
N TRP C 185 15.04 28.04 23.53
CA TRP C 185 15.47 26.76 24.04
C TRP C 185 15.79 26.86 25.53
N LYS C 186 15.56 25.76 26.25
CA LYS C 186 15.95 25.70 27.65
C LYS C 186 17.44 25.37 27.73
N ARG C 187 17.92 25.07 28.93
CA ARG C 187 19.36 24.87 29.12
C ARG C 187 19.87 23.68 28.31
N SER C 188 19.23 22.52 28.47
CA SER C 188 19.58 21.30 27.73
C SER C 188 18.28 20.81 27.10
N SER C 189 17.98 21.33 25.91
CA SER C 189 16.64 21.16 25.34
C SER C 189 16.47 19.82 24.66
N VAL C 190 17.25 19.57 23.61
CA VAL C 190 17.10 18.35 22.82
C VAL C 190 17.82 17.22 23.54
N GLU C 191 17.09 16.16 23.87
CA GLU C 191 17.63 15.03 24.61
C GLU C 191 17.38 13.75 23.83
N VAL C 192 18.38 12.88 23.80
CA VAL C 192 18.26 11.56 23.19
C VAL C 192 18.55 10.52 24.25
N GLY C 193 17.98 9.33 24.07
CA GLY C 193 18.23 8.25 24.98
C GLY C 193 19.27 7.30 24.43
N ASP C 194 18.81 6.18 23.87
CA ASP C 194 19.69 5.24 23.18
C ASP C 194 19.82 5.69 21.73
N THR C 195 20.99 6.21 21.38
CA THR C 195 21.18 6.76 20.04
C THR C 195 21.06 5.69 18.96
N ARG C 196 21.65 4.52 19.20
CA ARG C 196 21.66 3.48 18.16
C ARG C 196 20.34 2.72 18.08
N SER C 197 19.50 2.83 19.11
CA SER C 197 18.24 2.09 19.13
C SER C 197 17.28 2.63 18.07
N TRP C 198 17.63 3.77 17.48
CA TRP C 198 16.83 4.36 16.42
C TRP C 198 16.85 3.47 15.18
N ARG C 199 15.87 3.69 14.31
CA ARG C 199 15.71 2.88 13.10
C ARG C 199 16.67 3.27 11.99
N LEU C 200 17.76 3.99 12.29
CA LEU C 200 18.74 4.33 11.27
C LEU C 200 19.52 3.07 10.88
N TYR C 201 19.23 2.55 9.70
CA TYR C 201 19.93 1.37 9.18
C TYR C 201 21.15 1.76 8.36
N GLN C 202 20.96 2.65 7.39
CA GLN C 202 22.03 3.07 6.49
C GLN C 202 22.79 4.29 6.99
N PHE C 203 22.36 4.90 8.08
CA PHE C 203 22.97 6.14 8.57
C PHE C 203 23.39 5.97 10.02
N SER C 204 24.35 6.78 10.43
CA SER C 204 24.80 6.84 11.81
C SER C 204 24.69 8.27 12.29
N PHE C 205 23.95 8.48 13.37
CA PHE C 205 23.75 9.82 13.91
C PHE C 205 25.06 10.34 14.48
N VAL C 206 25.48 11.52 14.04
CA VAL C 206 26.75 12.09 14.45
C VAL C 206 26.56 13.06 15.60
N GLY C 207 25.78 14.11 15.37
CA GLY C 207 25.55 15.11 16.40
C GLY C 207 24.35 15.96 16.06
N LEU C 208 23.99 16.84 16.99
CA LEU C 208 22.84 17.71 16.83
C LEU C 208 23.21 19.14 17.19
N ARG C 209 22.64 20.09 16.45
CA ARG C 209 22.76 21.51 16.73
C ARG C 209 21.37 22.09 16.81
N ASN C 210 21.17 23.04 17.72
CA ASN C 210 19.89 23.74 17.81
C ASN C 210 20.14 25.25 17.76
N THR C 211 19.43 25.93 16.88
CA THR C 211 19.62 27.34 16.62
C THR C 211 18.31 28.10 16.86
N THR C 212 18.38 29.42 16.70
CA THR C 212 17.23 30.30 16.89
C THR C 212 17.41 31.51 16.00
N GLU C 213 16.44 31.76 15.12
CA GLU C 213 16.51 32.90 14.21
C GLU C 213 15.11 33.47 14.02
N VAL C 214 15.02 34.54 13.23
CA VAL C 214 13.76 35.20 12.91
C VAL C 214 13.58 35.17 11.41
N VAL C 215 12.42 34.68 10.96
CA VAL C 215 12.11 34.55 9.54
C VAL C 215 11.02 35.58 9.21
N LYS C 216 11.27 36.39 8.19
CA LYS C 216 10.36 37.44 7.78
C LYS C 216 9.48 36.91 6.65
N THR C 217 8.20 36.74 6.93
CA THR C 217 7.23 36.31 5.93
C THR C 217 6.42 37.52 5.46
N THR C 218 5.38 37.26 4.67
CA THR C 218 4.59 38.33 4.08
C THR C 218 3.62 38.98 5.06
N SER C 219 3.37 38.36 6.22
CA SER C 219 2.40 38.87 7.18
C SER C 219 3.01 39.06 8.57
N GLY C 220 4.33 39.30 8.62
CA GLY C 220 4.99 39.56 9.88
C GLY C 220 6.31 38.83 10.03
N ASP C 221 7.02 39.09 11.12
CA ASP C 221 8.28 38.43 11.43
C ASP C 221 8.05 37.38 12.50
N TYR C 222 8.46 36.15 12.23
CA TYR C 222 8.21 35.02 13.10
C TYR C 222 9.53 34.42 13.60
N VAL C 223 9.49 33.92 14.82
CA VAL C 223 10.66 33.31 15.45
C VAL C 223 10.66 31.81 15.12
N VAL C 224 11.73 31.33 14.49
CA VAL C 224 11.84 29.96 14.05
C VAL C 224 12.93 29.27 14.85
N MET C 225 12.58 28.14 15.44
CA MET C 225 13.53 27.29 16.15
C MET C 225 13.85 26.07 15.31
N SER C 226 15.14 25.75 15.21
CA SER C 226 15.58 24.67 14.34
C SER C 226 16.43 23.67 15.11
N VAL C 227 16.25 22.40 14.79
CA VAL C 227 17.12 21.33 15.28
C VAL C 227 17.70 20.63 14.06
N TYR C 228 19.02 20.54 14.00
CA TYR C 228 19.72 19.93 12.88
C TYR C 228 20.33 18.61 13.35
N PHE C 229 20.06 17.54 12.61
CA PHE C 229 20.64 16.23 12.87
C PHE C 229 21.65 15.92 11.78
N ASP C 230 22.89 15.70 12.17
CA ASP C 230 23.95 15.36 11.23
C ASP C 230 24.01 13.85 11.05
N LEU C 231 24.04 13.40 9.80
CA LEU C 231 24.02 11.98 9.49
C LEU C 231 25.20 11.63 8.58
N SER C 232 25.67 10.39 8.70
CA SER C 232 26.69 9.84 7.83
C SER C 232 26.24 8.47 7.35
N ARG C 233 26.24 8.27 6.03
CA ARG C 233 25.77 7.01 5.48
C ARG C 233 26.76 5.89 5.77
N ARG C 234 26.22 4.68 5.92
CA ARG C 234 27.01 3.49 6.19
C ARG C 234 27.31 2.77 4.89
N MET C 235 28.60 2.52 4.63
CA MET C 235 29.06 1.95 3.38
C MET C 235 28.85 0.43 3.31
N GLY C 236 28.50 -0.22 4.42
CA GLY C 236 28.52 -1.67 4.45
C GLY C 236 27.55 -2.31 3.49
N TYR C 237 26.33 -1.76 3.38
CA TYR C 237 25.31 -2.38 2.56
C TYR C 237 25.69 -2.38 1.08
N PHE C 238 26.26 -1.27 0.60
CA PHE C 238 26.51 -1.13 -0.83
C PHE C 238 27.70 -1.96 -1.28
N THR C 239 28.65 -2.24 -0.40
CA THR C 239 29.74 -3.14 -0.75
C THR C 239 29.21 -4.54 -1.03
N ILE C 240 28.28 -5.01 -0.21
CA ILE C 240 27.64 -6.30 -0.46
C ILE C 240 26.78 -6.23 -1.72
N GLN C 241 26.10 -5.11 -1.93
CA GLN C 241 25.07 -5.00 -2.96
C GLN C 241 25.64 -4.68 -4.34
N THR C 242 26.50 -3.67 -4.44
CA THR C 242 26.92 -3.18 -5.75
C THR C 242 28.42 -3.30 -6.00
N TYR C 243 29.26 -2.88 -5.06
CA TYR C 243 30.69 -2.78 -5.36
C TYR C 243 31.32 -4.16 -5.58
N ILE C 244 31.04 -5.11 -4.69
CA ILE C 244 31.61 -6.45 -4.83
C ILE C 244 31.09 -7.15 -6.10
N PRO C 245 29.78 -7.17 -6.37
CA PRO C 245 29.35 -7.81 -7.64
C PRO C 245 29.96 -7.19 -8.88
N CYS C 246 30.11 -5.86 -8.91
CA CYS C 246 30.71 -5.22 -10.07
C CYS C 246 32.19 -5.54 -10.18
N THR C 247 32.88 -5.63 -9.04
CA THR C 247 34.30 -5.99 -9.07
C THR C 247 34.50 -7.41 -9.56
N LEU C 248 33.63 -8.33 -9.15
CA LEU C 248 33.78 -9.73 -9.55
C LEU C 248 33.46 -9.93 -11.02
N ILE C 249 32.59 -9.11 -11.59
CA ILE C 249 32.31 -9.21 -13.02
C ILE C 249 33.51 -8.75 -13.84
N VAL C 250 34.19 -7.70 -13.38
CA VAL C 250 35.39 -7.23 -14.07
C VAL C 250 36.47 -8.31 -14.03
N VAL C 251 36.67 -8.92 -12.86
CA VAL C 251 37.64 -10.00 -12.73
C VAL C 251 37.23 -11.20 -13.57
N LEU C 252 35.93 -11.41 -13.75
CA LEU C 252 35.47 -12.51 -14.59
C LEU C 252 35.94 -12.37 -16.02
N SER C 253 35.92 -11.15 -16.56
CA SER C 253 36.31 -10.93 -17.94
C SER C 253 37.81 -11.08 -18.15
N TRP C 254 38.62 -10.95 -17.11
CA TRP C 254 40.05 -11.14 -17.25
C TRP C 254 40.41 -12.61 -17.47
N VAL C 255 39.49 -13.54 -17.20
CA VAL C 255 39.73 -14.94 -17.50
C VAL C 255 39.88 -15.15 -18.99
N SER C 256 39.23 -14.31 -19.79
CA SER C 256 39.26 -14.46 -21.24
C SER C 256 40.67 -14.37 -21.80
N PHE C 257 41.58 -13.68 -21.11
CA PHE C 257 42.93 -13.51 -21.61
C PHE C 257 43.77 -14.77 -21.50
N TRP C 258 43.42 -15.69 -20.60
CA TRP C 258 44.16 -16.94 -20.45
C TRP C 258 43.56 -18.09 -21.24
N ILE C 259 42.51 -17.85 -22.01
CA ILE C 259 41.91 -18.86 -22.87
C ILE C 259 42.54 -18.73 -24.25
N ASN C 260 42.74 -19.87 -24.91
CA ASN C 260 43.38 -19.88 -26.21
C ASN C 260 42.59 -19.04 -27.21
N LYS C 261 43.32 -18.31 -28.06
CA LYS C 261 42.69 -17.41 -29.02
C LYS C 261 41.87 -18.14 -30.07
N ASP C 262 42.17 -19.42 -30.32
CA ASP C 262 41.44 -20.16 -31.35
C ASP C 262 40.01 -20.47 -30.92
N ALA C 263 39.75 -20.53 -29.62
CA ALA C 263 38.41 -20.83 -29.10
C ALA C 263 37.55 -19.58 -29.24
N VAL C 264 37.10 -19.32 -30.48
CA VAL C 264 36.33 -18.11 -30.75
C VAL C 264 35.00 -18.08 -29.99
N PRO C 265 34.17 -19.14 -30.01
CA PRO C 265 32.93 -19.07 -29.22
C PRO C 265 33.17 -18.98 -27.73
N ALA C 266 34.27 -19.54 -27.23
CA ALA C 266 34.51 -19.53 -25.80
C ALA C 266 34.84 -18.13 -25.30
N ARG C 267 35.72 -17.41 -26.02
CA ARG C 267 36.13 -16.10 -25.57
C ARG C 267 35.13 -15.00 -25.91
N THR C 268 34.09 -15.31 -26.68
CA THR C 268 33.05 -14.33 -26.94
C THR C 268 31.91 -14.43 -25.93
N SER C 269 31.49 -15.65 -25.59
CA SER C 269 30.46 -15.81 -24.58
C SER C 269 30.92 -15.27 -23.23
N LEU C 270 32.18 -15.54 -22.87
CA LEU C 270 32.74 -14.98 -21.66
C LEU C 270 32.82 -13.45 -21.72
N GLY C 271 32.75 -12.87 -22.92
CA GLY C 271 32.84 -11.44 -23.08
C GLY C 271 31.50 -10.75 -23.27
N ILE C 272 30.60 -11.38 -24.03
CA ILE C 272 29.29 -10.79 -24.25
C ILE C 272 28.45 -10.81 -22.98
N THR C 273 28.58 -11.88 -22.19
CA THR C 273 27.76 -11.99 -20.98
C THR C 273 28.15 -10.95 -19.93
N THR C 274 29.45 -10.71 -19.75
CA THR C 274 29.89 -9.76 -18.74
C THR C 274 29.41 -8.36 -19.05
N VAL C 275 29.41 -7.97 -20.33
CA VAL C 275 28.90 -6.66 -20.71
C VAL C 275 27.41 -6.57 -20.42
N LEU C 276 26.65 -7.62 -20.77
CA LEU C 276 25.22 -7.61 -20.50
C LEU C 276 24.94 -7.66 -19.01
N THR C 277 25.73 -8.43 -18.25
CA THR C 277 25.55 -8.48 -16.80
C THR C 277 25.86 -7.13 -16.16
N MET C 278 26.90 -6.45 -16.64
CA MET C 278 27.25 -5.15 -16.10
C MET C 278 26.13 -4.14 -16.33
N THR C 279 25.39 -4.28 -17.43
CA THR C 279 24.22 -3.44 -17.64
C THR C 279 23.14 -3.74 -16.61
N THR C 280 22.95 -5.01 -16.27
CA THR C 280 21.92 -5.38 -15.30
C THR C 280 22.22 -4.78 -13.93
N LEU C 281 23.48 -4.83 -13.50
CA LEU C 281 23.83 -4.27 -12.20
C LEU C 281 23.69 -2.76 -12.17
N SER C 282 23.88 -2.10 -13.31
CA SER C 282 23.82 -0.64 -13.35
C SER C 282 22.42 -0.13 -13.01
N THR C 283 21.39 -0.81 -13.50
CA THR C 283 20.02 -0.38 -13.22
C THR C 283 19.60 -0.68 -11.79
N ILE C 284 20.04 -1.83 -11.26
CA ILE C 284 19.67 -2.20 -9.90
C ILE C 284 20.23 -1.21 -8.89
N ALA C 285 21.48 -0.80 -9.09
CA ALA C 285 22.13 0.13 -8.16
C ALA C 285 21.49 1.51 -8.16
N ARG C 286 20.68 1.83 -9.17
CA ARG C 286 20.06 3.14 -9.28
C ARG C 286 18.63 3.18 -8.75
N LYS C 287 18.11 2.04 -8.27
CA LYS C 287 16.74 2.03 -7.77
C LYS C 287 16.62 2.75 -6.43
N SER C 288 17.66 2.69 -5.60
CA SER C 288 17.61 3.33 -4.29
C SER C 288 17.53 4.85 -4.40
N LEU C 289 18.20 5.43 -5.38
CA LEU C 289 18.25 6.87 -5.50
C LEU C 289 16.98 7.43 -6.17
N PRO C 290 16.65 8.69 -5.90
CA PRO C 290 15.63 9.36 -6.72
C PRO C 290 16.18 9.68 -8.09
N LYS C 291 15.26 9.97 -9.02
CA LYS C 291 15.66 10.21 -10.40
C LYS C 291 16.32 11.57 -10.56
N VAL C 292 17.54 11.71 -10.04
CA VAL C 292 18.29 12.94 -10.19
C VAL C 292 19.03 12.93 -11.53
N SER C 293 19.48 14.12 -11.94
CA SER C 293 20.09 14.30 -13.26
C SER C 293 21.57 14.63 -13.16
N TYR C 294 22.25 14.12 -12.15
CA TYR C 294 23.70 14.28 -12.03
C TYR C 294 24.32 12.94 -11.69
N VAL C 295 25.62 12.84 -11.96
CA VAL C 295 26.36 11.59 -11.77
C VAL C 295 26.81 11.52 -10.32
N THR C 296 26.44 10.43 -9.64
CA THR C 296 26.86 10.21 -8.27
C THR C 296 28.20 9.49 -8.26
N ALA C 297 28.70 9.19 -7.05
CA ALA C 297 29.93 8.42 -6.94
C ALA C 297 29.69 6.96 -7.31
N MET C 298 28.50 6.45 -7.06
CA MET C 298 28.16 5.09 -7.45
C MET C 298 28.15 4.95 -8.97
N ASP C 299 27.59 5.93 -9.68
CA ASP C 299 27.54 5.87 -11.13
C ASP C 299 28.92 5.98 -11.75
N LEU C 300 29.82 6.73 -11.13
CA LEU C 300 31.17 6.86 -11.67
C LEU C 300 31.93 5.54 -11.57
N PHE C 301 31.69 4.76 -10.52
CA PHE C 301 32.34 3.46 -10.40
C PHE C 301 31.74 2.47 -11.38
N VAL C 302 30.43 2.45 -11.52
CA VAL C 302 29.77 1.52 -12.44
C VAL C 302 30.15 1.83 -13.88
N SER C 303 30.19 3.11 -14.26
CA SER C 303 30.53 3.47 -15.62
C SER C 303 31.96 3.07 -15.97
N VAL C 304 32.89 3.24 -15.03
CA VAL C 304 34.27 2.83 -15.28
C VAL C 304 34.38 1.33 -15.40
N CYS C 305 33.71 0.59 -14.51
CA CYS C 305 33.70 -0.87 -14.61
C CYS C 305 33.08 -1.33 -15.91
N PHE C 306 32.15 -0.55 -16.48
CA PHE C 306 31.61 -0.89 -17.78
C PHE C 306 32.66 -0.73 -18.87
N ILE C 307 33.54 0.27 -18.74
CA ILE C 307 34.58 0.49 -19.74
C ILE C 307 35.54 -0.68 -19.77
N PHE C 308 35.84 -1.26 -18.60
CA PHE C 308 36.83 -2.33 -18.54
C PHE C 308 36.31 -3.60 -19.21
N VAL C 309 35.06 -3.98 -18.94
CA VAL C 309 34.52 -5.18 -19.58
C VAL C 309 34.31 -4.94 -21.07
N PHE C 310 33.88 -3.73 -21.44
CA PHE C 310 33.69 -3.43 -22.85
C PHE C 310 35.00 -3.40 -23.61
N SER C 311 36.06 -2.89 -22.97
CA SER C 311 37.35 -2.82 -23.65
C SER C 311 38.00 -4.18 -23.77
N ALA C 312 37.70 -5.11 -22.85
CA ALA C 312 38.23 -6.46 -22.98
C ALA C 312 37.69 -7.16 -24.22
N LEU C 313 36.39 -7.03 -24.48
CA LEU C 313 35.81 -7.64 -25.68
C LEU C 313 36.39 -7.02 -26.95
N VAL C 314 36.57 -5.70 -26.96
CA VAL C 314 37.19 -5.05 -28.10
C VAL C 314 38.64 -5.48 -28.25
N GLU C 315 39.31 -5.79 -27.13
CA GLU C 315 40.68 -6.30 -27.20
C GLU C 315 40.74 -7.63 -27.94
N TYR C 316 39.77 -8.52 -27.68
CA TYR C 316 39.74 -9.79 -28.38
C TYR C 316 39.39 -9.60 -29.85
N GLY C 317 38.46 -8.71 -30.15
CA GLY C 317 38.10 -8.46 -31.53
C GLY C 317 39.28 -7.95 -32.35
N THR C 318 40.08 -7.07 -31.78
CA THR C 318 41.32 -6.66 -32.42
C THR C 318 42.28 -7.84 -32.52
N LEU C 319 42.36 -8.65 -31.47
CA LEU C 319 43.22 -9.83 -31.49
C LEU C 319 42.76 -10.83 -32.55
N HIS C 320 41.45 -11.09 -32.62
CA HIS C 320 40.94 -12.08 -33.56
C HIS C 320 41.18 -11.65 -35.00
N TYR C 321 41.01 -10.36 -35.29
CA TYR C 321 41.20 -9.85 -36.64
C TYR C 321 42.65 -9.94 -37.10
N PHE C 322 43.60 -9.98 -36.17
CA PHE C 322 45.02 -10.04 -36.50
C PHE C 322 45.60 -11.44 -36.43
N VAL C 323 44.78 -12.47 -36.17
CA VAL C 323 45.30 -13.81 -35.99
C VAL C 323 45.94 -14.32 -37.28
N SER C 324 45.21 -14.22 -38.40
CA SER C 324 45.71 -14.79 -39.65
C SER C 324 46.82 -13.94 -40.24
N SER C 325 46.67 -12.62 -40.22
CA SER C 325 47.65 -11.75 -40.85
C SER C 325 48.99 -11.79 -40.14
N GLN C 326 48.99 -11.61 -38.82
CA GLN C 326 50.21 -11.55 -38.01
C GLN C 326 50.04 -12.44 -36.79
N PRO C 327 50.17 -13.76 -36.96
CA PRO C 327 50.03 -14.64 -35.79
C PRO C 327 51.04 -14.38 -34.69
N ALA C 328 52.26 -14.00 -35.04
CA ALA C 328 53.27 -13.71 -34.02
C ALA C 328 52.90 -12.47 -33.21
N ARG C 329 52.39 -11.43 -33.88
CA ARG C 329 51.97 -10.23 -33.18
C ARG C 329 50.82 -10.51 -32.23
N ALA C 330 49.86 -11.32 -32.67
CA ALA C 330 48.67 -11.59 -31.86
C ALA C 330 49.03 -12.23 -30.53
N ALA C 331 50.13 -12.96 -30.47
CA ALA C 331 50.56 -13.53 -29.20
C ALA C 331 50.94 -12.44 -28.20
N LYS C 332 51.60 -11.39 -28.67
CA LYS C 332 52.02 -10.32 -27.77
C LYS C 332 50.84 -9.50 -27.27
N MET C 333 49.80 -9.33 -28.10
CA MET C 333 48.65 -8.54 -27.67
C MET C 333 47.91 -9.20 -26.52
N ASP C 334 47.85 -10.53 -26.50
CA ASP C 334 47.18 -11.21 -25.41
C ASP C 334 48.02 -11.23 -24.14
N SER C 335 49.34 -11.28 -24.27
CA SER C 335 50.21 -11.25 -23.11
C SER C 335 50.11 -9.93 -22.35
N TYR C 336 50.04 -8.82 -23.09
CA TYR C 336 50.00 -7.51 -22.46
C TYR C 336 48.70 -7.31 -21.68
N ALA C 337 47.59 -7.83 -22.21
CA ALA C 337 46.32 -7.70 -21.52
C ALA C 337 46.32 -8.39 -20.16
N ARG C 338 47.16 -9.41 -19.99
CA ARG C 338 47.29 -10.05 -18.68
C ARG C 338 47.98 -9.17 -17.65
N ILE C 339 48.58 -8.06 -18.08
CA ILE C 339 49.27 -7.15 -17.18
C ILE C 339 48.65 -5.76 -17.22
N PHE C 340 48.30 -5.26 -18.40
CA PHE C 340 47.73 -3.91 -18.51
C PHE C 340 46.37 -3.82 -17.82
N PHE C 341 45.48 -4.77 -18.08
CA PHE C 341 44.14 -4.73 -17.51
C PHE C 341 44.14 -4.90 -15.98
N PRO C 342 44.83 -5.89 -15.41
CA PRO C 342 44.86 -5.98 -13.94
C PRO C 342 45.49 -4.77 -13.27
N THR C 343 46.50 -4.16 -13.89
CA THR C 343 47.12 -2.99 -13.30
C THR C 343 46.23 -1.75 -13.43
N ALA C 344 45.58 -1.60 -14.58
CA ALA C 344 44.74 -0.42 -14.79
C ALA C 344 43.57 -0.38 -13.82
N PHE C 345 42.94 -1.52 -13.57
CA PHE C 345 41.80 -1.53 -12.64
C PHE C 345 42.25 -1.32 -11.20
N CYS C 346 43.39 -1.93 -10.82
CA CYS C 346 43.90 -1.69 -9.48
C CYS C 346 44.33 -0.24 -9.29
N LEU C 347 44.73 0.42 -10.38
CA LEU C 347 45.08 1.83 -10.29
C LEU C 347 43.85 2.72 -10.20
N PHE C 348 42.76 2.34 -10.86
CA PHE C 348 41.54 3.13 -10.79
C PHE C 348 40.95 3.10 -9.39
N ASN C 349 40.99 1.95 -8.71
CA ASN C 349 40.45 1.86 -7.36
C ASN C 349 41.25 2.74 -6.40
N LEU C 350 42.57 2.79 -6.57
CA LEU C 350 43.38 3.64 -5.71
C LEU C 350 43.01 5.11 -5.88
N VAL C 351 42.81 5.55 -7.12
CA VAL C 351 42.42 6.94 -7.35
C VAL C 351 41.00 7.20 -6.88
N TYR C 352 40.09 6.25 -7.12
CA TYR C 352 38.68 6.46 -6.78
C TYR C 352 38.48 6.49 -5.27
N TRP C 353 39.02 5.50 -4.56
CA TRP C 353 38.75 5.39 -3.12
C TRP C 353 39.43 6.49 -2.33
N VAL C 354 40.63 6.91 -2.75
CA VAL C 354 41.29 8.03 -2.06
C VAL C 354 40.52 9.32 -2.27
N SER C 355 40.01 9.55 -3.49
CA SER C 355 39.33 10.80 -3.79
C SER C 355 38.07 10.97 -2.96
N TYR C 356 37.30 9.89 -2.78
CA TYR C 356 36.02 9.98 -2.10
C TYR C 356 36.09 9.68 -0.62
N LEU C 357 37.27 9.39 -0.07
CA LEU C 357 37.42 9.19 1.35
C LEU C 357 38.40 10.13 2.02
N TYR C 358 39.20 10.88 1.24
CA TYR C 358 40.16 11.80 1.82
C TYR C 358 40.22 13.13 1.08
N LEU C 359 39.37 13.34 0.07
CA LEU C 359 39.35 14.61 -0.66
C LEU C 359 37.96 15.16 -0.88
N GLY C 360 36.90 14.42 -0.57
CA GLY C 360 35.54 14.89 -0.80
C GLY C 360 35.03 14.57 -2.19
N ASP D 63 -41.64 2.49 35.23
CA ASP D 63 -40.78 3.12 36.23
C ASP D 63 -39.64 2.20 36.63
N ASN D 64 -39.58 1.03 36.00
CA ASN D 64 -38.55 0.05 36.35
C ASN D 64 -37.15 0.57 36.01
N THR D 65 -37.00 1.26 34.88
CA THR D 65 -35.70 1.79 34.51
C THR D 65 -35.51 3.22 35.01
N THR D 66 -36.53 3.79 35.67
CA THR D 66 -36.39 5.15 36.20
C THR D 66 -35.51 5.16 37.44
N VAL D 67 -35.54 4.08 38.21
CA VAL D 67 -34.67 3.99 39.39
C VAL D 67 -33.20 4.01 38.98
N PHE D 68 -32.86 3.24 37.94
CA PHE D 68 -31.47 3.21 37.48
C PHE D 68 -31.08 4.54 36.84
N THR D 69 -32.03 5.21 36.19
CA THR D 69 -31.74 6.53 35.63
C THR D 69 -31.41 7.53 36.72
N ARG D 70 -32.14 7.47 37.84
CA ARG D 70 -31.88 8.41 38.93
C ARG D 70 -30.55 8.13 39.61
N ILE D 71 -30.16 6.85 39.67
CA ILE D 71 -28.88 6.50 40.28
C ILE D 71 -27.73 7.08 39.46
N LEU D 72 -27.80 6.94 38.14
CA LEU D 72 -26.73 7.46 37.28
C LEU D 72 -26.63 8.98 37.36
N ASP D 73 -27.77 9.67 37.39
CA ASP D 73 -27.76 11.12 37.48
C ASP D 73 -27.28 11.62 38.83
N ARG D 74 -27.23 10.76 39.85
CA ARG D 74 -26.72 11.17 41.14
C ARG D 74 -25.22 10.95 41.24
N LEU D 75 -24.70 9.87 40.63
CA LEU D 75 -23.26 9.66 40.63
C LEU D 75 -22.53 10.75 39.86
N LEU D 76 -23.12 11.25 38.78
CA LEU D 76 -22.53 12.33 38.00
C LEU D 76 -22.93 13.71 38.50
N ASP D 77 -23.79 13.80 39.50
CA ASP D 77 -24.16 15.09 40.09
C ASP D 77 -22.97 15.63 40.89
N GLY D 78 -22.31 16.65 40.35
CA GLY D 78 -21.14 17.21 40.98
C GLY D 78 -19.85 16.46 40.73
N TYR D 79 -19.89 15.40 39.93
CA TYR D 79 -18.68 14.67 39.59
C TYR D 79 -17.75 15.53 38.75
N ASP D 80 -16.45 15.35 38.96
CA ASP D 80 -15.42 16.07 38.23
C ASP D 80 -14.44 15.05 37.66
N ASN D 81 -14.40 14.93 36.34
CA ASN D 81 -13.53 13.95 35.69
C ASN D 81 -12.13 14.48 35.44
N ARG D 82 -11.85 15.72 35.84
CA ARG D 82 -10.50 16.24 35.73
C ARG D 82 -9.60 15.79 36.88
N LEU D 83 -10.19 15.26 37.96
CA LEU D 83 -9.44 14.85 39.14
C LEU D 83 -9.45 13.33 39.23
N ARG D 84 -8.27 12.75 39.45
CA ARG D 84 -8.15 11.32 39.64
C ARG D 84 -8.73 10.91 40.99
N PRO D 85 -9.12 9.64 41.14
CA PRO D 85 -9.64 9.19 42.43
C PRO D 85 -8.60 9.33 43.53
N GLY D 86 -9.06 9.71 44.72
CA GLY D 86 -8.18 9.86 45.85
C GLY D 86 -7.10 10.91 45.68
N LEU D 87 -7.45 12.04 45.08
CA LEU D 87 -6.46 13.10 44.86
C LEU D 87 -6.06 13.72 46.19
N GLY D 88 -4.76 13.84 46.42
CA GLY D 88 -4.26 14.38 47.67
C GLY D 88 -4.56 13.54 48.89
N GLU D 89 -5.00 12.30 48.71
CA GLU D 89 -5.32 11.40 49.81
C GLU D 89 -4.61 10.07 49.72
N ARG D 90 -4.43 9.52 48.52
CA ARG D 90 -3.77 8.23 48.35
C ARG D 90 -3.28 8.15 46.91
N VAL D 91 -2.83 6.97 46.51
CA VAL D 91 -2.32 6.71 45.17
C VAL D 91 -3.32 5.83 44.43
N THR D 92 -3.64 6.21 43.19
CA THR D 92 -4.60 5.47 42.39
C THR D 92 -3.95 4.20 41.86
N GLU D 93 -4.43 3.05 42.29
CA GLU D 93 -3.92 1.76 41.85
C GLU D 93 -4.79 1.22 40.73
N VAL D 94 -4.16 0.81 39.64
CA VAL D 94 -4.85 0.30 38.46
C VAL D 94 -4.41 -1.13 38.22
N LYS D 95 -5.37 -2.05 38.16
CA LYS D 95 -5.11 -3.44 37.85
C LYS D 95 -5.27 -3.66 36.35
N THR D 96 -4.28 -4.27 35.73
CA THR D 96 -4.25 -4.41 34.28
C THR D 96 -4.03 -5.88 33.90
N ASP D 97 -4.67 -6.30 32.81
CA ASP D 97 -4.40 -7.58 32.20
C ASP D 97 -4.73 -7.48 30.72
N ILE D 98 -4.11 -8.36 29.94
CA ILE D 98 -4.20 -8.34 28.48
C ILE D 98 -4.66 -9.72 28.01
N PHE D 99 -5.59 -9.73 27.06
CA PHE D 99 -5.98 -10.95 26.37
C PHE D 99 -5.67 -10.76 24.89
N VAL D 100 -4.68 -11.49 24.39
CA VAL D 100 -4.26 -11.36 23.00
C VAL D 100 -5.18 -12.19 22.13
N THR D 101 -6.04 -11.53 21.35
CA THR D 101 -6.94 -12.26 20.46
C THR D 101 -6.22 -12.78 19.22
N SER D 102 -5.21 -12.06 18.74
CA SER D 102 -4.46 -12.51 17.57
C SER D 102 -3.10 -11.82 17.56
N PHE D 103 -2.04 -12.61 17.57
CA PHE D 103 -0.67 -12.08 17.50
C PHE D 103 -0.32 -11.94 16.02
N GLY D 104 -0.38 -10.71 15.51
CA GLY D 104 -0.35 -10.46 14.09
C GLY D 104 1.01 -10.68 13.46
N PRO D 105 1.13 -10.33 12.18
CA PRO D 105 2.38 -10.58 11.45
C PRO D 105 3.52 -9.70 11.96
N VAL D 106 4.73 -10.19 11.76
CA VAL D 106 5.96 -9.47 12.10
C VAL D 106 6.60 -8.99 10.81
N SER D 107 6.87 -7.68 10.75
CA SER D 107 7.46 -7.07 9.57
C SER D 107 8.94 -6.82 9.79
N ASP D 108 9.78 -7.41 8.94
CA ASP D 108 11.22 -7.22 9.05
C ASP D 108 11.64 -5.86 8.51
N HIS D 109 10.98 -5.39 7.44
CA HIS D 109 11.36 -4.11 6.84
C HIS D 109 11.15 -2.97 7.81
N ASP D 110 10.02 -2.94 8.50
CA ASP D 110 9.70 -1.88 9.43
C ASP D 110 10.19 -2.15 10.84
N MET D 111 10.68 -3.35 11.11
CA MET D 111 11.08 -3.77 12.46
C MET D 111 9.96 -3.51 13.46
N GLU D 112 8.83 -4.15 13.22
CA GLU D 112 7.64 -3.95 14.03
C GLU D 112 6.77 -5.20 13.96
N TYR D 113 5.81 -5.28 14.88
CA TYR D 113 4.84 -6.35 14.88
C TYR D 113 3.47 -5.78 15.23
N THR D 114 2.43 -6.53 14.91
CA THR D 114 1.05 -6.15 15.17
C THR D 114 0.43 -7.13 16.17
N ILE D 115 -0.53 -6.63 16.95
CA ILE D 115 -1.17 -7.44 17.97
C ILE D 115 -2.55 -6.87 18.28
N ASP D 116 -3.55 -7.75 18.33
CA ASP D 116 -4.92 -7.38 18.66
C ASP D 116 -5.27 -7.92 20.04
N VAL D 117 -5.70 -7.04 20.94
CA VAL D 117 -5.84 -7.37 22.35
C VAL D 117 -7.17 -6.88 22.89
N PHE D 118 -7.62 -7.52 23.98
CA PHE D 118 -8.59 -6.96 24.89
C PHE D 118 -7.80 -6.36 26.05
N PHE D 119 -7.86 -5.05 26.20
CA PHE D 119 -7.04 -4.34 27.19
C PHE D 119 -7.92 -3.95 28.36
N ARG D 120 -7.83 -4.70 29.46
CA ARG D 120 -8.71 -4.52 30.61
C ARG D 120 -7.96 -3.79 31.72
N GLN D 121 -8.62 -2.78 32.30
CA GLN D 121 -8.10 -2.04 33.43
C GLN D 121 -9.17 -1.97 34.51
N SER D 122 -8.73 -1.80 35.76
CA SER D 122 -9.64 -1.74 36.88
C SER D 122 -9.04 -0.90 38.00
N TRP D 123 -9.88 -0.09 38.65
CA TRP D 123 -9.46 0.75 39.75
C TRP D 123 -10.66 0.97 40.68
N LYS D 124 -10.41 1.68 41.78
CA LYS D 124 -11.43 1.99 42.77
C LYS D 124 -11.67 3.49 42.78
N ASP D 125 -12.95 3.88 42.66
CA ASP D 125 -13.35 5.28 42.70
C ASP D 125 -14.54 5.38 43.65
N GLU D 126 -14.29 5.88 44.86
CA GLU D 126 -15.33 5.93 45.88
C GLU D 126 -16.40 6.97 45.59
N ARG D 127 -16.21 7.83 44.59
CA ARG D 127 -17.26 8.75 44.18
C ARG D 127 -18.41 8.04 43.46
N LEU D 128 -18.25 6.77 43.13
CA LEU D 128 -19.23 6.02 42.35
C LEU D 128 -19.79 4.85 43.14
N LYS D 129 -20.03 5.06 44.43
CA LYS D 129 -20.67 4.04 45.27
C LYS D 129 -22.17 4.29 45.28
N PHE D 130 -22.95 3.23 45.05
CA PHE D 130 -24.38 3.35 44.92
C PHE D 130 -25.07 2.17 45.62
N LYS D 131 -26.36 2.35 45.90
CA LYS D 131 -27.20 1.31 46.45
C LYS D 131 -28.40 1.11 45.54
N GLY D 132 -28.73 -0.14 45.25
CA GLY D 132 -29.84 -0.45 44.37
C GLY D 132 -30.08 -1.93 44.23
N PRO D 133 -31.08 -2.29 43.42
CA PRO D 133 -31.40 -3.72 43.25
C PRO D 133 -30.26 -4.55 42.69
N MET D 134 -29.46 -3.98 41.80
CA MET D 134 -28.35 -4.70 41.17
C MET D 134 -27.03 -4.28 41.81
N THR D 135 -26.13 -5.24 41.95
CA THR D 135 -24.80 -4.95 42.48
C THR D 135 -23.81 -4.50 41.39
N VAL D 136 -24.16 -4.66 40.12
CA VAL D 136 -23.30 -4.25 39.01
C VAL D 136 -24.17 -3.53 37.99
N LEU D 137 -23.65 -2.44 37.45
CA LEU D 137 -24.33 -1.69 36.38
C LEU D 137 -23.49 -1.81 35.12
N ARG D 138 -23.86 -2.76 34.25
CA ARG D 138 -23.17 -2.96 32.98
C ARG D 138 -23.67 -1.90 32.01
N LEU D 139 -22.98 -0.76 32.00
CA LEU D 139 -23.44 0.44 31.33
C LEU D 139 -22.86 0.55 29.93
N ASN D 140 -23.45 1.46 29.15
CA ASN D 140 -22.95 1.77 27.82
C ASN D 140 -21.58 2.43 27.92
N ASN D 141 -20.74 2.20 26.89
CA ASN D 141 -19.42 2.81 26.88
C ASN D 141 -19.47 4.32 26.71
N LEU D 142 -20.64 4.87 26.36
CA LEU D 142 -20.81 6.33 26.35
C LEU D 142 -20.63 6.92 27.74
N MET D 143 -20.94 6.14 28.78
CA MET D 143 -20.76 6.60 30.15
C MET D 143 -19.29 6.78 30.50
N ALA D 144 -18.40 6.03 29.84
CA ALA D 144 -16.99 6.04 30.20
C ALA D 144 -16.32 7.39 29.96
N SER D 145 -16.86 8.22 29.07
CA SER D 145 -16.27 9.51 28.78
C SER D 145 -16.69 10.60 29.77
N LYS D 146 -17.64 10.32 30.65
CA LYS D 146 -18.07 11.28 31.65
C LYS D 146 -17.39 11.10 33.00
N ILE D 147 -16.56 10.06 33.15
CA ILE D 147 -15.85 9.81 34.39
C ILE D 147 -14.36 9.78 34.11
N TRP D 148 -13.55 9.51 35.14
CA TRP D 148 -12.11 9.51 35.01
C TRP D 148 -11.62 8.13 34.59
N THR D 149 -10.79 8.08 33.56
CA THR D 149 -10.15 6.86 33.10
C THR D 149 -8.65 7.10 32.97
N PRO D 150 -7.84 6.07 33.20
CA PRO D 150 -6.39 6.25 33.10
C PRO D 150 -5.94 6.62 31.69
N ASP D 151 -4.86 7.39 31.62
CA ASP D 151 -4.30 7.82 30.33
C ASP D 151 -3.12 6.93 29.94
N THR D 152 -3.42 5.64 29.76
CA THR D 152 -2.40 4.66 29.43
C THR D 152 -2.00 4.78 27.97
N PHE D 153 -0.69 4.78 27.71
CA PHE D 153 -0.16 4.79 26.35
C PHE D 153 0.98 3.78 26.27
N PHE D 154 1.31 3.40 25.04
CA PHE D 154 2.32 2.39 24.79
C PHE D 154 3.64 3.07 24.45
N HIS D 155 4.67 2.82 25.28
CA HIS D 155 5.92 3.56 25.16
C HIS D 155 6.60 3.30 23.82
N ASN D 156 6.61 2.05 23.37
CA ASN D 156 7.13 1.72 22.06
C ASN D 156 6.02 1.52 21.04
N GLY D 157 4.89 2.21 21.23
CA GLY D 157 3.76 2.03 20.34
C GLY D 157 3.83 2.95 19.14
N LYS D 158 3.68 2.36 17.97
CA LYS D 158 3.54 3.10 16.72
C LYS D 158 2.06 3.36 16.47
N LYS D 159 1.70 3.71 15.24
CA LYS D 159 0.31 4.00 14.88
C LYS D 159 -0.57 2.83 15.31
N SER D 160 -1.45 3.09 16.28
CA SER D 160 -2.36 2.09 16.81
C SER D 160 -3.80 2.47 16.45
N VAL D 161 -4.71 1.52 16.67
CA VAL D 161 -6.10 1.66 16.28
C VAL D 161 -6.98 1.26 17.45
N ALA D 162 -7.96 2.11 17.76
CA ALA D 162 -9.06 1.74 18.64
C ALA D 162 -10.30 1.55 17.76
N HIS D 163 -10.81 0.32 17.73
CA HIS D 163 -11.84 -0.03 16.77
C HIS D 163 -13.17 0.63 17.12
N ASN D 164 -13.95 0.92 16.08
CA ASN D 164 -15.16 1.72 16.22
C ASN D 164 -16.35 1.13 15.47
N MET D 165 -16.26 -0.11 15.00
CA MET D 165 -17.33 -0.74 14.24
C MET D 165 -17.95 -1.86 15.06
N THR D 166 -19.27 -1.84 15.22
CA THR D 166 -20.13 -0.79 14.66
C THR D 166 -20.27 0.36 15.63
N MET D 167 -19.84 0.12 16.86
CA MET D 167 -19.86 1.08 17.95
C MET D 167 -18.48 1.06 18.61
N PRO D 168 -18.14 2.10 19.38
CA PRO D 168 -16.86 2.06 20.11
C PRO D 168 -16.69 0.78 20.91
N ASN D 169 -15.64 0.02 20.58
CA ASN D 169 -15.42 -1.28 21.20
C ASN D 169 -14.88 -1.06 22.62
N LYS D 170 -15.79 -0.73 23.52
CA LYS D 170 -15.45 -0.50 24.92
C LYS D 170 -16.60 -0.97 25.79
N LEU D 171 -16.28 -1.30 27.04
CA LEU D 171 -17.29 -1.64 28.02
C LEU D 171 -16.94 -0.99 29.36
N LEU D 172 -17.96 -0.73 30.16
CA LEU D 172 -17.79 -0.12 31.47
C LEU D 172 -18.75 -0.77 32.45
N ARG D 173 -18.24 -1.20 33.60
CA ARG D 173 -19.05 -1.86 34.62
C ARG D 173 -18.70 -1.30 35.98
N ILE D 174 -19.71 -0.93 36.76
CA ILE D 174 -19.54 -0.30 38.05
C ILE D 174 -20.17 -1.19 39.11
N THR D 175 -19.39 -1.59 40.11
CA THR D 175 -19.90 -2.37 41.21
C THR D 175 -20.28 -1.46 42.37
N GLU D 176 -21.03 -2.02 43.32
CA GLU D 176 -21.63 -1.21 44.37
C GLU D 176 -20.62 -0.58 45.31
N ASP D 177 -19.36 -1.03 45.30
CA ASP D 177 -18.32 -0.44 46.13
C ASP D 177 -17.48 0.56 45.37
N GLY D 178 -17.88 0.94 44.16
CA GLY D 178 -17.17 1.91 43.38
C GLY D 178 -16.11 1.34 42.45
N THR D 179 -15.85 0.05 42.50
CA THR D 179 -14.87 -0.56 41.62
C THR D 179 -15.33 -0.47 40.18
N LEU D 180 -14.39 -0.21 39.27
CA LEU D 180 -14.68 -0.07 37.85
C LEU D 180 -13.93 -1.13 37.05
N LEU D 181 -14.55 -1.58 35.96
CA LEU D 181 -13.90 -2.40 34.96
C LEU D 181 -14.07 -1.69 33.62
N TYR D 182 -12.97 -1.55 32.89
CA TYR D 182 -12.95 -0.75 31.67
C TYR D 182 -12.02 -1.41 30.67
N THR D 183 -12.59 -2.13 29.71
CA THR D 183 -11.82 -2.82 28.68
C THR D 183 -12.12 -2.25 27.31
N MET D 184 -11.15 -2.40 26.41
CA MET D 184 -11.26 -1.87 25.06
C MET D 184 -10.53 -2.80 24.11
N ARG D 185 -10.95 -2.79 22.85
CA ARG D 185 -10.34 -3.61 21.81
C ARG D 185 -9.41 -2.73 20.97
N LEU D 186 -8.15 -3.16 20.84
CA LEU D 186 -7.14 -2.36 20.19
C LEU D 186 -6.36 -3.20 19.19
N THR D 187 -5.73 -2.51 18.24
CA THR D 187 -4.76 -3.11 17.34
C THR D 187 -3.46 -2.32 17.51
N VAL D 188 -2.52 -2.87 18.26
CA VAL D 188 -1.30 -2.17 18.65
C VAL D 188 -0.19 -2.57 17.70
N ARG D 189 0.46 -1.59 17.10
CA ARG D 189 1.68 -1.79 16.33
C ARG D 189 2.85 -1.26 17.13
N ALA D 190 3.81 -2.13 17.44
CA ALA D 190 4.91 -1.78 18.32
C ALA D 190 6.24 -2.07 17.66
N GLU D 191 7.26 -1.33 18.09
CA GLU D 191 8.61 -1.51 17.56
C GLU D 191 9.30 -2.71 18.20
N CYS D 192 9.97 -3.49 17.37
CA CYS D 192 10.77 -4.64 17.84
C CYS D 192 12.17 -4.52 17.26
N PRO D 193 13.13 -4.00 18.03
CA PRO D 193 14.51 -3.96 17.54
C PRO D 193 15.03 -5.36 17.25
N MET D 194 15.74 -5.50 16.12
CA MET D 194 16.16 -6.80 15.64
C MET D 194 17.63 -6.78 15.27
N HIS D 195 18.39 -7.77 15.74
CA HIS D 195 19.76 -7.99 15.32
C HIS D 195 19.74 -9.11 14.28
N LEU D 196 19.92 -8.75 13.02
CA LEU D 196 19.81 -9.69 11.91
C LEU D 196 21.15 -10.33 11.55
N GLU D 197 22.07 -10.45 12.50
CA GLU D 197 23.37 -11.06 12.23
C GLU D 197 23.30 -12.57 12.07
N ASP D 198 22.18 -13.19 12.45
CA ASP D 198 21.99 -14.63 12.29
C ASP D 198 20.86 -14.97 11.33
N PHE D 199 20.38 -14.00 10.57
CA PHE D 199 19.30 -14.24 9.63
C PHE D 199 19.73 -15.29 8.60
N PRO D 200 18.89 -16.27 8.28
CA PRO D 200 17.50 -16.49 8.72
C PRO D 200 17.36 -17.43 9.91
N MET D 201 18.33 -17.46 10.82
CA MET D 201 18.26 -18.35 11.98
C MET D 201 18.31 -17.54 13.26
N ASP D 202 17.53 -16.46 13.32
CA ASP D 202 17.56 -15.50 14.42
C ASP D 202 16.30 -15.59 15.24
N ALA D 203 16.45 -15.42 16.55
CA ALA D 203 15.33 -15.41 17.49
C ALA D 203 15.30 -14.07 18.21
N HIS D 204 14.11 -13.48 18.28
CA HIS D 204 13.94 -12.14 18.82
C HIS D 204 12.98 -12.16 20.01
N ALA D 205 13.13 -11.18 20.89
CA ALA D 205 12.22 -10.97 22.01
C ALA D 205 11.57 -9.60 21.83
N CYS D 206 10.38 -9.59 21.26
CA CYS D 206 9.68 -8.34 20.96
C CYS D 206 8.91 -7.86 22.19
N PRO D 207 9.13 -6.62 22.64
CA PRO D 207 8.48 -6.15 23.87
C PRO D 207 7.15 -5.47 23.64
N LEU D 208 6.45 -5.16 24.74
CA LEU D 208 5.22 -4.38 24.70
C LEU D 208 5.12 -3.64 26.04
N LYS D 209 5.48 -2.36 26.03
CA LYS D 209 5.53 -1.55 27.23
C LYS D 209 4.38 -0.54 27.22
N PHE D 210 3.78 -0.32 28.38
CA PHE D 210 2.73 0.68 28.50
C PHE D 210 2.72 1.26 29.90
N GLY D 211 2.14 2.45 30.02
CA GLY D 211 2.07 3.12 31.30
C GLY D 211 1.34 4.43 31.15
N SER D 212 1.25 5.15 32.26
CA SER D 212 0.59 6.45 32.28
C SER D 212 1.48 7.51 31.65
N TYR D 213 0.84 8.53 31.06
CA TYR D 213 1.57 9.60 30.41
C TYR D 213 1.73 10.82 31.30
N ALA D 214 0.71 11.19 32.06
CA ALA D 214 0.72 12.41 32.83
C ALA D 214 0.88 12.23 34.33
N TYR D 215 0.73 11.02 34.84
CA TYR D 215 0.76 10.76 36.27
C TYR D 215 2.02 9.98 36.62
N THR D 216 2.78 10.49 37.58
CA THR D 216 4.02 9.86 38.01
C THR D 216 3.69 8.65 38.89
N ARG D 217 4.71 8.02 39.46
CA ARG D 217 4.51 6.85 40.29
C ARG D 217 4.06 7.20 41.71
N ALA D 218 4.01 8.49 42.04
CA ALA D 218 3.43 8.94 43.30
C ALA D 218 1.94 9.25 43.17
N GLU D 219 1.39 9.11 41.96
CA GLU D 219 -0.02 9.42 41.74
C GLU D 219 -0.79 8.21 41.23
N VAL D 220 -0.24 7.52 40.22
CA VAL D 220 -0.87 6.35 39.64
C VAL D 220 0.17 5.25 39.51
N VAL D 221 -0.17 4.05 39.97
CA VAL D 221 0.67 2.87 39.82
C VAL D 221 -0.14 1.78 39.14
N TYR D 222 0.55 0.89 38.43
CA TYR D 222 -0.08 -0.19 37.69
C TYR D 222 0.32 -1.53 38.28
N GLU D 223 -0.62 -2.47 38.33
CA GLU D 223 -0.37 -3.82 38.79
C GLU D 223 -1.11 -4.80 37.90
N TRP D 224 -0.66 -6.05 37.91
CA TRP D 224 -1.35 -7.10 37.18
C TRP D 224 -2.47 -7.67 38.04
N THR D 225 -3.59 -7.97 37.39
CA THR D 225 -4.77 -8.44 38.11
C THR D 225 -4.51 -9.76 38.82
N ARG D 226 -3.82 -10.67 38.15
CA ARG D 226 -3.49 -11.99 38.66
C ARG D 226 -1.97 -12.10 38.78
N GLU D 227 -1.49 -13.31 39.01
CA GLU D 227 -0.05 -13.54 38.94
C GLU D 227 0.46 -13.08 37.57
N PRO D 228 1.64 -12.46 37.52
CA PRO D 228 2.09 -11.85 36.25
C PRO D 228 2.09 -12.82 35.07
N ALA D 229 2.39 -14.09 35.29
CA ALA D 229 2.39 -15.05 34.20
C ALA D 229 1.00 -15.20 33.59
N ARG D 230 -0.03 -15.23 34.43
CA ARG D 230 -1.39 -15.49 33.99
C ARG D 230 -2.16 -14.21 33.65
N SER D 231 -1.54 -13.04 33.77
CA SER D 231 -2.24 -11.79 33.48
C SER D 231 -2.25 -11.47 32.00
N VAL D 232 -1.26 -11.92 31.24
CA VAL D 232 -1.23 -11.79 29.79
C VAL D 232 -1.54 -13.16 29.21
N VAL D 233 -2.67 -13.28 28.53
CA VAL D 233 -3.15 -14.55 28.01
C VAL D 233 -3.28 -14.44 26.49
N VAL D 234 -2.70 -15.40 25.78
CA VAL D 234 -2.75 -15.45 24.33
C VAL D 234 -3.80 -16.48 23.92
N ALA D 235 -4.66 -16.10 22.98
CA ALA D 235 -5.70 -17.00 22.51
C ALA D 235 -5.09 -18.21 21.82
N GLU D 236 -5.80 -19.33 21.89
CA GLU D 236 -5.27 -20.60 21.39
C GLU D 236 -5.09 -20.57 19.87
N ASP D 237 -6.09 -20.05 19.15
CA ASP D 237 -6.09 -20.10 17.69
C ASP D 237 -5.83 -18.73 17.05
N GLY D 238 -5.26 -17.79 17.79
CA GLY D 238 -5.11 -16.44 17.30
C GLY D 238 -3.88 -16.17 16.47
N SER D 239 -2.94 -17.11 16.37
CA SER D 239 -1.68 -16.85 15.71
C SER D 239 -1.88 -16.44 14.26
N ARG D 240 -1.26 -15.34 13.87
CA ARG D 240 -1.25 -14.87 12.48
C ARG D 240 0.17 -14.77 11.93
N LEU D 241 1.11 -15.48 12.56
CA LEU D 241 2.50 -15.44 12.15
C LEU D 241 2.74 -16.39 10.99
N ASN D 242 3.38 -15.89 9.94
CA ASN D 242 3.66 -16.70 8.76
C ASN D 242 5.03 -17.36 8.82
N GLN D 243 6.04 -16.67 9.37
CA GLN D 243 7.41 -17.19 9.38
C GLN D 243 8.02 -17.15 10.78
N TYR D 244 7.21 -17.04 11.83
CA TYR D 244 7.71 -17.01 13.19
C TYR D 244 6.92 -17.97 14.06
N ASP D 245 7.57 -18.44 15.12
CA ASP D 245 6.94 -19.24 16.16
C ASP D 245 6.94 -18.45 17.47
N LEU D 246 5.80 -18.46 18.16
CA LEU D 246 5.70 -17.79 19.46
C LEU D 246 6.02 -18.82 20.54
N LEU D 247 7.28 -18.85 20.95
CA LEU D 247 7.71 -19.82 21.96
C LEU D 247 7.06 -19.54 23.31
N GLY D 248 6.93 -18.28 23.67
CA GLY D 248 6.33 -17.92 24.94
C GLY D 248 6.47 -16.43 25.18
N GLN D 249 5.85 -15.98 26.27
CA GLN D 249 5.90 -14.59 26.66
C GLN D 249 6.38 -14.45 28.09
N THR D 250 7.01 -13.32 28.37
CA THR D 250 7.52 -13.00 29.71
C THR D 250 6.91 -11.68 30.15
N VAL D 251 6.45 -11.65 31.40
CA VAL D 251 5.71 -10.51 31.95
C VAL D 251 6.51 -9.93 33.10
N ASP D 252 6.70 -8.61 33.08
CA ASP D 252 7.50 -7.93 34.10
C ASP D 252 6.91 -6.55 34.34
N SER D 253 7.62 -5.73 35.10
CA SER D 253 7.15 -4.39 35.46
C SER D 253 8.33 -3.57 35.96
N GLY D 254 8.54 -2.40 35.38
CA GLY D 254 9.69 -1.59 35.75
C GLY D 254 9.39 -0.13 36.04
N ILE D 255 10.41 0.72 35.92
CA ILE D 255 10.33 2.14 36.21
C ILE D 255 11.11 2.88 35.14
N VAL D 256 10.57 4.01 34.68
CA VAL D 256 11.25 4.85 33.70
C VAL D 256 11.38 6.26 34.28
N GLN D 257 12.56 6.85 34.14
CA GLN D 257 12.85 8.18 34.65
C GLN D 257 12.87 9.15 33.48
N SER D 258 12.07 10.19 33.55
CA SER D 258 11.99 11.21 32.52
C SER D 258 12.31 12.57 33.11
N SER D 259 12.26 13.60 32.26
CA SER D 259 12.47 14.96 32.72
C SER D 259 11.32 15.45 33.59
N THR D 260 10.17 14.78 33.55
CA THR D 260 8.98 15.22 34.27
C THR D 260 8.67 14.37 35.50
N GLY D 261 9.42 13.30 35.74
CA GLY D 261 9.22 12.51 36.93
C GLY D 261 9.51 11.05 36.67
N GLU D 262 9.06 10.21 37.59
CA GLU D 262 9.22 8.77 37.52
C GLU D 262 7.88 8.12 37.24
N TYR D 263 7.83 7.26 36.23
CA TYR D 263 6.59 6.65 35.77
C TYR D 263 6.71 5.13 35.84
N VAL D 264 5.71 4.48 36.40
CA VAL D 264 5.65 3.03 36.38
C VAL D 264 5.28 2.56 34.98
N VAL D 265 6.06 1.62 34.44
CA VAL D 265 5.83 1.08 33.11
C VAL D 265 5.75 -0.44 33.20
N MET D 266 4.67 -1.00 32.67
CA MET D 266 4.48 -2.44 32.63
C MET D 266 5.03 -2.99 31.32
N THR D 267 5.73 -4.12 31.41
CA THR D 267 6.45 -4.65 30.26
C THR D 267 6.04 -6.09 30.01
N THR D 268 6.07 -6.49 28.74
CA THR D 268 5.79 -7.86 28.34
C THR D 268 6.57 -8.15 27.07
N HIS D 269 7.35 -9.23 27.08
CA HIS D 269 8.17 -9.63 25.95
C HIS D 269 7.64 -10.91 25.34
N PHE D 270 7.50 -10.92 24.02
CA PHE D 270 7.12 -12.12 23.27
C PHE D 270 8.36 -12.65 22.58
N HIS D 271 8.67 -13.92 22.81
CA HIS D 271 9.88 -14.54 22.29
C HIS D 271 9.53 -15.28 20.99
N LEU D 272 10.06 -14.79 19.88
CA LEU D 272 9.75 -15.30 18.56
C LEU D 272 10.99 -15.93 17.93
N LYS D 273 10.82 -17.08 17.29
CA LYS D 273 11.89 -17.74 16.58
C LYS D 273 11.50 -17.91 15.13
N ARG D 274 12.41 -17.57 14.23
CA ARG D 274 12.13 -17.60 12.80
C ARG D 274 12.16 -19.03 12.27
N LYS D 275 11.24 -19.33 11.37
CA LYS D 275 11.19 -20.62 10.70
C LYS D 275 11.97 -20.54 9.39
N ILE D 276 12.87 -21.50 9.18
CA ILE D 276 13.84 -21.42 8.08
C ILE D 276 13.36 -22.12 6.81
N GLY D 277 12.18 -22.73 6.83
CA GLY D 277 11.75 -23.54 5.69
C GLY D 277 11.63 -22.75 4.41
N TYR D 278 11.21 -21.48 4.50
CA TYR D 278 11.05 -20.66 3.30
C TYR D 278 12.39 -20.40 2.63
N PHE D 279 13.43 -20.12 3.42
CA PHE D 279 14.71 -19.73 2.85
C PHE D 279 15.54 -20.91 2.38
N VAL D 280 15.19 -22.13 2.79
CA VAL D 280 15.85 -23.30 2.23
C VAL D 280 15.47 -23.49 0.77
N ILE D 281 14.17 -23.39 0.48
CA ILE D 281 13.69 -23.53 -0.89
C ILE D 281 14.07 -22.30 -1.72
N GLN D 282 13.97 -21.12 -1.12
CA GLN D 282 14.14 -19.88 -1.88
C GLN D 282 15.60 -19.65 -2.25
N THR D 283 16.52 -19.83 -1.32
CA THR D 283 17.91 -19.46 -1.54
C THR D 283 18.89 -20.62 -1.42
N TYR D 284 18.77 -21.43 -0.37
CA TYR D 284 19.80 -22.44 -0.11
C TYR D 284 19.81 -23.51 -1.19
N LEU D 285 18.66 -24.08 -1.52
CA LEU D 285 18.62 -25.11 -2.56
C LEU D 285 19.08 -24.59 -3.92
N PRO D 286 18.63 -23.42 -4.40
CA PRO D 286 19.21 -22.90 -5.65
C PRO D 286 20.71 -22.68 -5.58
N CYS D 287 21.25 -22.26 -4.44
CA CYS D 287 22.69 -22.08 -4.33
C CYS D 287 23.43 -23.41 -4.33
N ILE D 288 22.89 -24.41 -3.63
CA ILE D 288 23.56 -25.69 -3.54
C ILE D 288 23.56 -26.39 -4.89
N MET D 289 22.48 -26.27 -5.65
CA MET D 289 22.43 -26.90 -6.97
C MET D 289 23.28 -26.14 -7.98
N THR D 290 23.45 -24.83 -7.80
CA THR D 290 24.33 -24.08 -8.70
C THR D 290 25.78 -24.52 -8.53
N VAL D 291 26.21 -24.75 -7.29
CA VAL D 291 27.57 -25.22 -7.04
C VAL D 291 27.77 -26.62 -7.60
N ILE D 292 26.78 -27.49 -7.43
CA ILE D 292 26.88 -28.84 -7.98
C ILE D 292 26.90 -28.81 -9.49
N LEU D 293 26.11 -27.91 -10.09
CA LEU D 293 26.09 -27.80 -11.55
C LEU D 293 27.44 -27.39 -12.10
N SER D 294 28.14 -26.50 -11.40
CA SER D 294 29.44 -26.04 -11.87
C SER D 294 30.51 -27.11 -11.78
N GLN D 295 30.30 -28.15 -10.97
CA GLN D 295 31.26 -29.23 -10.84
C GLN D 295 31.00 -30.37 -11.82
N VAL D 296 29.93 -30.28 -12.61
CA VAL D 296 29.76 -31.21 -13.73
C VAL D 296 30.73 -30.89 -14.85
N SER D 297 31.25 -29.66 -14.88
CA SER D 297 32.19 -29.26 -15.92
C SER D 297 33.48 -30.08 -15.86
N PHE D 298 33.87 -30.54 -14.66
CA PHE D 298 35.10 -31.30 -14.53
C PHE D 298 35.05 -32.64 -15.26
N TRP D 299 33.85 -33.19 -15.46
CA TRP D 299 33.70 -34.49 -16.11
C TRP D 299 33.61 -34.40 -17.62
N LEU D 300 33.50 -33.19 -18.18
CA LEU D 300 33.56 -33.03 -19.62
C LEU D 300 35.01 -33.07 -20.09
N ASN D 301 35.23 -33.68 -21.26
CA ASN D 301 36.58 -33.81 -21.78
C ASN D 301 37.16 -32.43 -22.10
N ARG D 302 38.48 -32.33 -21.99
CA ARG D 302 39.16 -31.04 -22.10
C ARG D 302 39.08 -30.42 -23.49
N GLU D 303 38.63 -31.16 -24.49
CA GLU D 303 38.50 -30.62 -25.84
C GLU D 303 37.18 -29.90 -26.06
N SER D 304 36.30 -29.87 -25.06
CA SER D 304 35.03 -29.15 -25.16
C SER D 304 35.17 -27.74 -24.56
N VAL D 305 36.10 -26.99 -25.13
CA VAL D 305 36.36 -25.63 -24.64
C VAL D 305 35.13 -24.73 -24.76
N PRO D 306 34.42 -24.68 -25.89
CA PRO D 306 33.17 -23.90 -25.92
C PRO D 306 32.12 -24.40 -24.94
N ALA D 307 32.06 -25.71 -24.70
CA ALA D 307 31.02 -26.24 -23.82
C ALA D 307 31.32 -25.95 -22.35
N ARG D 308 32.58 -26.09 -21.93
CA ARG D 308 32.93 -25.85 -20.54
C ARG D 308 32.99 -24.38 -20.18
N THR D 309 33.12 -23.49 -21.17
CA THR D 309 33.05 -22.07 -20.88
C THR D 309 31.63 -21.64 -20.56
N VAL D 310 30.64 -22.21 -21.28
CA VAL D 310 29.24 -21.92 -20.96
C VAL D 310 28.88 -22.44 -19.59
N PHE D 311 29.45 -23.58 -19.18
CA PHE D 311 29.23 -24.08 -17.83
C PHE D 311 29.71 -23.10 -16.78
N GLY D 312 30.91 -22.55 -16.97
CA GLY D 312 31.46 -21.64 -15.98
C GLY D 312 30.75 -20.31 -15.92
N VAL D 313 30.47 -19.71 -17.09
CA VAL D 313 29.92 -18.36 -17.12
C VAL D 313 28.49 -18.34 -16.60
N THR D 314 27.67 -19.30 -17.02
CA THR D 314 26.27 -19.30 -16.62
C THR D 314 26.12 -19.50 -15.12
N THR D 315 26.95 -20.35 -14.52
CA THR D 315 26.86 -20.57 -13.09
C THR D 315 27.30 -19.35 -12.29
N VAL D 316 28.33 -18.64 -12.78
CA VAL D 316 28.79 -17.43 -12.10
C VAL D 316 27.71 -16.37 -12.12
N LEU D 317 27.07 -16.17 -13.27
CA LEU D 317 25.99 -15.19 -13.35
C LEU D 317 24.78 -15.61 -12.55
N THR D 318 24.52 -16.92 -12.44
CA THR D 318 23.40 -17.38 -11.63
C THR D 318 23.62 -17.10 -10.14
N MET D 319 24.85 -17.28 -9.66
CA MET D 319 25.15 -16.93 -8.28
C MET D 319 25.01 -15.42 -8.04
N THR D 320 25.34 -14.61 -9.05
CA THR D 320 25.12 -13.18 -8.92
C THR D 320 23.64 -12.84 -8.79
N THR D 321 22.79 -13.52 -9.56
CA THR D 321 21.36 -13.29 -9.48
C THR D 321 20.81 -13.64 -8.10
N LEU D 322 21.24 -14.77 -7.55
CA LEU D 322 20.76 -15.18 -6.23
C LEU D 322 21.30 -14.28 -5.13
N SER D 323 22.53 -13.80 -5.29
CA SER D 323 23.14 -12.98 -4.25
C SER D 323 22.37 -11.69 -4.03
N ILE D 324 21.97 -11.04 -5.12
CA ILE D 324 21.19 -9.81 -4.99
C ILE D 324 19.78 -10.12 -4.50
N SER D 325 19.16 -11.17 -5.06
CA SER D 325 17.76 -11.47 -4.76
C SER D 325 17.56 -11.85 -3.29
N ALA D 326 18.58 -12.40 -2.65
CA ALA D 326 18.44 -12.89 -1.29
C ALA D 326 18.24 -11.77 -0.27
N ARG D 327 18.63 -10.54 -0.60
CA ARG D 327 18.53 -9.42 0.34
C ARG D 327 17.25 -8.61 0.18
N ASN D 328 16.35 -9.02 -0.71
CA ASN D 328 15.12 -8.25 -0.92
C ASN D 328 14.24 -8.25 0.33
N SER D 329 14.17 -9.38 1.03
CA SER D 329 13.34 -9.45 2.23
C SER D 329 13.89 -8.55 3.35
N LEU D 330 15.21 -8.56 3.53
CA LEU D 330 15.79 -7.86 4.66
C LEU D 330 15.72 -6.35 4.49
N PRO D 331 15.69 -5.61 5.59
CA PRO D 331 15.98 -4.17 5.53
C PRO D 331 17.44 -3.94 5.21
N LYS D 332 17.73 -2.76 4.66
CA LYS D 332 19.07 -2.47 4.18
C LYS D 332 20.03 -2.25 5.34
N VAL D 333 20.42 -3.33 6.01
CA VAL D 333 21.41 -3.24 7.08
C VAL D 333 22.82 -3.20 6.48
N ALA D 334 23.78 -2.82 7.30
CA ALA D 334 25.16 -2.61 6.87
C ALA D 334 26.11 -3.60 7.52
N TYR D 335 25.70 -4.87 7.62
CA TYR D 335 26.58 -5.92 8.10
C TYR D 335 26.16 -7.24 7.45
N ALA D 336 27.07 -8.20 7.48
CA ALA D 336 26.86 -9.47 6.80
C ALA D 336 26.04 -10.41 7.67
N THR D 337 24.97 -10.95 7.09
CA THR D 337 24.10 -11.89 7.77
C THR D 337 24.63 -13.32 7.60
N ALA D 338 23.93 -14.28 8.23
CA ALA D 338 24.33 -15.67 8.09
C ALA D 338 24.10 -16.17 6.66
N MET D 339 23.09 -15.65 5.97
CA MET D 339 22.85 -16.04 4.59
C MET D 339 23.90 -15.47 3.65
N ASP D 340 24.43 -14.28 3.96
CA ASP D 340 25.43 -13.67 3.11
C ASP D 340 26.71 -14.49 3.07
N TRP D 341 27.11 -15.06 4.20
CA TRP D 341 28.32 -15.87 4.22
C TRP D 341 28.14 -17.17 3.44
N PHE D 342 26.92 -17.70 3.39
CA PHE D 342 26.68 -18.90 2.59
C PHE D 342 26.77 -18.61 1.11
N ILE D 343 26.23 -17.47 0.67
CA ILE D 343 26.30 -17.11 -0.73
C ILE D 343 27.73 -16.75 -1.14
N ALA D 344 28.46 -16.09 -0.24
CA ALA D 344 29.84 -15.73 -0.56
C ALA D 344 30.71 -16.95 -0.77
N VAL D 345 30.55 -17.97 0.07
CA VAL D 345 31.33 -19.20 -0.10
C VAL D 345 30.84 -19.98 -1.32
N CYS D 346 29.53 -20.00 -1.55
CA CYS D 346 29.02 -20.66 -2.75
C CYS D 346 29.52 -19.95 -4.01
N TYR D 347 29.59 -18.63 -3.99
CA TYR D 347 30.17 -17.90 -5.12
C TYR D 347 31.65 -18.23 -5.28
N ALA D 348 32.37 -18.40 -4.17
CA ALA D 348 33.79 -18.73 -4.26
C ALA D 348 34.00 -20.09 -4.91
N PHE D 349 33.14 -21.06 -4.58
CA PHE D 349 33.27 -22.39 -5.19
C PHE D 349 32.92 -22.34 -6.68
N VAL D 350 31.92 -21.54 -7.05
CA VAL D 350 31.55 -21.42 -8.45
C VAL D 350 32.62 -20.68 -9.24
N PHE D 351 33.16 -19.59 -8.67
CA PHE D 351 34.19 -18.84 -9.36
C PHE D 351 35.49 -19.64 -9.47
N SER D 352 35.85 -20.38 -8.42
CA SER D 352 37.08 -21.16 -8.46
C SER D 352 36.99 -22.30 -9.47
N ALA D 353 35.79 -22.80 -9.71
CA ALA D 353 35.63 -23.85 -10.73
C ALA D 353 35.97 -23.32 -12.12
N LEU D 354 35.57 -22.09 -12.42
CA LEU D 354 35.89 -21.50 -13.71
C LEU D 354 37.39 -21.26 -13.86
N ILE D 355 38.04 -20.80 -12.78
CA ILE D 355 39.49 -20.63 -12.81
C ILE D 355 40.17 -21.97 -13.01
N GLU D 356 39.61 -23.03 -12.43
CA GLU D 356 40.19 -24.36 -12.61
C GLU D 356 40.20 -24.78 -14.07
N PHE D 357 39.20 -24.34 -14.84
CA PHE D 357 39.19 -24.68 -16.27
C PHE D 357 40.21 -23.85 -17.03
N ALA D 358 40.37 -22.58 -16.69
CA ALA D 358 41.35 -21.74 -17.37
C ALA D 358 42.76 -22.27 -17.15
N THR D 359 43.04 -22.77 -15.95
CA THR D 359 44.34 -23.40 -15.69
C THR D 359 44.50 -24.67 -16.52
N VAL D 360 43.45 -25.48 -16.59
CA VAL D 360 43.52 -26.72 -17.37
C VAL D 360 43.65 -26.40 -18.85
N ASN D 361 42.90 -25.41 -19.34
CA ASN D 361 43.00 -25.02 -20.75
C ASN D 361 44.37 -24.46 -21.08
N TYR D 362 44.96 -23.69 -20.17
CA TYR D 362 46.26 -23.09 -20.43
C TYR D 362 47.35 -24.13 -20.58
N PHE D 363 47.35 -25.15 -19.71
CA PHE D 363 48.39 -26.17 -19.73
C PHE D 363 48.15 -27.26 -20.75
N THR D 364 47.00 -27.25 -21.43
CA THR D 364 46.75 -28.23 -22.48
C THR D 364 47.57 -27.90 -23.71
N LYS D 365 47.86 -28.94 -24.51
CA LYS D 365 48.56 -28.84 -25.78
C LYS D 365 50.04 -28.52 -25.58
N SER D 366 50.44 -28.24 -24.34
CA SER D 366 51.86 -28.06 -24.04
C SER D 366 52.30 -29.01 -22.92
N GLN D 367 51.44 -29.19 -21.92
CA GLN D 367 51.69 -30.14 -20.83
C GLN D 367 50.41 -30.95 -20.61
N PRO D 368 50.04 -31.82 -21.56
CA PRO D 368 48.77 -32.55 -21.43
C PRO D 368 48.67 -33.41 -20.16
N ALA D 369 49.78 -34.02 -19.75
CA ALA D 369 49.74 -34.89 -18.58
C ALA D 369 49.41 -34.10 -17.32
N ARG D 370 49.99 -32.91 -17.17
CA ARG D 370 49.71 -32.08 -16.00
C ARG D 370 48.25 -31.63 -15.99
N ALA D 371 47.70 -31.33 -17.17
CA ALA D 371 46.31 -30.89 -17.25
C ALA D 371 45.36 -31.99 -16.81
N ALA D 372 45.66 -33.24 -17.18
CA ALA D 372 44.80 -34.36 -16.77
C ALA D 372 44.84 -34.55 -15.26
N LYS D 373 46.01 -34.43 -14.64
CA LYS D 373 46.12 -34.61 -13.20
C LYS D 373 45.31 -33.55 -12.45
N ILE D 374 45.37 -32.31 -12.90
CA ILE D 374 44.62 -31.24 -12.27
C ILE D 374 43.12 -31.51 -12.35
N ASP D 375 42.65 -31.95 -13.52
CA ASP D 375 41.23 -32.22 -13.70
C ASP D 375 40.76 -33.40 -12.84
N ARG D 376 41.57 -34.45 -12.74
CA ARG D 376 41.19 -35.61 -11.96
C ARG D 376 41.07 -35.28 -10.48
N LEU D 377 42.03 -34.51 -9.94
CA LEU D 377 41.99 -34.16 -8.53
C LEU D 377 40.84 -33.20 -8.23
N SER D 378 40.52 -32.31 -9.17
CA SER D 378 39.43 -31.36 -8.94
C SER D 378 38.08 -32.06 -8.80
N ARG D 379 37.93 -33.22 -9.44
CA ARG D 379 36.67 -33.97 -9.32
C ARG D 379 36.45 -34.51 -7.92
N ILE D 380 37.48 -34.55 -7.09
CA ILE D 380 37.36 -35.03 -5.72
C ILE D 380 37.45 -33.89 -4.72
N ALA D 381 38.39 -32.97 -4.91
CA ALA D 381 38.58 -31.89 -3.94
C ALA D 381 37.37 -30.98 -3.86
N PHE D 382 36.80 -30.61 -5.01
CA PHE D 382 35.67 -29.68 -5.00
C PHE D 382 34.43 -30.26 -4.33
N PRO D 383 33.97 -31.48 -4.66
CA PRO D 383 32.84 -32.04 -3.90
C PRO D 383 33.14 -32.27 -2.43
N LEU D 384 34.38 -32.64 -2.09
CA LEU D 384 34.70 -32.93 -0.71
C LEU D 384 34.72 -31.67 0.14
N LEU D 385 35.35 -30.60 -0.37
CA LEU D 385 35.44 -29.36 0.39
C LEU D 385 34.08 -28.69 0.56
N PHE D 386 33.21 -28.79 -0.46
CA PHE D 386 31.88 -28.22 -0.32
C PHE D 386 31.05 -28.99 0.70
N GLY D 387 31.22 -30.31 0.74
CA GLY D 387 30.56 -31.10 1.76
C GLY D 387 31.06 -30.78 3.15
N ILE D 388 32.37 -30.58 3.29
CA ILE D 388 32.94 -30.23 4.58
C ILE D 388 32.44 -28.85 5.03
N PHE D 389 32.36 -27.90 4.10
CA PHE D 389 31.89 -26.56 4.45
C PHE D 389 30.46 -26.58 4.94
N ASN D 390 29.59 -27.38 4.30
CA ASN D 390 28.19 -27.45 4.71
C ASN D 390 28.04 -28.02 6.12
N LEU D 391 28.91 -28.96 6.50
CA LEU D 391 28.84 -29.49 7.86
C LEU D 391 29.25 -28.44 8.89
N VAL D 392 30.29 -27.66 8.58
CA VAL D 392 30.74 -26.63 9.51
C VAL D 392 29.73 -25.50 9.60
N TYR D 393 29.15 -25.11 8.47
CA TYR D 393 28.21 -23.99 8.45
C TYR D 393 26.95 -24.31 9.23
N TRP D 394 26.33 -25.46 8.95
CA TRP D 394 25.04 -25.77 9.57
C TRP D 394 25.19 -26.13 11.04
N ALA D 395 26.28 -26.81 11.41
CA ALA D 395 26.49 -27.09 12.83
C ALA D 395 26.72 -25.83 13.63
N THR D 396 27.33 -24.81 13.02
CA THR D 396 27.61 -23.57 13.73
C THR D 396 26.33 -22.79 14.02
N TYR D 397 25.48 -22.62 13.01
CA TYR D 397 24.36 -21.68 13.12
C TYR D 397 23.08 -22.31 13.66
N LEU D 398 22.96 -23.63 13.66
CA LEU D 398 21.74 -24.24 14.19
C LEU D 398 21.71 -24.21 15.71
N ASN D 399 22.87 -24.40 16.35
CA ASN D 399 22.93 -24.38 17.81
C ASN D 399 22.62 -22.99 18.36
N ARG D 400 23.29 -21.98 17.83
CA ARG D 400 23.07 -20.61 18.28
C ARG D 400 21.78 -20.05 17.69
N ASN E 62 -51.52 17.57 10.94
CA ASN E 62 -51.06 16.19 10.80
C ASN E 62 -49.57 16.08 11.09
N MET E 63 -48.75 16.76 10.29
CA MET E 63 -47.30 16.67 10.45
C MET E 63 -46.86 17.31 11.76
N SER E 64 -47.67 18.19 12.33
CA SER E 64 -47.37 18.72 13.66
C SER E 64 -47.67 17.69 14.73
N PHE E 65 -48.61 16.78 14.46
CA PHE E 65 -48.89 15.71 15.41
C PHE E 65 -47.78 14.67 15.42
N VAL E 66 -47.20 14.37 14.25
CA VAL E 66 -46.10 13.43 14.19
C VAL E 66 -44.87 13.98 14.90
N LYS E 67 -44.59 15.28 14.71
CA LYS E 67 -43.46 15.89 15.41
C LYS E 67 -43.65 15.84 16.92
N GLU E 68 -44.88 16.05 17.38
CA GLU E 68 -45.17 15.98 18.81
C GLU E 68 -44.91 14.57 19.35
N THR E 69 -45.27 13.55 18.57
CA THR E 69 -45.11 12.17 19.03
C THR E 69 -43.64 11.80 19.18
N VAL E 70 -42.80 12.16 18.20
CA VAL E 70 -41.40 11.76 18.24
C VAL E 70 -40.67 12.47 19.35
N ASP E 71 -41.00 13.75 19.59
CA ASP E 71 -40.38 14.46 20.70
C ASP E 71 -40.77 13.85 22.04
N LYS E 72 -42.01 13.37 22.17
CA LYS E 72 -42.44 12.74 23.41
C LYS E 72 -41.71 11.43 23.65
N LEU E 73 -41.39 10.68 22.60
CA LEU E 73 -40.65 9.43 22.77
C LEU E 73 -39.26 9.70 23.33
N LEU E 74 -38.57 10.71 22.80
CA LEU E 74 -37.21 11.01 23.21
C LEU E 74 -37.14 11.88 24.45
N LYS E 75 -38.27 12.39 24.93
CA LYS E 75 -38.28 13.15 26.17
C LYS E 75 -38.10 12.21 27.35
N GLY E 76 -37.02 12.38 28.10
CA GLY E 76 -36.72 11.51 29.21
C GLY E 76 -36.08 10.19 28.82
N TYR E 77 -35.80 9.98 27.54
CA TYR E 77 -35.17 8.74 27.10
C TYR E 77 -33.74 8.65 27.64
N ASP E 78 -33.37 7.47 28.11
CA ASP E 78 -32.06 7.22 28.70
C ASP E 78 -31.26 6.36 27.74
N ILE E 79 -30.33 7.00 27.01
CA ILE E 79 -29.51 6.29 26.05
C ILE E 79 -28.51 5.37 26.74
N ARG E 80 -28.19 5.63 28.01
CA ARG E 80 -27.20 4.84 28.72
C ARG E 80 -27.70 3.46 29.13
N LEU E 81 -29.00 3.20 29.02
CA LEU E 81 -29.58 1.95 29.49
C LEU E 81 -30.19 1.19 28.32
N ARG E 82 -29.90 -0.11 28.26
CA ARG E 82 -30.47 -0.97 27.25
C ARG E 82 -31.95 -1.19 27.52
N PRO E 83 -32.71 -1.62 26.52
CA PRO E 83 -34.11 -2.01 26.78
C PRO E 83 -34.17 -3.14 27.79
N ASP E 84 -35.19 -3.08 28.65
CA ASP E 84 -35.38 -4.05 29.73
C ASP E 84 -34.13 -4.13 30.61
N PHE E 85 -33.60 -2.95 30.98
CA PHE E 85 -32.43 -2.92 31.85
C PHE E 85 -32.76 -3.51 33.20
N GLY E 86 -31.89 -4.38 33.69
CA GLY E 86 -32.17 -5.12 34.90
C GLY E 86 -33.31 -6.10 34.76
N GLY E 87 -33.45 -6.72 33.59
CA GLY E 87 -34.51 -7.67 33.35
C GLY E 87 -34.10 -8.74 32.36
N PRO E 88 -35.08 -9.28 31.64
CA PRO E 88 -34.76 -10.31 30.65
C PRO E 88 -33.87 -9.75 29.56
N PRO E 89 -33.00 -10.57 28.98
CA PRO E 89 -32.12 -10.08 27.92
C PRO E 89 -32.90 -9.63 26.69
N VAL E 90 -32.37 -8.61 26.02
CA VAL E 90 -33.00 -8.09 24.83
C VAL E 90 -32.57 -8.92 23.62
N CYS E 91 -33.54 -9.35 22.83
CA CYS E 91 -33.27 -10.19 21.67
C CYS E 91 -33.04 -9.32 20.44
N VAL E 92 -31.91 -9.55 19.76
CA VAL E 92 -31.54 -8.81 18.57
C VAL E 92 -31.41 -9.79 17.43
N GLY E 93 -32.11 -9.53 16.32
CA GLY E 93 -32.08 -10.37 15.15
C GLY E 93 -31.35 -9.67 14.01
N MET E 94 -30.39 -10.39 13.43
CA MET E 94 -29.49 -9.82 12.43
C MET E 94 -29.77 -10.41 11.07
N ASN E 95 -29.83 -9.54 10.06
CA ASN E 95 -29.85 -9.93 8.66
C ASN E 95 -28.65 -9.31 7.96
N ILE E 96 -28.10 -10.05 6.99
CA ILE E 96 -26.97 -9.57 6.21
C ILE E 96 -27.32 -9.75 4.73
N ASP E 97 -27.10 -8.71 3.95
CA ASP E 97 -27.34 -8.72 2.51
C ASP E 97 -26.02 -8.40 1.83
N ILE E 98 -25.30 -9.42 1.38
CA ILE E 98 -23.94 -9.23 0.90
C ILE E 98 -23.97 -8.52 -0.44
N ALA E 99 -23.27 -7.39 -0.54
CA ALA E 99 -23.20 -6.61 -1.77
C ALA E 99 -22.11 -7.13 -2.70
N SER E 100 -20.93 -7.39 -2.17
CA SER E 100 -19.83 -7.91 -2.99
C SER E 100 -18.73 -8.44 -2.09
N ILE E 101 -18.03 -9.46 -2.59
CA ILE E 101 -16.81 -9.97 -1.98
C ILE E 101 -15.68 -9.78 -2.98
N ASP E 102 -14.55 -9.26 -2.51
CA ASP E 102 -13.43 -8.97 -3.40
C ASP E 102 -12.15 -8.94 -2.59
N MET E 103 -11.03 -8.80 -3.31
CA MET E 103 -9.71 -8.62 -2.71
C MET E 103 -9.37 -9.74 -1.73
N VAL E 104 -9.66 -10.98 -2.12
CA VAL E 104 -9.22 -12.14 -1.34
C VAL E 104 -7.71 -12.26 -1.54
N SER E 105 -6.95 -11.91 -0.51
CA SER E 105 -5.50 -11.79 -0.61
C SER E 105 -4.83 -12.87 0.22
N GLU E 106 -3.99 -13.68 -0.43
CA GLU E 106 -3.15 -14.63 0.30
C GLU E 106 -1.94 -13.96 0.92
N VAL E 107 -1.51 -12.81 0.39
CA VAL E 107 -0.36 -12.10 0.96
C VAL E 107 -0.70 -11.56 2.34
N ASN E 108 -1.86 -10.91 2.45
CA ASN E 108 -2.29 -10.33 3.72
C ASN E 108 -3.16 -11.27 4.54
N MET E 109 -3.58 -12.40 3.97
CA MET E 109 -4.39 -13.40 4.66
C MET E 109 -5.71 -12.78 5.15
N ASP E 110 -6.48 -12.25 4.20
CA ASP E 110 -7.71 -11.56 4.55
C ASP E 110 -8.62 -11.53 3.32
N TYR E 111 -9.74 -10.83 3.44
CA TYR E 111 -10.68 -10.61 2.34
C TYR E 111 -11.51 -9.39 2.68
N THR E 112 -12.13 -8.82 1.65
CA THR E 112 -12.96 -7.63 1.81
C THR E 112 -14.42 -7.98 1.54
N LEU E 113 -15.30 -7.53 2.42
CA LEU E 113 -16.73 -7.86 2.34
C LEU E 113 -17.55 -6.59 2.47
N THR E 114 -18.45 -6.37 1.54
CA THR E 114 -19.40 -5.25 1.58
C THR E 114 -20.80 -5.81 1.72
N MET E 115 -21.57 -5.24 2.64
CA MET E 115 -22.85 -5.84 2.98
C MET E 115 -23.79 -4.78 3.54
N TYR E 116 -25.08 -5.12 3.55
CA TYR E 116 -26.10 -4.35 4.24
C TYR E 116 -26.42 -5.09 5.53
N PHE E 117 -26.02 -4.53 6.66
CA PHE E 117 -26.12 -5.19 7.95
C PHE E 117 -27.32 -4.64 8.71
N GLN E 118 -28.35 -5.46 8.87
CA GLN E 118 -29.59 -5.06 9.52
C GLN E 118 -29.71 -5.71 10.89
N GLN E 119 -30.20 -4.95 11.86
CA GLN E 119 -30.46 -5.44 13.21
C GLN E 119 -31.90 -5.09 13.58
N TYR E 120 -32.48 -5.91 14.45
CA TYR E 120 -33.92 -5.88 14.67
C TYR E 120 -34.22 -6.25 16.12
N TRP E 121 -34.75 -5.30 16.88
CA TRP E 121 -35.06 -5.54 18.29
C TRP E 121 -36.25 -4.67 18.70
N ARG E 122 -36.84 -5.00 19.84
CA ARG E 122 -37.99 -4.28 20.38
C ARG E 122 -37.57 -3.46 21.59
N ASP E 123 -37.94 -2.19 21.59
CA ASP E 123 -37.71 -1.29 22.73
C ASP E 123 -39.04 -0.65 23.09
N LYS E 124 -39.53 -0.94 24.30
CA LYS E 124 -40.85 -0.47 24.70
C LYS E 124 -40.87 1.03 24.97
N ARG E 125 -39.71 1.65 25.19
CA ARG E 125 -39.68 3.10 25.36
C ARG E 125 -39.96 3.84 24.06
N LEU E 126 -39.87 3.15 22.92
CA LEU E 126 -40.06 3.75 21.61
C LEU E 126 -41.35 3.25 20.95
N ALA E 127 -42.40 3.07 21.75
CA ALA E 127 -43.69 2.63 21.26
C ALA E 127 -44.65 3.80 21.22
N TYR E 128 -45.35 3.97 20.09
CA TYR E 128 -46.28 5.07 19.92
C TYR E 128 -47.61 4.54 19.37
N SER E 129 -48.66 5.30 19.62
CA SER E 129 -50.02 4.93 19.21
C SER E 129 -50.65 6.09 18.46
N GLY E 130 -51.65 5.75 17.65
CA GLY E 130 -52.38 6.73 16.88
C GLY E 130 -51.86 6.97 15.47
N ILE E 131 -50.63 6.59 15.19
CA ILE E 131 -50.03 6.75 13.86
C ILE E 131 -49.94 5.36 13.24
N PRO E 132 -50.75 5.05 12.23
CA PRO E 132 -50.68 3.71 11.61
C PRO E 132 -49.59 3.62 10.54
N LEU E 133 -48.39 4.10 10.86
CA LEU E 133 -47.30 4.14 9.91
C LEU E 133 -46.02 3.62 10.56
N ASN E 134 -45.12 3.13 9.73
CA ASN E 134 -43.77 2.78 10.15
C ASN E 134 -42.90 4.01 9.96
N LEU E 135 -42.66 4.74 11.04
CA LEU E 135 -41.97 6.02 10.95
C LEU E 135 -40.51 5.81 10.57
N THR E 136 -40.17 6.13 9.32
CA THR E 136 -38.79 6.20 8.89
C THR E 136 -38.23 7.57 9.23
N LEU E 137 -37.14 7.60 10.00
CA LEU E 137 -36.58 8.85 10.48
C LEU E 137 -35.21 9.08 9.84
N ASP E 138 -34.77 10.34 9.90
CA ASP E 138 -33.45 10.69 9.41
C ASP E 138 -32.38 9.93 10.19
N ASN E 139 -31.34 9.51 9.47
CA ASN E 139 -30.34 8.62 10.08
C ASN E 139 -29.61 9.27 11.25
N ARG E 140 -29.67 10.59 11.38
CA ARG E 140 -29.03 11.26 12.49
C ARG E 140 -29.74 11.01 13.82
N VAL E 141 -30.97 10.47 13.78
CA VAL E 141 -31.68 10.15 15.01
C VAL E 141 -31.12 8.91 15.70
N ALA E 142 -30.28 8.13 15.00
CA ALA E 142 -29.66 6.97 15.61
C ALA E 142 -28.66 7.34 16.69
N ASP E 143 -28.27 8.61 16.79
CA ASP E 143 -27.36 9.07 17.82
C ASP E 143 -28.06 9.37 19.14
N GLN E 144 -29.39 9.27 19.17
CA GLN E 144 -30.16 9.51 20.38
C GLN E 144 -30.81 8.26 20.92
N LEU E 145 -30.70 7.14 20.23
CA LEU E 145 -31.30 5.88 20.63
C LEU E 145 -30.22 4.90 21.08
N TRP E 146 -30.66 3.86 21.80
CA TRP E 146 -29.78 2.78 22.17
C TRP E 146 -29.69 1.79 21.02
N VAL E 147 -28.47 1.46 20.61
CA VAL E 147 -28.26 0.44 19.57
C VAL E 147 -27.28 -0.59 20.13
N PRO E 148 -27.34 -1.84 19.66
CA PRO E 148 -26.41 -2.85 20.18
C PRO E 148 -24.97 -2.53 19.81
N ASP E 149 -24.06 -2.89 20.71
CA ASP E 149 -22.63 -2.67 20.50
C ASP E 149 -22.00 -3.83 19.73
N THR E 150 -22.61 -4.18 18.61
CA THR E 150 -22.13 -5.29 17.79
C THR E 150 -20.80 -4.95 17.14
N TYR E 151 -19.88 -5.90 17.17
CA TYR E 151 -18.58 -5.74 16.52
C TYR E 151 -18.20 -7.05 15.84
N PHE E 152 -17.14 -7.00 15.05
CA PHE E 152 -16.63 -8.16 14.33
C PHE E 152 -15.23 -8.46 14.84
N LEU E 153 -15.05 -9.67 15.38
CA LEU E 153 -13.81 -9.97 16.09
C LEU E 153 -12.63 -10.09 15.15
N ASN E 154 -12.79 -10.77 14.02
CA ASN E 154 -11.71 -10.95 13.07
C ASN E 154 -11.59 -9.80 12.07
N ASP E 155 -12.15 -8.64 12.41
CA ASP E 155 -12.14 -7.49 11.52
C ASP E 155 -10.85 -6.71 11.68
N LYS E 156 -10.09 -6.57 10.60
CA LYS E 156 -8.84 -5.82 10.63
C LYS E 156 -9.06 -4.34 10.38
N LYS E 157 -9.96 -4.01 9.45
CA LYS E 157 -10.27 -2.62 9.12
C LYS E 157 -11.65 -2.57 8.50
N SER E 158 -12.46 -1.62 8.94
CA SER E 158 -13.82 -1.51 8.45
C SER E 158 -14.30 -0.07 8.59
N PHE E 159 -15.30 0.27 7.78
CA PHE E 159 -15.88 1.60 7.82
C PHE E 159 -17.33 1.54 7.34
N VAL E 160 -18.11 2.54 7.73
CA VAL E 160 -19.46 2.74 7.23
C VAL E 160 -19.40 3.82 6.16
N HIS E 161 -19.98 3.55 5.00
CA HIS E 161 -19.95 4.50 3.90
C HIS E 161 -20.70 5.77 4.28
N GLY E 162 -20.19 6.90 3.79
CA GLY E 162 -20.74 8.19 4.18
C GLY E 162 -20.94 9.17 3.05
N VAL E 163 -21.30 8.69 1.87
CA VAL E 163 -21.59 9.53 0.72
C VAL E 163 -22.96 9.11 0.17
N THR E 164 -23.86 10.07 -0.02
CA THR E 164 -23.61 11.49 0.22
C THR E 164 -23.78 11.84 1.69
N VAL E 165 -24.55 11.02 2.41
CA VAL E 165 -24.65 11.11 3.86
C VAL E 165 -24.25 9.75 4.43
N LYS E 166 -24.20 9.68 5.75
CA LYS E 166 -23.87 8.42 6.41
C LYS E 166 -24.90 7.37 6.06
N ASN E 167 -24.45 6.26 5.46
CA ASN E 167 -25.38 5.24 5.01
C ASN E 167 -25.92 4.47 6.20
N ARG E 168 -27.03 4.97 6.76
CA ARG E 168 -27.60 4.43 7.98
C ARG E 168 -29.11 4.55 7.91
N MET E 169 -29.81 3.58 8.48
CA MET E 169 -31.26 3.54 8.42
C MET E 169 -31.82 3.31 9.81
N ILE E 170 -32.81 4.12 10.19
CA ILE E 170 -33.58 3.92 11.42
C ILE E 170 -35.05 3.93 11.03
N ARG E 171 -35.79 2.91 11.48
CA ARG E 171 -37.21 2.80 11.17
C ARG E 171 -37.93 2.24 12.38
N LEU E 172 -38.84 3.03 12.94
CA LEU E 172 -39.60 2.64 14.11
C LEU E 172 -40.94 2.03 13.70
N HIS E 173 -41.47 1.18 14.57
CA HIS E 173 -42.75 0.52 14.37
C HIS E 173 -43.65 0.80 15.56
N PRO E 174 -44.98 0.74 15.37
CA PRO E 174 -45.88 1.20 16.44
C PRO E 174 -45.72 0.48 17.76
N ASP E 175 -45.38 -0.81 17.76
CA ASP E 175 -45.24 -1.53 19.02
C ASP E 175 -43.92 -1.30 19.71
N GLY E 176 -42.99 -0.58 19.06
CA GLY E 176 -41.71 -0.26 19.65
C GLY E 176 -40.52 -0.92 18.98
N THR E 177 -40.75 -1.72 17.95
CA THR E 177 -39.65 -2.41 17.28
C THR E 177 -38.80 -1.42 16.50
N VAL E 178 -37.48 -1.65 16.53
CA VAL E 178 -36.52 -0.77 15.88
C VAL E 178 -35.77 -1.57 14.82
N LEU E 179 -35.79 -1.07 13.59
CA LEU E 179 -34.99 -1.63 12.50
C LEU E 179 -33.82 -0.70 12.24
N TYR E 180 -32.61 -1.24 12.29
CA TYR E 180 -31.39 -0.45 12.22
C TYR E 180 -30.45 -1.09 11.21
N GLY E 181 -30.24 -0.42 10.08
CA GLY E 181 -29.41 -0.95 9.03
C GLY E 181 -28.21 -0.07 8.76
N LEU E 182 -27.11 -0.71 8.38
CA LEU E 182 -25.88 -0.02 8.01
C LEU E 182 -25.30 -0.67 6.77
N ARG E 183 -24.58 0.11 5.99
CA ARG E 183 -23.85 -0.39 4.82
C ARG E 183 -22.37 -0.39 5.19
N ILE E 184 -21.82 -1.58 5.41
CA ILE E 184 -20.51 -1.75 6.02
C ILE E 184 -19.57 -2.41 5.02
N THR E 185 -18.38 -1.85 4.88
CA THR E 185 -17.28 -2.50 4.17
C THR E 185 -16.23 -2.88 5.20
N THR E 186 -15.86 -4.15 5.23
CA THR E 186 -14.94 -4.67 6.24
C THR E 186 -13.85 -5.49 5.58
N THR E 187 -12.69 -5.54 6.22
CA THR E 187 -11.58 -6.39 5.81
C THR E 187 -11.35 -7.41 6.92
N ALA E 188 -12.07 -8.51 6.87
CA ALA E 188 -11.94 -9.55 7.88
C ALA E 188 -10.70 -10.41 7.59
N ALA E 189 -10.28 -11.17 8.60
CA ALA E 189 -9.07 -11.96 8.52
C ALA E 189 -9.40 -13.44 8.48
N CYS E 190 -8.65 -14.18 7.68
CA CYS E 190 -8.71 -15.64 7.69
C CYS E 190 -7.37 -16.20 7.24
N MET E 191 -6.83 -17.11 8.04
CA MET E 191 -5.57 -17.75 7.71
C MET E 191 -5.80 -18.92 6.76
N MET E 192 -5.04 -18.97 5.68
CA MET E 192 -5.25 -19.94 4.62
C MET E 192 -4.17 -21.01 4.66
N ASP E 193 -4.58 -22.26 4.49
CA ASP E 193 -3.66 -23.39 4.43
C ASP E 193 -3.30 -23.63 2.99
N LEU E 194 -2.11 -23.15 2.59
CA LEU E 194 -1.68 -23.19 1.20
C LEU E 194 -0.85 -24.42 0.88
N ARG E 195 -1.02 -25.52 1.63
CA ARG E 195 -0.26 -26.72 1.34
C ARG E 195 -0.66 -27.35 0.02
N ARG E 196 -1.93 -27.21 -0.37
CA ARG E 196 -2.42 -27.75 -1.63
C ARG E 196 -2.57 -26.68 -2.71
N TYR E 197 -1.92 -25.53 -2.52
CA TYR E 197 -1.98 -24.45 -3.49
C TYR E 197 -1.45 -24.93 -4.83
N PRO E 198 -2.10 -24.56 -5.95
CA PRO E 198 -3.30 -23.74 -6.09
C PRO E 198 -4.60 -24.56 -6.13
N LEU E 199 -4.55 -25.85 -5.87
CA LEU E 199 -5.76 -26.68 -5.84
C LEU E 199 -6.25 -26.84 -4.40
N ASP E 200 -6.66 -25.73 -3.80
CA ASP E 200 -7.01 -25.70 -2.39
C ASP E 200 -8.36 -25.06 -2.18
N GLU E 201 -9.00 -25.42 -1.07
CA GLU E 201 -10.23 -24.80 -0.62
C GLU E 201 -9.99 -24.05 0.68
N GLN E 202 -10.54 -22.85 0.78
CA GLN E 202 -10.37 -22.01 1.96
C GLN E 202 -11.72 -21.74 2.61
N ASN E 203 -11.74 -21.74 3.94
CA ASN E 203 -12.93 -21.47 4.73
C ASN E 203 -12.68 -20.16 5.49
N CYS E 204 -13.27 -19.08 5.00
CA CYS E 204 -13.10 -17.75 5.57
C CYS E 204 -14.42 -17.29 6.19
N THR E 205 -14.38 -16.90 7.45
CA THR E 205 -15.57 -16.63 8.24
C THR E 205 -15.68 -15.15 8.58
N LEU E 206 -16.69 -14.83 9.38
CA LEU E 206 -16.90 -13.49 9.91
C LEU E 206 -17.63 -13.62 11.24
N GLU E 207 -16.94 -13.31 12.33
CA GLU E 207 -17.50 -13.48 13.66
C GLU E 207 -18.21 -12.21 14.10
N ILE E 208 -19.45 -12.37 14.60
CA ILE E 208 -20.29 -11.25 15.02
C ILE E 208 -20.59 -11.44 16.50
N GLU E 209 -20.28 -10.42 17.31
CA GLU E 209 -20.39 -10.57 18.75
C GLU E 209 -20.74 -9.22 19.39
N SER E 210 -21.36 -9.30 20.56
CA SER E 210 -21.62 -8.13 21.39
C SER E 210 -20.44 -7.90 22.32
N TYR E 211 -20.02 -6.64 22.44
CA TYR E 211 -18.80 -6.36 23.19
C TYR E 211 -19.05 -6.23 24.69
N GLY E 212 -20.04 -5.43 25.10
CA GLY E 212 -20.22 -5.14 26.50
C GLY E 212 -21.29 -5.93 27.21
N TYR E 213 -22.20 -6.54 26.46
CA TYR E 213 -23.35 -7.21 27.02
C TYR E 213 -23.19 -8.72 26.92
N THR E 214 -23.35 -9.40 28.04
CA THR E 214 -23.25 -10.86 28.09
C THR E 214 -24.61 -11.48 27.78
N THR E 215 -24.67 -12.81 27.82
CA THR E 215 -25.90 -13.51 27.52
C THR E 215 -27.00 -13.23 28.55
N ASP E 216 -26.63 -12.69 29.72
CA ASP E 216 -27.63 -12.26 30.69
C ASP E 216 -28.29 -10.96 30.27
N ASP E 217 -27.73 -10.24 29.31
CA ASP E 217 -28.23 -8.93 28.90
C ASP E 217 -28.67 -8.86 27.44
N ILE E 218 -28.19 -9.76 26.58
CA ILE E 218 -28.46 -9.65 25.16
C ILE E 218 -28.43 -11.05 24.54
N GLU E 219 -29.25 -11.24 23.51
CA GLU E 219 -29.31 -12.50 22.79
C GLU E 219 -29.28 -12.23 21.29
N PHE E 220 -28.55 -13.06 20.56
CA PHE E 220 -28.43 -12.96 19.12
C PHE E 220 -29.11 -14.14 18.44
N TYR E 221 -29.72 -13.88 17.29
CA TYR E 221 -30.25 -14.94 16.45
C TYR E 221 -30.25 -14.46 15.01
N TRP E 222 -30.28 -15.42 14.09
CA TRP E 222 -30.41 -15.11 12.68
C TRP E 222 -31.89 -14.91 12.34
N ARG E 223 -32.23 -13.74 11.83
CA ARG E 223 -33.62 -13.41 11.53
C ARG E 223 -33.99 -14.04 10.20
N GLY E 224 -34.82 -15.07 10.24
CA GLY E 224 -35.18 -15.81 9.06
C GLY E 224 -34.50 -17.16 8.90
N GLY E 225 -33.76 -17.61 9.91
CA GLY E 225 -33.11 -18.91 9.85
C GLY E 225 -32.04 -19.00 8.78
N ASP E 226 -32.17 -19.97 7.88
CA ASP E 226 -31.21 -20.14 6.79
C ASP E 226 -31.29 -19.04 5.75
N LYS E 227 -32.36 -18.24 5.75
CA LYS E 227 -32.54 -17.17 4.78
C LYS E 227 -32.06 -15.82 5.29
N ALA E 228 -31.38 -15.79 6.44
CA ALA E 228 -30.95 -14.52 7.02
C ALA E 228 -29.93 -13.82 6.14
N VAL E 229 -29.04 -14.57 5.51
CA VAL E 229 -27.98 -14.01 4.67
C VAL E 229 -28.35 -14.28 3.22
N THR E 230 -28.42 -13.21 2.43
CA THR E 230 -28.75 -13.28 1.01
C THR E 230 -27.66 -12.62 0.18
N GLY E 231 -27.75 -12.81 -1.14
CA GLY E 231 -26.85 -12.19 -2.07
C GLY E 231 -25.58 -12.96 -2.37
N VAL E 232 -25.39 -14.13 -1.76
CA VAL E 232 -24.17 -14.90 -1.97
C VAL E 232 -24.12 -15.47 -3.38
N GLU E 233 -25.27 -15.92 -3.90
CA GLU E 233 -25.28 -16.57 -5.20
C GLU E 233 -25.02 -15.61 -6.36
N ARG E 234 -25.03 -14.31 -6.12
CA ARG E 234 -24.74 -13.33 -7.15
C ARG E 234 -23.27 -12.91 -7.15
N ILE E 235 -22.45 -13.53 -6.32
CA ILE E 235 -21.03 -13.21 -6.23
C ILE E 235 -20.26 -14.06 -7.24
N GLU E 236 -19.43 -13.41 -8.05
CA GLU E 236 -18.63 -14.08 -9.08
C GLU E 236 -17.18 -13.62 -8.91
N LEU E 237 -16.42 -14.34 -8.10
CA LEU E 237 -15.01 -14.04 -7.90
C LEU E 237 -14.19 -14.48 -9.11
N PRO E 238 -13.24 -13.66 -9.55
CA PRO E 238 -12.42 -14.05 -10.71
C PRO E 238 -11.60 -15.30 -10.48
N GLN E 239 -11.14 -15.55 -9.26
CA GLN E 239 -10.21 -16.65 -8.99
C GLN E 239 -10.80 -17.74 -8.12
N PHE E 240 -11.89 -17.48 -7.41
CA PHE E 240 -12.52 -18.45 -6.54
C PHE E 240 -13.94 -18.74 -7.01
N SER E 241 -14.60 -19.64 -6.29
CA SER E 241 -16.01 -19.95 -6.54
C SER E 241 -16.62 -20.39 -5.23
N ILE E 242 -17.53 -19.58 -4.71
CA ILE E 242 -18.13 -19.87 -3.40
C ILE E 242 -18.98 -21.13 -3.52
N VAL E 243 -18.61 -22.15 -2.74
CA VAL E 243 -19.31 -23.43 -2.80
C VAL E 243 -20.49 -23.44 -1.85
N GLU E 244 -20.28 -23.01 -0.61
CA GLU E 244 -21.31 -23.13 0.41
C GLU E 244 -21.07 -22.08 1.49
N HIS E 245 -22.16 -21.47 1.96
CA HIS E 245 -22.13 -20.60 3.12
C HIS E 245 -22.96 -21.22 4.23
N ARG E 246 -22.58 -20.91 5.47
CA ARG E 246 -23.18 -21.56 6.63
C ARG E 246 -23.38 -20.53 7.74
N LEU E 247 -24.44 -20.73 8.53
CA LEU E 247 -24.78 -19.82 9.62
C LEU E 247 -24.72 -20.58 10.93
N VAL E 248 -23.98 -20.05 11.89
CA VAL E 248 -23.74 -20.72 13.18
C VAL E 248 -24.08 -19.75 14.30
N SER E 249 -24.73 -20.27 15.35
CA SER E 249 -25.06 -19.52 16.54
C SER E 249 -24.57 -20.28 17.76
N ARG E 250 -23.86 -19.60 18.66
CA ARG E 250 -23.30 -20.25 19.85
C ARG E 250 -22.90 -19.17 20.83
N ASN E 251 -22.22 -19.58 21.91
CA ASN E 251 -21.74 -18.68 22.95
C ASN E 251 -20.22 -18.80 23.07
N VAL E 252 -19.58 -17.70 23.46
CA VAL E 252 -18.15 -17.64 23.69
C VAL E 252 -17.91 -17.09 25.09
N VAL E 253 -17.00 -17.71 25.83
CA VAL E 253 -16.72 -17.35 27.21
C VAL E 253 -15.32 -16.72 27.27
N PHE E 254 -15.26 -15.52 27.83
CA PHE E 254 -14.01 -14.84 28.17
C PHE E 254 -13.92 -14.69 29.68
N ALA E 255 -12.88 -14.00 30.14
CA ALA E 255 -12.71 -13.78 31.57
C ALA E 255 -13.78 -12.87 32.15
N THR E 256 -14.45 -12.06 31.32
CA THR E 256 -15.46 -11.13 31.77
C THR E 256 -16.88 -11.68 31.70
N GLY E 257 -17.06 -12.91 31.22
CA GLY E 257 -18.36 -13.53 31.13
C GLY E 257 -18.54 -14.21 29.79
N ALA E 258 -19.77 -14.66 29.55
CA ALA E 258 -20.13 -15.39 28.34
C ALA E 258 -20.94 -14.49 27.43
N TYR E 259 -20.55 -14.41 26.15
CA TYR E 259 -21.14 -13.51 25.21
C TYR E 259 -21.74 -14.27 24.03
N PRO E 260 -22.82 -13.76 23.44
CA PRO E 260 -23.38 -14.41 22.26
C PRO E 260 -22.59 -14.11 21.00
N ARG E 261 -22.53 -15.09 20.10
CA ARG E 261 -21.80 -14.94 18.86
C ARG E 261 -22.58 -15.54 17.71
N LEU E 262 -22.48 -14.91 16.54
CA LEU E 262 -23.01 -15.42 15.29
C LEU E 262 -21.87 -15.48 14.29
N SER E 263 -21.74 -16.61 13.59
CA SER E 263 -20.63 -16.83 12.67
C SER E 263 -21.17 -17.09 11.27
N LEU E 264 -20.67 -16.31 10.31
CA LEU E 264 -20.99 -16.49 8.89
C LEU E 264 -19.72 -16.94 8.19
N SER E 265 -19.77 -18.10 7.53
CA SER E 265 -18.59 -18.71 6.93
C SER E 265 -18.87 -19.11 5.49
N PHE E 266 -17.85 -18.94 4.64
CA PHE E 266 -17.92 -19.36 3.24
C PHE E 266 -16.83 -20.39 2.99
N ARG E 267 -17.09 -21.28 2.04
CA ARG E 267 -16.11 -22.28 1.60
C ARG E 267 -15.74 -21.95 0.16
N LEU E 268 -14.61 -21.28 -0.01
CA LEU E 268 -14.11 -20.91 -1.32
C LEU E 268 -13.38 -22.08 -1.96
N LYS E 269 -13.30 -22.05 -3.29
CA LYS E 269 -12.57 -23.04 -4.05
C LYS E 269 -11.91 -22.35 -5.24
N ARG E 270 -10.60 -22.52 -5.37
CA ARG E 270 -9.84 -21.77 -6.36
C ARG E 270 -10.01 -22.36 -7.76
N ASN E 271 -10.11 -21.49 -8.75
CA ASN E 271 -10.16 -21.91 -10.14
C ASN E 271 -8.75 -22.10 -10.68
N ILE E 272 -8.50 -23.27 -11.26
CA ILE E 272 -7.16 -23.63 -11.70
C ILE E 272 -6.83 -23.16 -13.10
N GLY E 273 -7.82 -22.64 -13.85
CA GLY E 273 -7.58 -22.26 -15.22
C GLY E 273 -6.51 -21.19 -15.38
N TYR E 274 -6.32 -20.35 -14.36
CA TYR E 274 -5.31 -19.32 -14.45
C TYR E 274 -3.90 -19.89 -14.33
N PHE E 275 -3.71 -20.86 -13.42
CA PHE E 275 -2.39 -21.39 -13.17
C PHE E 275 -1.92 -22.37 -14.24
N ILE E 276 -2.84 -22.91 -15.03
CA ILE E 276 -2.44 -23.75 -16.16
C ILE E 276 -1.68 -22.91 -17.18
N LEU E 277 -2.18 -21.71 -17.47
CA LEU E 277 -1.54 -20.86 -18.47
C LEU E 277 -0.26 -20.23 -17.94
N GLN E 278 -0.17 -19.99 -16.64
CA GLN E 278 0.91 -19.20 -16.08
C GLN E 278 2.06 -20.04 -15.55
N THR E 279 1.78 -21.18 -14.92
CA THR E 279 2.81 -21.93 -14.22
C THR E 279 3.02 -23.33 -14.80
N TYR E 280 1.95 -24.10 -14.99
CA TYR E 280 2.13 -25.50 -15.36
C TYR E 280 2.57 -25.63 -16.82
N MET E 281 1.93 -24.91 -17.73
CA MET E 281 2.30 -25.02 -19.14
C MET E 281 3.72 -24.56 -19.42
N PRO E 282 4.20 -23.41 -18.93
CA PRO E 282 5.61 -23.06 -19.17
C PRO E 282 6.57 -24.09 -18.62
N SER E 283 6.27 -24.70 -17.47
CA SER E 283 7.15 -25.72 -16.92
C SER E 283 7.18 -26.96 -17.80
N ILE E 284 6.02 -27.38 -18.31
CA ILE E 284 5.97 -28.57 -19.15
C ILE E 284 6.69 -28.35 -20.46
N LEU E 285 6.54 -27.16 -21.05
CA LEU E 285 7.16 -26.90 -22.34
C LEU E 285 8.67 -26.78 -22.22
N ILE E 286 9.16 -26.22 -21.11
CA ILE E 286 10.60 -26.18 -20.88
C ILE E 286 11.15 -27.58 -20.67
N THR E 287 10.40 -28.43 -19.97
CA THR E 287 10.83 -29.81 -19.76
C THR E 287 10.89 -30.57 -21.08
N ILE E 288 9.90 -30.37 -21.95
CA ILE E 288 9.91 -31.02 -23.26
C ILE E 288 11.06 -30.47 -24.11
N LEU E 289 11.34 -29.17 -23.99
CA LEU E 289 12.46 -28.58 -24.71
C LEU E 289 13.77 -29.27 -24.38
N SER E 290 13.93 -29.74 -23.14
CA SER E 290 15.16 -30.42 -22.74
C SER E 290 15.32 -31.80 -23.38
N TRP E 291 14.25 -32.39 -23.91
CA TRP E 291 14.32 -33.70 -24.54
C TRP E 291 14.81 -33.64 -25.98
N VAL E 292 14.80 -32.46 -26.61
CA VAL E 292 15.37 -32.33 -27.95
C VAL E 292 16.86 -32.62 -27.94
N SER E 293 17.52 -32.44 -26.79
CA SER E 293 18.94 -32.72 -26.67
C SER E 293 19.29 -34.16 -26.98
N PHE E 294 18.33 -35.09 -26.84
CA PHE E 294 18.63 -36.50 -27.06
C PHE E 294 18.71 -36.85 -28.53
N TRP E 295 17.98 -36.14 -29.40
CA TRP E 295 18.03 -36.41 -30.83
C TRP E 295 19.24 -35.76 -31.50
N ILE E 296 19.89 -34.81 -30.84
CA ILE E 296 21.09 -34.18 -31.39
C ILE E 296 22.27 -35.12 -31.22
N ASN E 297 23.23 -35.02 -32.13
CA ASN E 297 24.39 -35.91 -32.10
C ASN E 297 25.20 -35.70 -30.82
N TYR E 298 25.69 -36.82 -30.27
CA TYR E 298 26.37 -36.78 -28.97
C TYR E 298 27.76 -36.16 -29.04
N ASP E 299 28.30 -35.92 -30.24
CA ASP E 299 29.59 -35.28 -30.38
C ASP E 299 29.50 -33.78 -30.58
N ALA E 300 28.29 -33.21 -30.55
CA ALA E 300 28.10 -31.77 -30.63
C ALA E 300 28.05 -31.23 -29.20
N SER E 301 29.23 -30.90 -28.66
CA SER E 301 29.31 -30.49 -27.26
C SER E 301 28.61 -29.15 -27.02
N ALA E 302 28.90 -28.16 -27.86
CA ALA E 302 28.37 -26.82 -27.61
C ALA E 302 26.85 -26.78 -27.71
N ALA E 303 26.28 -27.52 -28.66
CA ALA E 303 24.84 -27.46 -28.88
C ALA E 303 24.08 -28.09 -27.71
N ARG E 304 24.46 -29.29 -27.29
CA ARG E 304 23.69 -30.00 -26.28
C ARG E 304 23.94 -29.44 -24.88
N VAL E 305 25.12 -28.89 -24.61
CA VAL E 305 25.36 -28.27 -23.30
C VAL E 305 24.58 -26.97 -23.18
N ALA E 306 24.53 -26.17 -24.25
CA ALA E 306 23.75 -24.94 -24.22
C ALA E 306 22.27 -25.23 -24.04
N LEU E 307 21.76 -26.25 -24.72
CA LEU E 307 20.38 -26.65 -24.56
C LEU E 307 20.10 -27.16 -23.14
N GLY E 308 21.01 -27.96 -22.60
CA GLY E 308 20.81 -28.48 -21.26
C GLY E 308 20.90 -27.43 -20.18
N ILE E 309 21.88 -26.51 -20.31
CA ILE E 309 22.10 -25.50 -19.28
C ILE E 309 20.92 -24.53 -19.22
N THR E 310 20.44 -24.08 -20.37
CA THR E 310 19.40 -23.06 -20.39
C THR E 310 18.11 -23.56 -19.74
N THR E 311 17.73 -24.81 -20.02
CA THR E 311 16.53 -25.36 -19.42
C THR E 311 16.66 -25.46 -17.91
N VAL E 312 17.83 -25.88 -17.43
CA VAL E 312 18.04 -26.01 -15.98
C VAL E 312 17.96 -24.66 -15.30
N LEU E 313 18.61 -23.64 -15.89
CA LEU E 313 18.56 -22.31 -15.29
C LEU E 313 17.19 -21.67 -15.43
N THR E 314 16.50 -21.91 -16.54
CA THR E 314 15.14 -21.38 -16.70
C THR E 314 14.20 -21.97 -15.67
N MET E 315 14.31 -23.28 -15.41
CA MET E 315 13.44 -23.91 -14.43
C MET E 315 13.66 -23.35 -13.04
N THR E 316 14.90 -23.02 -12.68
CA THR E 316 15.17 -22.37 -11.40
C THR E 316 14.54 -20.98 -11.35
N THR E 317 14.57 -20.25 -12.46
CA THR E 317 14.01 -18.90 -12.47
C THR E 317 12.51 -18.91 -12.19
N ILE E 318 11.78 -19.84 -12.80
CA ILE E 318 10.32 -19.87 -12.65
C ILE E 318 9.94 -20.13 -11.20
N ASN E 319 10.66 -21.04 -10.53
CA ASN E 319 10.30 -21.38 -9.15
C ASN E 319 10.46 -20.18 -8.23
N THR E 320 11.50 -19.38 -8.42
CA THR E 320 11.69 -18.19 -7.60
C THR E 320 10.73 -17.07 -7.99
N HIS E 321 10.42 -16.96 -9.28
CA HIS E 321 9.58 -15.88 -9.76
C HIS E 321 8.15 -15.97 -9.21
N LEU E 322 7.62 -17.18 -9.05
CA LEU E 322 6.25 -17.33 -8.58
C LEU E 322 6.10 -16.84 -7.14
N ARG E 323 7.08 -17.10 -6.29
CA ARG E 323 6.99 -16.84 -4.85
C ARG E 323 6.98 -15.36 -4.50
N GLU E 324 6.92 -14.43 -5.46
CA GLU E 324 6.85 -13.01 -5.10
C GLU E 324 5.49 -12.66 -4.51
N THR E 325 4.40 -13.12 -5.16
CA THR E 325 3.05 -12.75 -4.76
C THR E 325 2.45 -13.71 -3.75
N LEU E 326 3.27 -14.41 -2.97
CA LEU E 326 2.79 -15.31 -1.94
C LEU E 326 3.51 -15.03 -0.63
N PRO E 327 2.88 -15.34 0.49
CA PRO E 327 3.54 -15.11 1.79
C PRO E 327 4.72 -16.06 1.99
N LYS E 328 5.60 -15.67 2.91
CA LYS E 328 6.78 -16.47 3.19
C LYS E 328 6.45 -17.64 4.10
N ILE E 329 5.49 -18.47 3.68
CA ILE E 329 5.11 -19.65 4.45
C ILE E 329 6.27 -20.64 4.42
N PRO E 330 6.50 -21.38 5.51
CA PRO E 330 7.69 -22.25 5.59
C PRO E 330 7.50 -23.67 5.07
N TYR E 331 6.36 -24.02 4.49
CA TYR E 331 6.12 -25.37 4.02
C TYR E 331 6.13 -25.40 2.50
N VAL E 332 5.90 -26.60 1.96
CA VAL E 332 5.98 -26.84 0.52
C VAL E 332 4.57 -26.86 -0.04
N LYS E 333 4.25 -25.87 -0.87
CA LYS E 333 2.98 -25.85 -1.58
C LYS E 333 2.98 -26.88 -2.70
N ALA E 334 1.78 -27.31 -3.08
CA ALA E 334 1.65 -28.32 -4.13
C ALA E 334 2.23 -27.85 -5.46
N ILE E 335 2.26 -26.54 -5.70
CA ILE E 335 2.91 -26.03 -6.90
C ILE E 335 4.42 -26.18 -6.84
N ASP E 336 5.02 -26.11 -5.65
CA ASP E 336 6.45 -26.30 -5.51
C ASP E 336 6.88 -27.73 -5.81
N MET E 337 6.03 -28.72 -5.49
CA MET E 337 6.36 -30.09 -5.80
C MET E 337 6.50 -30.31 -7.31
N TYR E 338 5.62 -29.68 -8.09
CA TYR E 338 5.70 -29.82 -9.54
C TYR E 338 6.95 -29.14 -10.10
N LEU E 339 7.25 -27.93 -9.63
CA LEU E 339 8.44 -27.23 -10.10
C LEU E 339 9.72 -27.92 -9.65
N MET E 340 9.70 -28.57 -8.49
CA MET E 340 10.83 -29.39 -8.09
C MET E 340 10.85 -30.72 -8.83
N GLY E 341 9.68 -31.24 -9.20
CA GLY E 341 9.63 -32.43 -10.01
C GLY E 341 10.13 -32.19 -11.43
N CYS E 342 9.78 -31.04 -12.01
CA CYS E 342 10.27 -30.71 -13.34
C CYS E 342 11.76 -30.41 -13.32
N PHE E 343 12.27 -29.85 -12.23
CA PHE E 343 13.69 -29.55 -12.14
C PHE E 343 14.53 -30.83 -12.15
N VAL E 344 14.04 -31.89 -11.50
CA VAL E 344 14.77 -33.14 -11.46
C VAL E 344 14.87 -33.75 -12.86
N PHE E 345 13.81 -33.62 -13.65
CA PHE E 345 13.84 -34.18 -15.00
C PHE E 345 14.81 -33.43 -15.90
N VAL E 346 14.81 -32.10 -15.86
CA VAL E 346 15.74 -31.35 -16.69
C VAL E 346 17.16 -31.40 -16.16
N PHE E 347 17.34 -31.65 -14.86
CA PHE E 347 18.68 -31.82 -14.31
C PHE E 347 19.25 -33.19 -14.65
N LEU E 348 18.41 -34.22 -14.71
CA LEU E 348 18.90 -35.54 -15.10
C LEU E 348 19.21 -35.62 -16.59
N ALA E 349 18.47 -34.87 -17.42
CA ALA E 349 18.78 -34.84 -18.83
C ALA E 349 20.15 -34.23 -19.09
N LEU E 350 20.49 -33.16 -18.37
CA LEU E 350 21.82 -32.56 -18.50
C LEU E 350 22.89 -33.49 -17.97
N LEU E 351 22.62 -34.19 -16.87
CA LEU E 351 23.56 -35.18 -16.36
C LEU E 351 23.67 -36.37 -17.29
N GLU E 352 22.60 -36.67 -18.04
CA GLU E 352 22.67 -37.77 -19.00
C GLU E 352 23.70 -37.49 -20.08
N TYR E 353 23.73 -36.26 -20.60
CA TYR E 353 24.73 -35.92 -21.61
C TYR E 353 26.14 -35.97 -21.04
N ALA E 354 26.31 -35.51 -19.80
CA ALA E 354 27.63 -35.52 -19.19
C ALA E 354 28.20 -36.93 -19.13
N PHE E 355 27.35 -37.93 -18.84
CA PHE E 355 27.80 -39.31 -18.88
C PHE E 355 28.16 -39.73 -20.29
N VAL E 356 27.36 -39.34 -21.27
CA VAL E 356 27.63 -39.69 -22.66
C VAL E 356 28.91 -39.02 -23.13
N ASN E 357 29.07 -37.73 -22.83
CA ASN E 357 30.26 -37.01 -23.26
C ASN E 357 31.50 -37.58 -22.61
N TYR E 358 31.37 -38.16 -21.42
CA TYR E 358 32.51 -38.72 -20.72
C TYR E 358 32.88 -40.10 -21.21
N ILE E 359 32.03 -40.75 -22.01
CA ILE E 359 32.18 -42.16 -22.29
C ILE E 359 32.14 -42.45 -23.79
N PHE E 360 31.85 -41.43 -24.60
CA PHE E 360 31.68 -41.67 -26.03
C PHE E 360 33.00 -41.80 -26.78
N PHE E 361 34.13 -41.52 -26.14
CA PHE E 361 35.42 -41.76 -26.76
C PHE E 361 35.82 -43.23 -26.63
N SER E 362 35.92 -43.72 -25.40
CA SER E 362 36.32 -45.11 -25.17
C SER E 362 35.30 -46.09 -25.72
N GLN E 363 34.01 -45.83 -25.49
CA GLN E 363 32.93 -46.76 -25.82
C GLN E 363 31.91 -46.05 -26.68
N PRO E 364 32.21 -45.86 -27.97
CA PRO E 364 31.26 -45.13 -28.83
C PRO E 364 29.91 -45.80 -28.98
N ALA E 365 29.86 -47.12 -28.97
CA ALA E 365 28.59 -47.81 -29.21
C ALA E 365 27.61 -47.61 -28.06
N ARG E 366 28.07 -47.81 -26.82
CA ARG E 366 27.17 -47.70 -25.68
C ARG E 366 26.72 -46.26 -25.44
N ALA E 367 27.48 -45.27 -25.90
CA ALA E 367 27.05 -43.89 -25.79
C ALA E 367 25.80 -43.61 -26.62
N ALA E 368 25.73 -44.18 -27.84
CA ALA E 368 24.56 -43.97 -28.68
C ALA E 368 23.34 -44.72 -28.13
N ALA E 369 23.57 -45.87 -27.49
CA ALA E 369 22.46 -46.64 -26.94
C ALA E 369 21.76 -45.87 -25.83
N ILE E 370 22.52 -45.18 -24.97
CA ILE E 370 21.91 -44.42 -23.88
C ILE E 370 21.04 -43.30 -24.43
N ASP E 371 21.49 -42.63 -25.49
CA ASP E 371 20.69 -41.60 -26.11
C ASP E 371 19.40 -42.16 -26.69
N ARG E 372 19.45 -43.35 -27.26
CA ARG E 372 18.25 -43.95 -27.83
C ARG E 372 17.23 -44.31 -26.77
N TRP E 373 17.70 -44.80 -25.61
CA TRP E 373 16.77 -45.12 -24.53
C TRP E 373 16.20 -43.85 -23.91
N SER E 374 17.01 -42.80 -23.81
CA SER E 374 16.54 -41.55 -23.23
C SER E 374 15.37 -40.97 -24.00
N ARG E 375 15.27 -41.30 -25.30
CA ARG E 375 14.13 -40.85 -26.09
C ARG E 375 12.84 -41.52 -25.66
N ILE E 376 12.94 -42.64 -24.95
CA ILE E 376 11.76 -43.37 -24.50
C ILE E 376 11.53 -43.19 -23.01
N VAL E 377 12.58 -43.33 -22.20
CA VAL E 377 12.42 -43.33 -20.75
C VAL E 377 11.96 -41.96 -20.26
N PHE E 378 12.63 -40.90 -20.72
CA PHE E 378 12.30 -39.56 -20.24
C PHE E 378 10.88 -39.14 -20.59
N PRO E 379 10.40 -39.27 -21.83
CA PRO E 379 8.98 -38.93 -22.07
C PRO E 379 8.01 -39.83 -21.32
N PHE E 380 8.36 -41.10 -21.15
CA PHE E 380 7.46 -42.03 -20.47
C PHE E 380 7.43 -41.80 -18.97
N THR E 381 8.60 -41.53 -18.37
CA THR E 381 8.64 -41.31 -16.92
C THR E 381 7.99 -39.98 -16.54
N PHE E 382 8.13 -38.95 -17.37
CA PHE E 382 7.49 -37.67 -17.06
C PHE E 382 5.98 -37.81 -17.09
N SER E 383 5.45 -38.54 -18.08
CA SER E 383 4.01 -38.77 -18.12
C SER E 383 3.54 -39.61 -16.94
N LEU E 384 4.41 -40.43 -16.37
CA LEU E 384 4.07 -41.17 -15.16
C LEU E 384 4.06 -40.25 -13.94
N PHE E 385 5.01 -39.31 -13.87
CA PHE E 385 5.01 -38.33 -12.79
C PHE E 385 3.77 -37.45 -12.84
N ASN E 386 3.36 -37.04 -14.04
CA ASN E 386 2.15 -36.24 -14.18
C ASN E 386 0.91 -37.04 -13.79
N LEU E 387 0.91 -38.34 -14.09
CA LEU E 387 -0.22 -39.18 -13.72
C LEU E 387 -0.37 -39.26 -12.20
N VAL E 388 0.74 -39.43 -11.48
CA VAL E 388 0.69 -39.52 -10.03
C VAL E 388 0.35 -38.17 -9.41
N TYR E 389 0.94 -37.09 -9.95
CA TYR E 389 0.72 -35.77 -9.36
C TYR E 389 -0.72 -35.32 -9.52
N TRP E 390 -1.28 -35.43 -10.73
CA TRP E 390 -2.62 -34.93 -10.98
C TRP E 390 -3.71 -35.82 -10.42
N LEU E 391 -3.38 -37.04 -9.98
CA LEU E 391 -4.38 -37.89 -9.34
C LEU E 391 -4.38 -37.74 -7.83
N TYR E 392 -3.23 -37.40 -7.24
CA TYR E 392 -3.18 -37.20 -5.79
C TYR E 392 -3.78 -35.86 -5.38
N TYR E 393 -3.64 -34.83 -6.20
CA TYR E 393 -4.12 -33.49 -5.88
C TYR E 393 -5.49 -33.18 -6.47
N VAL E 394 -6.10 -34.11 -7.19
CA VAL E 394 -7.42 -33.88 -7.75
C VAL E 394 -8.37 -35.00 -7.35
N GLN F 1 -22.10 -25.73 -25.93
CA GLN F 1 -22.61 -24.59 -26.67
C GLN F 1 -23.65 -23.83 -25.85
N VAL F 2 -23.57 -22.50 -25.87
CA VAL F 2 -24.49 -21.66 -25.12
C VAL F 2 -25.85 -21.67 -25.81
N GLN F 3 -26.87 -22.16 -25.13
CA GLN F 3 -28.22 -22.27 -25.69
C GLN F 3 -29.22 -21.79 -24.65
N LEU F 4 -29.86 -20.65 -24.93
CA LEU F 4 -30.91 -20.13 -24.06
C LEU F 4 -32.23 -20.76 -24.48
N GLN F 5 -32.75 -21.67 -23.67
CA GLN F 5 -33.99 -22.37 -23.97
C GLN F 5 -35.13 -21.74 -23.18
N GLU F 6 -36.29 -21.60 -23.83
CA GLU F 6 -37.44 -20.92 -23.25
C GLU F 6 -38.60 -21.87 -23.15
N SER F 7 -39.33 -21.79 -22.03
CA SER F 7 -40.52 -22.60 -21.82
C SER F 7 -41.70 -21.73 -21.41
N GLY F 8 -42.82 -22.35 -21.07
CA GLY F 8 -44.00 -21.62 -20.68
C GLY F 8 -44.74 -21.05 -21.87
N GLY F 9 -45.83 -20.33 -21.57
CA GLY F 9 -46.62 -19.69 -22.59
C GLY F 9 -47.59 -20.64 -23.27
N GLY F 10 -48.35 -20.09 -24.21
CA GLY F 10 -49.36 -20.86 -24.90
C GLY F 10 -50.59 -20.05 -25.26
N LEU F 11 -51.76 -20.52 -24.82
CA LEU F 11 -53.02 -19.87 -25.11
C LEU F 11 -53.67 -19.44 -23.80
N VAL F 12 -54.08 -18.17 -23.73
CA VAL F 12 -54.78 -17.63 -22.58
C VAL F 12 -55.99 -16.85 -23.08
N GLN F 13 -57.13 -17.06 -22.44
CA GLN F 13 -58.41 -16.54 -22.90
C GLN F 13 -58.86 -15.38 -22.04
N ALA F 14 -59.19 -14.25 -22.69
CA ALA F 14 -59.77 -13.09 -22.02
C ALA F 14 -58.89 -12.58 -20.89
N GLY F 15 -57.58 -12.52 -21.13
CA GLY F 15 -56.65 -12.06 -20.12
C GLY F 15 -56.39 -13.12 -19.07
N GLY F 16 -55.58 -12.72 -18.08
CA GLY F 16 -55.18 -13.62 -17.02
C GLY F 16 -53.67 -13.84 -17.02
N SER F 17 -53.18 -14.28 -15.86
CA SER F 17 -51.75 -14.48 -15.68
C SER F 17 -51.24 -15.62 -16.56
N LEU F 18 -49.99 -15.48 -17.01
CA LEU F 18 -49.34 -16.51 -17.81
C LEU F 18 -47.84 -16.33 -17.67
N ARG F 19 -47.18 -17.24 -16.95
CA ARG F 19 -45.76 -17.10 -16.67
C ARG F 19 -44.92 -17.70 -17.80
N VAL F 20 -43.85 -17.00 -18.16
CA VAL F 20 -42.93 -17.43 -19.19
C VAL F 20 -41.53 -17.51 -18.58
N SER F 21 -40.87 -18.64 -18.77
CA SER F 21 -39.57 -18.91 -18.17
C SER F 21 -38.49 -18.97 -19.24
N CYS F 22 -37.25 -19.11 -18.80
CA CYS F 22 -36.09 -19.18 -19.70
C CYS F 22 -34.93 -19.79 -18.93
N ALA F 23 -34.40 -20.90 -19.43
CA ALA F 23 -33.30 -21.60 -18.79
C ALA F 23 -32.04 -21.47 -19.63
N ALA F 24 -30.93 -21.19 -18.96
CA ALA F 24 -29.65 -20.98 -19.63
C ALA F 24 -28.74 -22.18 -19.42
N SER F 25 -27.85 -22.40 -20.39
CA SER F 25 -26.97 -23.56 -20.35
C SER F 25 -25.71 -23.26 -21.16
N GLY F 26 -24.58 -23.75 -20.68
CA GLY F 26 -23.31 -23.59 -21.36
C GLY F 26 -22.50 -22.38 -20.94
N ARG F 27 -23.07 -21.48 -20.14
CA ARG F 27 -22.34 -20.33 -19.65
C ARG F 27 -23.09 -19.77 -18.44
N THR F 28 -22.32 -19.26 -17.48
CA THR F 28 -22.88 -18.67 -16.28
C THR F 28 -23.14 -17.19 -16.51
N PHE F 29 -24.41 -16.79 -16.44
CA PHE F 29 -24.82 -15.42 -16.71
C PHE F 29 -25.04 -14.61 -15.44
N THR F 30 -24.27 -14.87 -14.39
CA THR F 30 -24.41 -14.11 -13.16
C THR F 30 -24.04 -12.65 -13.36
N THR F 31 -23.00 -12.37 -14.14
CA THR F 31 -22.52 -11.02 -14.36
C THR F 31 -23.08 -10.37 -15.61
N TYR F 32 -24.01 -11.02 -16.30
CA TYR F 32 -24.63 -10.47 -17.49
C TYR F 32 -26.00 -9.92 -17.16
N ILE F 33 -26.66 -9.36 -18.18
CA ILE F 33 -28.00 -8.82 -18.07
C ILE F 33 -28.93 -9.72 -18.86
N MET F 34 -29.98 -10.23 -18.21
CA MET F 34 -30.96 -11.09 -18.87
C MET F 34 -32.25 -10.30 -19.04
N ALA F 35 -32.69 -10.17 -20.28
CA ALA F 35 -33.83 -9.33 -20.64
C ALA F 35 -34.90 -10.17 -21.33
N TRP F 36 -35.98 -9.49 -21.73
CA TRP F 36 -37.05 -10.10 -22.50
C TRP F 36 -37.49 -9.16 -23.60
N PHE F 37 -37.62 -9.69 -24.81
CA PHE F 37 -38.06 -8.93 -25.97
C PHE F 37 -39.29 -9.56 -26.57
N ARG F 38 -40.19 -8.74 -27.06
CA ARG F 38 -41.43 -9.19 -27.69
C ARG F 38 -41.45 -8.73 -29.13
N GLN F 39 -41.80 -9.63 -30.05
CA GLN F 39 -41.87 -9.32 -31.47
C GLN F 39 -43.27 -9.64 -31.98
N ALA F 40 -44.03 -8.58 -32.27
CA ALA F 40 -45.31 -8.75 -32.94
C ALA F 40 -45.08 -9.27 -34.35
N PRO F 41 -46.10 -9.92 -34.95
CA PRO F 41 -45.87 -10.52 -36.28
C PRO F 41 -45.54 -9.49 -37.34
N GLY F 42 -44.29 -9.50 -37.81
CA GLY F 42 -43.85 -8.65 -38.88
C GLY F 42 -43.59 -7.20 -38.50
N LYS F 43 -43.88 -6.79 -37.26
CA LYS F 43 -43.78 -5.38 -36.92
C LYS F 43 -42.36 -4.97 -36.55
N GLU F 44 -41.85 -5.47 -35.42
CA GLU F 44 -40.53 -5.12 -34.90
C GLU F 44 -40.30 -5.91 -33.62
N ARG F 45 -39.09 -5.80 -33.09
CA ARG F 45 -38.72 -6.42 -31.83
C ARG F 45 -38.67 -5.35 -30.75
N GLU F 46 -39.44 -5.53 -29.69
CA GLU F 46 -39.67 -4.50 -28.67
C GLU F 46 -39.12 -4.95 -27.32
N PHE F 47 -38.47 -4.02 -26.63
CA PHE F 47 -37.96 -4.30 -25.29
C PHE F 47 -39.10 -4.37 -24.28
N LEU F 48 -39.02 -5.35 -23.37
CA LEU F 48 -40.02 -5.52 -22.33
C LEU F 48 -39.46 -5.26 -20.94
N ALA F 49 -38.40 -5.97 -20.55
CA ALA F 49 -37.89 -5.90 -19.19
C ALA F 49 -36.44 -6.35 -19.18
N ALA F 50 -35.76 -6.04 -18.08
CA ALA F 50 -34.36 -6.42 -17.93
C ALA F 50 -34.04 -6.51 -16.43
N MET F 51 -32.93 -7.18 -16.13
CA MET F 51 -32.46 -7.28 -14.75
C MET F 51 -30.98 -7.61 -14.76
N ASP F 52 -30.18 -6.80 -14.10
CA ASP F 52 -28.74 -6.98 -14.04
C ASP F 52 -28.35 -7.72 -12.78
N GLN F 53 -27.05 -7.77 -12.50
CA GLN F 53 -26.55 -8.50 -11.33
C GLN F 53 -27.00 -7.86 -10.03
N GLY F 54 -27.22 -6.55 -10.02
CA GLY F 54 -27.64 -5.84 -8.83
C GLY F 54 -29.13 -5.88 -8.55
N ARG F 55 -29.87 -6.75 -9.24
CA ARG F 55 -31.32 -6.93 -9.11
C ARG F 55 -32.11 -5.72 -9.58
N ILE F 56 -31.48 -4.76 -10.26
CA ILE F 56 -32.20 -3.59 -10.75
C ILE F 56 -33.10 -4.01 -11.89
N GLN F 57 -34.37 -3.65 -11.81
CA GLN F 57 -35.37 -4.05 -12.79
C GLN F 57 -35.69 -2.88 -13.70
N TYR F 58 -35.58 -3.09 -15.01
CA TYR F 58 -35.95 -2.11 -16.01
C TYR F 58 -37.19 -2.61 -16.75
N TYR F 59 -38.09 -1.68 -17.08
CA TYR F 59 -39.32 -2.03 -17.78
C TYR F 59 -39.59 -1.00 -18.87
N GLY F 60 -40.30 -1.43 -19.91
CA GLY F 60 -40.75 -0.52 -20.93
C GLY F 60 -42.01 0.22 -20.50
N ASP F 61 -42.33 1.28 -21.26
CA ASP F 61 -43.50 2.08 -20.95
C ASP F 61 -44.79 1.28 -21.17
N SER F 62 -44.83 0.46 -22.22
CA SER F 62 -46.06 -0.23 -22.59
C SER F 62 -46.44 -1.33 -21.61
N VAL F 63 -45.50 -1.82 -20.80
CA VAL F 63 -45.74 -2.96 -19.93
C VAL F 63 -45.43 -2.65 -18.47
N ARG F 64 -45.06 -1.42 -18.14
CA ARG F 64 -44.76 -1.08 -16.76
C ARG F 64 -46.00 -1.24 -15.88
N GLY F 65 -45.82 -1.87 -14.72
CA GLY F 65 -46.91 -2.10 -13.80
C GLY F 65 -47.73 -3.34 -14.07
N ARG F 66 -47.44 -4.08 -15.15
CA ARG F 66 -48.15 -5.30 -15.48
C ARG F 66 -47.23 -6.52 -15.49
N PHE F 67 -46.08 -6.43 -16.14
CA PHE F 67 -45.16 -7.55 -16.26
C PHE F 67 -44.07 -7.44 -15.22
N THR F 68 -43.76 -8.57 -14.57
CA THR F 68 -42.75 -8.62 -13.52
C THR F 68 -41.65 -9.58 -13.95
N ILE F 69 -40.40 -9.14 -13.83
CA ILE F 69 -39.23 -9.93 -14.18
C ILE F 69 -38.54 -10.38 -12.90
N SER F 70 -38.01 -11.59 -12.91
CA SER F 70 -37.25 -12.11 -11.78
C SER F 70 -36.22 -13.10 -12.30
N ARG F 71 -35.04 -13.09 -11.67
CA ARG F 71 -33.95 -13.97 -12.03
C ARG F 71 -33.63 -14.90 -10.88
N ASP F 72 -33.39 -16.16 -11.19
CA ASP F 72 -32.97 -17.18 -10.23
C ASP F 72 -31.50 -17.44 -10.51
N TYR F 73 -30.62 -16.74 -9.78
CA TYR F 73 -29.21 -16.77 -10.10
C TYR F 73 -28.60 -18.15 -9.86
N ALA F 74 -29.07 -18.86 -8.84
CA ALA F 74 -28.53 -20.18 -8.54
C ALA F 74 -28.75 -21.15 -9.70
N LYS F 75 -29.93 -21.12 -10.29
CA LYS F 75 -30.26 -22.00 -11.40
C LYS F 75 -30.05 -21.35 -12.76
N ASN F 76 -29.59 -20.10 -12.79
CA ASN F 76 -29.26 -19.39 -14.03
C ASN F 76 -30.46 -19.32 -14.96
N SER F 77 -31.51 -18.64 -14.49
CA SER F 77 -32.75 -18.53 -15.24
C SER F 77 -33.37 -17.16 -15.00
N VAL F 78 -34.25 -16.77 -15.92
CA VAL F 78 -34.99 -15.52 -15.81
C VAL F 78 -36.45 -15.81 -16.16
N ASP F 79 -37.36 -15.24 -15.39
CA ASP F 79 -38.79 -15.45 -15.58
C ASP F 79 -39.49 -14.11 -15.80
N LEU F 80 -40.65 -14.18 -16.45
CA LEU F 80 -41.45 -12.99 -16.74
C LEU F 80 -42.90 -13.32 -16.46
N GLN F 81 -43.51 -12.58 -15.54
CA GLN F 81 -44.91 -12.79 -15.14
C GLN F 81 -45.80 -11.87 -15.96
N LEU F 82 -46.72 -12.44 -16.72
CA LEU F 82 -47.59 -11.71 -17.62
C LEU F 82 -48.99 -11.62 -17.00
N ASP F 83 -49.20 -10.59 -16.19
CA ASP F 83 -50.49 -10.36 -15.57
C ASP F 83 -51.30 -9.36 -16.37
N GLY F 84 -52.62 -9.54 -16.37
CA GLY F 84 -53.51 -8.64 -17.07
C GLY F 84 -53.28 -8.60 -18.57
N LEU F 85 -53.14 -9.78 -19.18
CA LEU F 85 -52.84 -9.85 -20.60
C LEU F 85 -53.99 -9.31 -21.44
N ARG F 86 -53.64 -8.83 -22.61
CA ARG F 86 -54.55 -8.18 -23.54
C ARG F 86 -54.39 -8.79 -24.92
N PRO F 87 -55.38 -8.62 -25.81
CA PRO F 87 -55.20 -9.08 -27.19
C PRO F 87 -54.03 -8.41 -27.89
N GLU F 88 -53.64 -7.21 -27.46
CA GLU F 88 -52.51 -6.51 -28.05
C GLU F 88 -51.17 -7.14 -27.70
N ASP F 89 -51.14 -8.09 -26.77
CA ASP F 89 -49.90 -8.72 -26.32
C ASP F 89 -49.62 -10.05 -27.02
N THR F 90 -50.44 -10.44 -27.98
CA THR F 90 -50.26 -11.71 -28.68
C THR F 90 -49.08 -11.58 -29.64
N ALA F 91 -47.94 -12.14 -29.26
CA ALA F 91 -46.74 -12.06 -30.07
C ALA F 91 -45.80 -13.20 -29.67
N VAL F 92 -44.55 -13.11 -30.11
CA VAL F 92 -43.52 -14.09 -29.81
C VAL F 92 -42.53 -13.48 -28.83
N TYR F 93 -42.28 -14.16 -27.72
CA TYR F 93 -41.47 -13.65 -26.63
C TYR F 93 -40.09 -14.30 -26.67
N TYR F 94 -39.05 -13.47 -26.54
CA TYR F 94 -37.67 -13.92 -26.68
C TYR F 94 -36.88 -13.66 -25.42
N CYS F 95 -35.94 -14.56 -25.14
CA CYS F 95 -35.03 -14.45 -24.00
C CYS F 95 -33.66 -14.02 -24.51
N ALA F 96 -33.06 -13.02 -23.86
CA ALA F 96 -31.82 -12.45 -24.33
C ALA F 96 -30.86 -12.27 -23.16
N ALA F 97 -29.57 -12.22 -23.48
CA ALA F 97 -28.53 -11.96 -22.50
C ALA F 97 -27.43 -11.15 -23.15
N GLY F 98 -26.70 -10.40 -22.34
CA GLY F 98 -25.63 -9.57 -22.86
C GLY F 98 -25.16 -8.57 -21.82
N ALA F 99 -24.16 -7.80 -22.22
CA ALA F 99 -23.54 -6.81 -21.35
C ALA F 99 -24.21 -5.44 -21.42
N GLY F 100 -25.16 -5.25 -22.32
CA GLY F 100 -25.86 -3.98 -22.41
C GLY F 100 -25.00 -2.82 -22.89
N PHE F 101 -24.12 -3.07 -23.85
CA PHE F 101 -23.27 -2.01 -24.40
C PHE F 101 -24.10 -1.12 -25.32
N TRP F 102 -23.94 0.19 -25.15
CA TRP F 102 -24.73 1.20 -25.86
C TRP F 102 -26.22 1.09 -25.55
N GLY F 103 -26.56 0.61 -24.35
CA GLY F 103 -27.97 0.61 -23.97
C GLY F 103 -28.50 -0.80 -23.79
N LEU F 104 -29.06 -1.05 -22.60
CA LEU F 104 -29.67 -2.33 -22.30
C LEU F 104 -31.07 -2.47 -22.89
N ARG F 105 -31.61 -1.42 -23.49
CA ARG F 105 -32.92 -1.46 -24.14
C ARG F 105 -32.82 -1.62 -25.66
N THR F 106 -31.62 -1.90 -26.17
CA THR F 106 -31.41 -2.09 -27.60
C THR F 106 -31.14 -3.55 -27.90
N ALA F 107 -31.78 -4.06 -28.95
CA ALA F 107 -31.65 -5.47 -29.28
C ALA F 107 -30.27 -5.85 -29.79
N SER F 108 -29.48 -4.87 -30.24
CA SER F 108 -28.17 -5.16 -30.80
C SER F 108 -27.11 -5.40 -29.72
N SER F 109 -27.39 -5.07 -28.47
CA SER F 109 -26.43 -5.22 -27.38
C SER F 109 -26.47 -6.58 -26.72
N TYR F 110 -27.41 -7.44 -27.11
CA TYR F 110 -27.55 -8.76 -26.51
C TYR F 110 -26.97 -9.80 -27.47
N HIS F 111 -25.84 -10.39 -27.09
CA HIS F 111 -25.14 -11.32 -27.96
C HIS F 111 -25.83 -12.69 -28.00
N TYR F 112 -26.38 -13.13 -26.88
CA TYR F 112 -27.01 -14.44 -26.78
C TYR F 112 -28.51 -14.29 -26.82
N TRP F 113 -29.16 -15.10 -27.66
CA TRP F 113 -30.61 -15.00 -27.88
C TRP F 113 -31.25 -16.37 -27.80
N GLY F 114 -32.53 -16.38 -27.43
CA GLY F 114 -33.31 -17.60 -27.42
C GLY F 114 -33.99 -17.85 -28.74
N GLN F 115 -34.76 -18.93 -28.79
CA GLN F 115 -35.43 -19.35 -30.02
C GLN F 115 -36.78 -18.68 -30.19
N GLY F 116 -37.59 -18.66 -29.14
CA GLY F 116 -38.89 -18.04 -29.21
C GLY F 116 -39.94 -18.77 -28.40
N THR F 117 -41.07 -18.11 -28.16
CA THR F 117 -42.19 -18.70 -27.43
C THR F 117 -43.45 -17.92 -27.78
N GLN F 118 -44.43 -18.61 -28.37
CA GLN F 118 -45.66 -17.95 -28.79
C GLN F 118 -46.60 -17.79 -27.60
N VAL F 119 -47.18 -16.60 -27.49
CA VAL F 119 -48.22 -16.31 -26.51
C VAL F 119 -49.45 -15.82 -27.26
N THR F 120 -50.57 -16.49 -27.07
CA THR F 120 -51.81 -16.16 -27.76
C THR F 120 -52.86 -15.73 -26.75
N VAL F 121 -53.50 -14.59 -27.01
CA VAL F 121 -54.56 -14.07 -26.15
C VAL F 121 -55.86 -14.10 -26.95
N SER F 122 -56.87 -14.78 -26.41
CA SER F 122 -58.15 -14.98 -27.07
C SER F 122 -59.23 -14.18 -26.35
N SER F 123 -60.00 -13.42 -27.11
CA SER F 123 -61.10 -12.64 -26.56
C SER F 123 -62.15 -12.35 -27.62
N GLN G 1 37.11 -7.88 19.87
CA GLN G 1 36.75 -8.70 21.02
C GLN G 1 36.02 -7.87 22.09
N VAL G 2 34.81 -8.31 22.45
CA VAL G 2 34.03 -7.62 23.46
C VAL G 2 34.67 -7.84 24.83
N GLN G 3 34.82 -6.76 25.59
CA GLN G 3 35.35 -6.83 26.96
C GLN G 3 34.47 -5.97 27.85
N LEU G 4 33.69 -6.62 28.71
CA LEU G 4 32.86 -5.91 29.70
C LEU G 4 33.68 -5.68 30.96
N GLN G 5 34.62 -4.74 30.85
CA GLN G 5 35.51 -4.44 31.96
C GLN G 5 34.73 -3.75 33.08
N GLU G 6 34.90 -4.25 34.31
CA GLU G 6 34.21 -3.74 35.47
C GLU G 6 35.20 -3.05 36.39
N SER G 7 34.88 -1.82 36.78
CA SER G 7 35.71 -1.03 37.69
C SER G 7 34.92 -0.75 38.96
N GLY G 8 35.54 0.01 39.87
CA GLY G 8 34.89 0.35 41.11
C GLY G 8 34.79 -0.85 42.05
N GLY G 9 33.97 -0.67 43.08
CA GLY G 9 33.78 -1.70 44.07
C GLY G 9 34.94 -1.81 45.04
N GLY G 10 34.82 -2.80 45.93
CA GLY G 10 35.85 -3.02 46.93
C GLY G 10 35.30 -3.16 48.33
N LEU G 11 36.16 -2.95 49.33
CA LEU G 11 35.78 -3.10 50.73
C LEU G 11 35.07 -1.85 51.21
N VAL G 12 34.01 -2.04 51.98
CA VAL G 12 33.23 -0.95 52.57
C VAL G 12 32.98 -1.29 54.03
N GLN G 13 32.73 -0.25 54.82
CA GLN G 13 32.50 -0.38 56.25
C GLN G 13 31.20 0.29 56.64
N ALA G 14 30.33 -0.46 57.33
CA ALA G 14 29.06 0.05 57.84
C ALA G 14 28.21 0.67 56.72
N GLY G 15 28.20 0.01 55.57
CA GLY G 15 27.45 0.52 54.44
C GLY G 15 28.10 1.75 53.82
N GLY G 16 27.31 2.44 53.00
CA GLY G 16 27.75 3.63 52.32
C GLY G 16 27.70 3.49 50.82
N SER G 17 28.01 4.59 50.15
CA SER G 17 27.96 4.63 48.70
C SER G 17 29.18 3.93 48.11
N LEU G 18 28.95 2.83 47.40
CA LEU G 18 30.02 2.08 46.73
C LEU G 18 29.56 1.89 45.29
N ARG G 19 29.87 2.87 44.44
CA ARG G 19 29.39 2.89 43.07
C ARG G 19 30.27 1.98 42.22
N VAL G 20 29.69 0.95 41.63
CA VAL G 20 30.40 0.00 40.77
C VAL G 20 30.06 0.32 39.33
N SER G 21 31.08 0.43 38.50
CA SER G 21 30.93 0.85 37.11
C SER G 21 31.43 -0.24 36.18
N CYS G 22 30.74 -0.41 35.06
CA CYS G 22 31.08 -1.39 34.03
C CYS G 22 31.14 -0.70 32.68
N ALA G 23 32.22 -0.91 31.94
CA ALA G 23 32.43 -0.26 30.66
C ALA G 23 32.48 -1.30 29.55
N ALA G 24 31.67 -1.09 28.52
CA ALA G 24 31.64 -1.98 27.36
C ALA G 24 32.56 -1.45 26.28
N SER G 25 33.42 -2.32 25.76
CA SER G 25 34.38 -1.94 24.72
C SER G 25 34.41 -3.03 23.66
N GLY G 26 34.69 -2.61 22.43
CA GLY G 26 34.76 -3.49 21.30
C GLY G 26 33.47 -3.60 20.49
N ARG G 27 32.34 -3.22 21.09
CA ARG G 27 31.06 -3.23 20.40
C ARG G 27 30.11 -2.32 21.14
N THR G 28 29.29 -1.58 20.40
CA THR G 28 28.35 -0.64 20.99
C THR G 28 27.13 -1.41 21.47
N PHE G 29 27.03 -1.64 22.77
CA PHE G 29 25.90 -2.36 23.36
C PHE G 29 24.80 -1.40 23.80
N THR G 30 24.39 -0.53 22.88
CA THR G 30 23.31 0.40 23.19
C THR G 30 21.95 -0.25 23.01
N THR G 31 21.74 -0.97 21.90
CA THR G 31 20.49 -1.70 21.71
C THR G 31 20.33 -2.82 22.72
N TYR G 32 21.43 -3.41 23.18
CA TYR G 32 21.37 -4.52 24.10
C TYR G 32 20.99 -4.05 25.50
N ILE G 33 20.62 -5.02 26.34
CA ILE G 33 20.22 -4.76 27.72
C ILE G 33 21.42 -5.07 28.60
N MET G 34 21.85 -4.09 29.39
CA MET G 34 22.98 -4.25 30.30
C MET G 34 22.45 -4.42 31.72
N ALA G 35 22.88 -5.49 32.39
CA ALA G 35 22.35 -5.88 33.69
C ALA G 35 23.48 -5.96 34.71
N TRP G 36 23.08 -6.20 35.96
CA TRP G 36 24.01 -6.42 37.06
C TRP G 36 23.58 -7.66 37.84
N PHE G 37 24.56 -8.51 38.17
CA PHE G 37 24.31 -9.74 38.90
C PHE G 37 25.23 -9.83 40.10
N ARG G 38 24.75 -10.50 41.14
CA ARG G 38 25.48 -10.68 42.38
C ARG G 38 25.57 -12.17 42.68
N GLN G 39 26.77 -12.66 43.00
CA GLN G 39 26.99 -14.07 43.30
C GLN G 39 27.72 -14.18 44.64
N ALA G 40 26.96 -14.49 45.69
CA ALA G 40 27.57 -14.76 46.98
C ALA G 40 28.36 -16.06 46.91
N PRO G 41 29.38 -16.22 47.77
CA PRO G 41 30.20 -17.43 47.70
C PRO G 41 29.40 -18.69 47.99
N GLY G 42 29.22 -19.53 46.96
CA GLY G 42 28.60 -20.82 47.10
C GLY G 42 27.08 -20.84 47.07
N LYS G 43 26.42 -19.68 47.10
CA LYS G 43 24.96 -19.68 47.18
C LYS G 43 24.32 -19.86 45.80
N GLU G 44 24.44 -18.86 44.94
CA GLU G 44 23.83 -18.83 43.62
C GLU G 44 24.21 -17.52 42.96
N ARG G 45 23.82 -17.37 41.69
CA ARG G 45 23.95 -16.11 40.97
C ARG G 45 22.60 -15.41 41.00
N GLU G 46 22.57 -14.19 41.53
CA GLU G 46 21.33 -13.48 41.80
C GLU G 46 21.23 -12.24 40.94
N PHE G 47 20.09 -12.07 40.27
CA PHE G 47 19.84 -10.88 39.47
C PHE G 47 19.59 -9.68 40.37
N LEU G 48 20.18 -8.54 40.00
CA LEU G 48 20.02 -7.30 40.76
C LEU G 48 19.26 -6.23 40.00
N ALA G 49 19.73 -5.84 38.82
CA ALA G 49 19.09 -4.77 38.08
C ALA G 49 19.45 -4.89 36.60
N ALA G 50 18.70 -4.17 35.77
CA ALA G 50 18.93 -4.16 34.33
C ALA G 50 18.24 -2.94 33.74
N MET G 51 18.87 -2.33 32.74
CA MET G 51 18.27 -1.23 32.00
C MET G 51 18.37 -1.53 30.52
N ASP G 52 17.26 -1.41 29.81
CA ASP G 52 17.21 -1.71 28.39
C ASP G 52 17.52 -0.45 27.58
N GLN G 53 17.28 -0.51 26.27
CA GLN G 53 17.52 0.62 25.39
C GLN G 53 16.48 1.73 25.54
N GLY G 54 15.34 1.45 26.18
CA GLY G 54 14.32 2.47 26.36
C GLY G 54 14.39 3.14 27.72
N ARG G 55 15.52 2.97 28.41
CA ARG G 55 15.74 3.51 29.75
C ARG G 55 14.72 2.97 30.76
N ILE G 56 14.28 1.74 30.57
CA ILE G 56 13.39 1.09 31.54
C ILE G 56 14.25 0.37 32.57
N GLN G 57 13.98 0.61 33.84
CA GLN G 57 14.77 0.09 34.94
C GLN G 57 14.02 -1.06 35.60
N TYR G 58 14.66 -2.22 35.68
CA TYR G 58 14.12 -3.38 36.38
C TYR G 58 15.00 -3.70 37.58
N TYR G 59 14.37 -4.15 38.66
CA TYR G 59 15.11 -4.45 39.89
C TYR G 59 14.59 -5.76 40.48
N GLY G 60 15.46 -6.43 41.23
CA GLY G 60 15.04 -7.55 42.03
C GLY G 60 14.32 -7.11 43.29
N ASP G 61 13.48 -8.01 43.81
CA ASP G 61 12.66 -7.65 44.96
C ASP G 61 13.49 -7.43 46.22
N SER G 62 14.66 -8.06 46.31
CA SER G 62 15.49 -7.96 47.50
C SER G 62 16.36 -6.70 47.53
N VAL G 63 16.46 -5.97 46.43
CA VAL G 63 17.31 -4.79 46.38
C VAL G 63 16.53 -3.60 45.83
N ARG G 64 15.21 -3.74 45.74
CA ARG G 64 14.39 -2.65 45.21
C ARG G 64 14.37 -1.49 46.19
N GLY G 65 14.66 -0.29 45.69
CA GLY G 65 14.72 0.90 46.51
C GLY G 65 16.05 1.14 47.19
N ARG G 66 17.00 0.21 47.07
CA ARG G 66 18.32 0.35 47.66
C ARG G 66 19.40 0.58 46.62
N PHE G 67 19.43 -0.22 45.55
CA PHE G 67 20.39 -0.08 44.49
C PHE G 67 19.76 0.63 43.31
N THR G 68 20.50 1.54 42.69
CA THR G 68 20.05 2.28 41.53
C THR G 68 20.98 2.02 40.35
N ILE G 69 20.41 1.73 39.19
CA ILE G 69 21.17 1.45 37.98
C ILE G 69 20.98 2.63 37.02
N SER G 70 22.06 2.98 36.32
CA SER G 70 22.03 4.01 35.30
C SER G 70 22.95 3.62 34.16
N ARG G 71 22.61 4.07 32.96
CA ARG G 71 23.39 3.81 31.77
C ARG G 71 23.80 5.12 31.12
N ASP G 72 25.05 5.19 30.68
CA ASP G 72 25.57 6.32 29.94
C ASP G 72 25.76 5.85 28.50
N TYR G 73 24.71 6.00 27.70
CA TYR G 73 24.72 5.46 26.34
C TYR G 73 25.78 6.12 25.48
N ALA G 74 26.15 7.36 25.80
CA ALA G 74 27.19 8.04 25.02
C ALA G 74 28.54 7.36 25.19
N LYS G 75 28.88 6.95 26.41
CA LYS G 75 30.15 6.30 26.69
C LYS G 75 30.04 4.78 26.75
N ASN G 76 28.86 4.22 26.48
CA ASN G 76 28.66 2.78 26.40
C ASN G 76 29.07 2.09 27.71
N SER G 77 28.61 2.65 28.83
CA SER G 77 28.90 2.10 30.15
C SER G 77 27.63 2.12 30.99
N VAL G 78 27.56 1.20 31.95
CA VAL G 78 26.44 1.10 32.88
C VAL G 78 26.97 1.08 34.30
N ASP G 79 26.40 1.90 35.16
CA ASP G 79 26.80 1.99 36.56
C ASP G 79 25.72 1.40 37.45
N LEU G 80 26.08 1.22 38.72
CA LEU G 80 25.15 0.72 39.73
C LEU G 80 25.54 1.32 41.07
N GLN G 81 24.67 2.16 41.62
CA GLN G 81 24.91 2.82 42.90
C GLN G 81 24.48 1.89 44.02
N LEU G 82 25.39 1.59 44.93
CA LEU G 82 25.13 0.72 46.07
C LEU G 82 25.06 1.58 47.32
N ASP G 83 23.88 1.64 47.94
CA ASP G 83 23.65 2.45 49.12
C ASP G 83 22.99 1.61 50.21
N GLY G 84 23.24 1.96 51.46
CA GLY G 84 22.71 1.18 52.57
C GLY G 84 23.21 -0.24 52.57
N LEU G 85 24.51 -0.44 52.33
CA LEU G 85 25.06 -1.77 52.16
C LEU G 85 24.95 -2.59 53.43
N ARG G 86 24.78 -3.89 53.26
CA ARG G 86 24.57 -4.84 54.34
C ARG G 86 25.59 -5.97 54.20
N PRO G 87 25.86 -6.70 55.29
CA PRO G 87 26.75 -7.86 55.18
C PRO G 87 26.26 -8.90 54.20
N GLU G 88 24.94 -8.99 53.96
CA GLU G 88 24.41 -9.91 52.97
C GLU G 88 24.80 -9.50 51.55
N ASP G 89 25.26 -8.26 51.35
CA ASP G 89 25.65 -7.77 50.05
C ASP G 89 27.10 -8.09 49.69
N THR G 90 27.83 -8.74 50.59
CA THR G 90 29.22 -9.11 50.31
C THR G 90 29.24 -10.26 49.32
N ALA G 91 29.70 -9.99 48.10
CA ALA G 91 29.73 -10.98 47.03
C ALA G 91 30.58 -10.42 45.89
N VAL G 92 30.60 -11.14 44.78
CA VAL G 92 31.27 -10.71 43.56
C VAL G 92 30.21 -10.22 42.58
N TYR G 93 30.28 -8.95 42.22
CA TYR G 93 29.28 -8.32 41.36
C TYR G 93 29.70 -8.44 39.90
N TYR G 94 28.79 -8.93 39.07
CA TYR G 94 29.07 -9.20 37.67
C TYR G 94 28.27 -8.26 36.77
N CYS G 95 28.82 -8.01 35.59
CA CYS G 95 28.21 -7.14 34.58
C CYS G 95 27.92 -7.98 33.34
N ALA G 96 26.71 -7.85 32.81
CA ALA G 96 26.27 -8.68 31.70
C ALA G 96 25.62 -7.81 30.62
N ALA G 97 25.44 -8.42 29.45
CA ALA G 97 24.76 -7.77 28.34
C ALA G 97 24.18 -8.85 27.43
N GLY G 98 23.04 -8.53 26.81
CA GLY G 98 22.39 -9.50 25.95
C GLY G 98 21.09 -8.94 25.42
N ALA G 99 20.39 -9.77 24.66
CA ALA G 99 19.12 -9.40 24.03
C ALA G 99 17.91 -9.75 24.88
N GLY G 100 18.10 -10.40 26.03
CA GLY G 100 16.98 -10.75 26.89
C GLY G 100 16.01 -11.73 26.29
N PHE G 101 16.49 -12.69 25.50
CA PHE G 101 15.63 -13.75 24.99
C PHE G 101 15.28 -14.71 26.11
N TRP G 102 14.00 -15.06 26.22
CA TRP G 102 13.47 -15.87 27.32
C TRP G 102 13.67 -15.20 28.68
N GLY G 103 13.58 -13.89 28.72
CA GLY G 103 13.57 -13.19 29.99
C GLY G 103 14.88 -12.47 30.29
N LEU G 104 14.76 -11.25 30.81
CA LEU G 104 15.93 -10.47 31.20
C LEU G 104 16.34 -10.68 32.65
N ARG G 105 15.56 -11.43 33.42
CA ARG G 105 15.92 -11.78 34.79
C ARG G 105 16.61 -13.13 34.88
N THR G 106 16.90 -13.77 33.76
CA THR G 106 17.58 -15.06 33.72
C THR G 106 19.01 -14.86 33.22
N ALA G 107 19.95 -15.53 33.87
CA ALA G 107 21.36 -15.35 33.54
C ALA G 107 21.69 -15.87 32.14
N SER G 108 21.00 -16.91 31.69
CA SER G 108 21.34 -17.55 30.42
C SER G 108 21.01 -16.68 29.20
N SER G 109 20.28 -15.58 29.38
CA SER G 109 19.90 -14.72 28.27
C SER G 109 20.97 -13.69 27.93
N TYR G 110 22.07 -13.65 28.67
CA TYR G 110 23.14 -12.69 28.44
C TYR G 110 24.33 -13.41 27.84
N HIS G 111 24.72 -13.00 26.63
CA HIS G 111 25.82 -13.64 25.91
C HIS G 111 27.20 -13.11 26.31
N TYR G 112 27.26 -11.97 26.99
CA TYR G 112 28.52 -11.36 27.38
C TYR G 112 28.55 -11.14 28.88
N TRP G 113 29.70 -11.41 29.48
CA TRP G 113 29.88 -11.28 30.92
C TRP G 113 31.21 -10.59 31.21
N GLY G 114 31.25 -9.91 32.36
CA GLY G 114 32.49 -9.32 32.85
C GLY G 114 33.26 -10.27 33.73
N GLN G 115 34.43 -9.81 34.17
CA GLN G 115 35.29 -10.61 35.02
C GLN G 115 34.88 -10.59 36.48
N GLY G 116 33.96 -9.71 36.86
CA GLY G 116 33.50 -9.66 38.23
C GLY G 116 34.25 -8.64 39.06
N THR G 117 33.54 -8.07 40.04
CA THR G 117 34.11 -7.09 40.97
C THR G 117 33.71 -7.47 42.38
N GLN G 118 34.70 -7.55 43.27
CA GLN G 118 34.47 -7.95 44.64
C GLN G 118 34.02 -6.75 45.47
N VAL G 119 32.93 -6.93 46.22
CA VAL G 119 32.45 -5.95 47.19
C VAL G 119 32.36 -6.64 48.53
N THR G 120 33.09 -6.12 49.52
CA THR G 120 33.12 -6.67 50.86
C THR G 120 32.52 -5.66 51.83
N VAL G 121 31.53 -6.11 52.60
CA VAL G 121 30.85 -5.27 53.58
C VAL G 121 31.14 -5.81 54.97
N SER G 122 31.66 -4.96 55.84
CA SER G 122 32.02 -5.33 57.19
C SER G 122 31.10 -4.61 58.19
N SER G 123 30.51 -5.38 59.10
CA SER G 123 29.61 -4.82 60.11
C SER G 123 29.58 -5.70 61.35
C1 NAG H . -13.25 17.51 6.42
C2 NAG H . -12.68 18.39 7.54
C3 NAG H . -11.86 17.55 8.50
C4 NAG H . -12.70 16.39 9.02
C5 NAG H . -13.21 15.58 7.85
C6 NAG H . -14.13 14.45 8.28
C7 NAG H . -12.37 20.73 6.86
C8 NAG H . -11.43 21.73 6.29
N2 NAG H . -11.90 19.48 6.99
O3 NAG H . -11.41 18.37 9.58
O4 NAG H . -11.94 15.57 9.91
O5 NAG H . -13.98 16.43 6.99
O6 NAG H . -14.63 13.74 7.15
O7 NAG H . -13.53 21.03 7.18
C1 NAG H . -12.44 15.83 11.24
C2 NAG H . -12.19 14.64 12.14
C3 NAG H . -12.71 14.92 13.54
C4 NAG H . -12.15 16.23 14.08
C5 NAG H . -12.34 17.36 13.08
C6 NAG H . -11.63 18.64 13.48
C7 NAG H . -12.13 12.30 11.37
C8 NAG H . -12.93 11.16 10.81
N2 NAG H . -12.81 13.44 11.59
O3 NAG H . -12.36 13.84 14.41
O4 NAG H . -12.87 16.58 15.26
O5 NAG H . -11.81 16.99 11.80
O6 NAG H . -11.82 19.66 12.52
O7 NAG H . -10.94 12.20 11.60
C1 BMA H . -12.04 16.70 16.43
C2 BMA H . -13.00 16.84 17.61
C3 BMA H . -12.24 16.90 18.94
C4 BMA H . -11.25 15.75 19.04
C5 BMA H . -10.38 15.69 17.80
C6 BMA H . -9.44 14.50 17.79
O2 BMA H . -13.91 15.76 17.63
O3 BMA H . -13.19 16.80 19.99
O4 BMA H . -10.42 15.91 20.19
O5 BMA H . -11.20 15.57 16.63
O6 BMA H . -8.91 14.24 16.51
C1 MAN H . -12.94 17.64 21.13
C2 MAN H . -13.85 17.11 22.24
C3 MAN H . -15.31 17.33 21.85
C4 MAN H . -15.57 18.79 21.54
C5 MAN H . -14.59 19.27 20.46
C6 MAN H . -14.69 20.75 20.20
O2 MAN H . -13.61 17.76 23.48
O3 MAN H . -16.16 16.91 22.91
O4 MAN H . -16.89 18.96 21.06
O5 MAN H . -13.23 19.02 20.88
O6 MAN H . -14.39 21.50 21.37
C1 MAN H . -12.25 18.12 23.75
C2 MAN H . -12.19 18.89 25.07
C3 MAN H . -10.77 19.44 25.25
C4 MAN H . -9.76 18.29 25.20
C5 MAN H . -9.95 17.48 23.91
C6 MAN H . -9.09 16.23 23.89
O2 MAN H . -12.47 18.01 26.15
O3 MAN H . -10.68 20.12 26.49
O4 MAN H . -8.44 18.82 25.23
O5 MAN H . -11.31 17.04 23.80
O6 MAN H . -7.71 16.57 24.01
C1 MAN H . -13.85 18.07 26.56
C2 MAN H . -13.93 17.76 28.05
C3 MAN H . -15.38 17.78 28.52
C4 MAN H . -16.04 19.10 28.13
C5 MAN H . -15.87 19.33 26.63
C6 MAN H . -16.42 20.67 26.17
O2 MAN H . -13.16 18.71 28.78
O3 MAN H . -15.43 17.61 29.93
O4 MAN H . -17.42 19.05 28.45
O5 MAN H . -14.47 19.32 26.29
O6 MAN H . -15.81 21.75 26.88
C1 MAN H . -7.98 13.15 16.66
C2 MAN H . -7.21 12.90 15.35
C3 MAN H . -8.10 12.33 14.26
C4 MAN H . -8.85 11.12 14.78
C5 MAN H . -9.61 11.50 16.05
C6 MAN H . -10.39 10.38 16.68
O2 MAN H . -6.12 12.02 15.59
O3 MAN H . -7.28 11.97 13.15
O4 MAN H . -9.78 10.66 13.80
O5 MAN H . -8.68 11.95 17.04
O6 MAN H . -11.11 10.85 17.80
C1 MAN H . -11.56 9.79 18.66
C2 MAN H . -12.85 10.25 19.29
C3 MAN H . -12.58 11.51 20.11
C4 MAN H . -11.51 11.23 21.15
C5 MAN H . -10.26 10.65 20.50
C6 MAN H . -9.26 10.15 21.51
O2 MAN H . -13.33 9.23 20.15
O3 MAN H . -13.78 11.96 20.73
O4 MAN H . -11.16 12.43 21.83
O5 MAN H . -10.61 9.50 19.68
O6 MAN H . -8.33 9.25 20.92
C1 MAN H . -14.41 8.51 19.52
C2 MAN H . -15.26 7.89 20.62
C3 MAN H . -14.47 6.83 21.38
C4 MAN H . -13.91 5.80 20.40
C5 MAN H . -13.09 6.50 19.32
C6 MAN H . -12.59 5.56 18.25
O2 MAN H . -16.43 7.31 20.05
O3 MAN H . -15.28 6.19 22.34
O4 MAN H . -13.07 4.88 21.08
O5 MAN H . -13.91 7.49 18.66
O6 MAN H . -11.74 6.22 17.33
C1 MAN H . -7.76 12.58 11.93
C2 MAN H . -6.91 12.04 10.78
C3 MAN H . -5.47 12.53 10.90
C4 MAN H . -5.43 14.04 10.99
C5 MAN H . -6.33 14.52 12.14
C6 MAN H . -6.43 16.02 12.22
O2 MAN H . -7.47 12.46 9.54
O3 MAN H . -4.71 12.09 9.78
O4 MAN H . -4.10 14.49 11.22
O5 MAN H . -7.66 14.02 11.96
O6 MAN H . -7.28 16.42 13.29
C1 NAG I . -2.37 46.23 11.08
C2 NAG I . -1.14 47.10 11.40
C3 NAG I . -1.08 48.28 10.42
C4 NAG I . -1.13 47.77 8.99
C5 NAG I . -2.34 46.86 8.78
C6 NAG I . -2.37 46.22 7.42
C7 NAG I . -0.45 47.02 13.75
C8 NAG I . -0.61 47.63 15.11
N2 NAG I . -1.18 47.57 12.78
O3 NAG I . 0.12 49.01 10.65
O4 NAG I . -1.23 48.88 8.11
O5 NAG I . -2.31 45.79 9.73
O6 NAG I . -1.24 45.38 7.22
O7 NAG I . 0.32 46.08 13.53
C1 NAG I . -0.10 48.96 7.22
C2 NAG I . -0.49 49.83 6.03
C3 NAG I . 0.68 49.98 5.07
C4 NAG I . 1.90 50.51 5.83
C5 NAG I . 2.20 49.61 7.02
C6 NAG I . 3.33 50.11 7.87
C7 NAG I . -2.91 49.63 5.64
C8 NAG I . -3.98 48.97 4.83
N2 NAG I . -1.66 49.28 5.35
O3 NAG I . 0.33 50.88 4.02
O4 NAG I . 3.03 50.54 4.96
O5 NAG I . 1.05 49.52 7.87
O6 NAG I . 3.04 51.39 8.42
O7 NAG I . -3.17 50.45 6.53
C1 NAG J . -0.97 26.27 -18.97
C2 NAG J . -0.39 27.67 -19.21
C3 NAG J . -1.44 28.73 -18.89
C4 NAG J . -2.73 28.46 -19.65
C5 NAG J . -3.19 27.02 -19.42
C6 NAG J . -4.39 26.64 -20.24
C7 NAG J . 1.80 28.69 -18.76
C8 NAG J . 2.94 28.79 -17.80
N2 NAG J . 0.80 27.87 -18.39
O3 NAG J . -0.94 30.02 -19.24
O4 NAG J . -3.75 29.32 -19.17
O5 NAG J . -2.15 26.11 -19.76
O6 NAG J . -4.11 26.74 -21.63
O7 NAG J . 1.77 29.31 -19.82
C1 NAG J . -4.14 30.31 -20.14
C2 NAG J . -5.54 30.79 -19.75
C3 NAG J . -5.98 31.92 -20.69
C4 NAG J . -4.94 33.04 -20.67
C5 NAG J . -3.58 32.46 -21.06
C6 NAG J . -2.48 33.48 -21.02
C7 NAG J . -6.93 29.08 -18.70
C8 NAG J . -7.91 27.97 -18.92
N2 NAG J . -6.48 29.70 -19.79
O3 NAG J . -7.24 32.41 -20.26
O4 NAG J . -5.31 34.08 -21.58
O5 NAG J . -3.24 31.42 -20.14
O6 NAG J . -2.35 34.05 -19.72
O7 NAG J . -6.56 29.40 -17.57
C1 BMA J . -5.72 35.21 -20.79
C2 BMA J . -5.71 36.44 -21.69
C3 BMA J . -6.18 37.65 -20.89
C4 BMA J . -7.55 37.39 -20.28
C5 BMA J . -7.52 36.10 -19.46
C6 BMA J . -8.88 35.70 -18.95
O2 BMA J . -6.55 36.23 -22.81
O3 BMA J . -6.25 38.80 -21.74
O4 BMA J . -7.93 38.46 -19.44
O5 BMA J . -7.05 35.01 -20.27
O6 BMA J . -9.78 35.56 -20.05
C1 MAN J . -11.15 35.65 -19.62
C2 MAN J . -12.00 35.31 -20.84
C3 MAN J . -11.82 36.39 -21.88
C4 MAN J . -12.15 37.76 -21.31
C5 MAN J . -11.30 38.00 -20.06
C6 MAN J . -11.66 39.29 -19.35
O2 MAN J . -13.37 35.23 -20.47
O3 MAN J . -12.61 36.12 -23.05
O4 MAN J . -11.89 38.78 -22.27
O5 MAN J . -11.50 36.94 -19.11
O6 MAN J . -11.39 40.42 -20.15
C1 MAN J . -11.71 35.57 -24.03
C2 MAN J . -11.10 36.74 -24.81
C3 MAN J . -12.17 37.46 -25.60
C4 MAN J . -12.93 36.48 -26.49
C5 MAN J . -13.47 35.32 -25.65
C6 MAN J . -14.12 34.24 -26.50
O2 MAN J . -10.08 36.24 -25.68
O3 MAN J . -11.58 38.49 -26.39
O4 MAN J . -14.02 37.14 -27.12
O5 MAN J . -12.38 34.69 -24.95
O6 MAN J . -14.57 33.17 -25.69
C1 MAN J . -4.94 39.40 -21.81
C2 MAN J . -5.12 40.92 -21.83
C3 MAN J . -5.82 41.37 -23.11
C4 MAN J . -5.09 40.83 -24.33
C5 MAN J . -4.92 39.32 -24.21
C6 MAN J . -4.11 38.72 -25.33
O2 MAN J . -3.85 41.56 -21.72
O3 MAN J . -5.89 42.78 -23.16
O4 MAN J . -5.81 41.14 -25.51
O5 MAN J . -4.24 38.99 -22.99
O6 MAN J . -4.70 38.98 -26.60
C1 NAG K . 20.77 25.16 21.98
C2 NAG K . 22.30 25.11 21.93
C3 NAG K . 22.89 25.52 23.27
C4 NAG K . 22.35 26.89 23.68
C5 NAG K . 20.82 26.87 23.67
C6 NAG K . 20.21 28.22 23.95
C7 NAG K . 23.76 23.57 20.67
C8 NAG K . 24.37 24.79 20.05
N2 NAG K . 22.76 23.78 21.55
O3 NAG K . 24.30 25.55 23.19
O4 NAG K . 22.81 27.23 24.98
O5 NAG K . 20.35 26.47 22.37
O6 NAG K . 20.62 29.18 22.99
O7 NAG K . 24.15 22.44 20.39
C1 NAG K . 23.71 28.35 24.88
C2 NAG K . 24.03 28.86 26.28
C3 NAG K . 25.03 30.00 26.22
C4 NAG K . 26.26 29.58 25.43
C5 NAG K . 25.84 29.06 24.06
C6 NAG K . 27.00 28.53 23.24
C7 NAG K . 22.23 28.55 27.94
C8 NAG K . 22.91 27.26 28.30
N2 NAG K . 22.81 29.27 26.97
O3 NAG K . 25.40 30.38 27.53
O4 NAG K . 27.14 30.69 25.26
O5 NAG K . 24.92 27.97 24.22
O6 NAG K . 27.96 29.55 22.96
O7 NAG K . 21.22 28.93 28.50
C1 NAG L . -16.90 6.23 16.58
C2 NAG L . -16.54 7.60 16.00
C3 NAG L . -17.23 8.70 16.80
C4 NAG L . -18.72 8.44 16.83
C5 NAG L . -19.01 7.03 17.36
C6 NAG L . -20.48 6.67 17.31
C7 NAG L . -14.41 8.03 14.86
C8 NAG L . -12.93 8.21 15.03
N2 NAG L . -15.10 7.79 15.98
O3 NAG L . -16.96 9.96 16.19
O4 NAG L . -19.35 9.38 17.71
O5 NAG L . -18.32 6.06 16.56
O6 NAG L . -20.73 5.40 17.87
O7 NAG L . -14.95 8.11 13.77
C1 NAG L . -20.15 10.32 16.96
C2 NAG L . -21.26 10.81 17.88
C3 NAG L . -22.10 11.88 17.17
C4 NAG L . -21.20 12.99 16.68
C5 NAG L . -20.12 12.41 15.77
C6 NAG L . -19.13 13.44 15.28
C7 NAG L . -22.69 9.67 19.51
C8 NAG L . -23.52 8.45 19.79
N2 NAG L . -22.09 9.70 18.31
O3 NAG L . -23.07 12.39 18.08
O4 NAG L . -21.95 13.97 15.97
O5 NAG L . -19.37 11.43 16.50
O6 NAG L . -18.17 12.85 14.40
O7 NAG L . -22.55 10.57 20.33
C1 BMA L . -21.93 15.19 16.75
C2 BMA L . -22.14 16.36 15.81
C3 BMA L . -22.13 17.67 16.60
C4 BMA L . -23.14 17.61 17.74
C5 BMA L . -22.91 16.35 18.59
C6 BMA L . -23.97 16.17 19.65
O2 BMA L . -23.38 16.22 15.12
O3 BMA L . -22.45 18.76 15.75
O4 BMA L . -23.01 18.76 18.58
O5 BMA L . -22.95 15.19 17.76
O6 BMA L . -25.28 16.30 19.11
C1 MAN L . -21.24 19.25 15.15
C2 MAN L . -21.28 20.77 15.18
C3 MAN L . -22.41 21.29 14.30
C4 MAN L . -22.30 20.70 12.90
C5 MAN L . -22.21 19.19 12.97
C6 MAN L . -21.97 18.54 11.62
O2 MAN L . -20.03 21.29 14.71
O3 MAN L . -22.39 22.71 14.25
O4 MAN L . -23.45 21.07 12.13
O5 MAN L . -21.11 18.80 13.80
O6 MAN L . -21.83 17.14 11.73
C1 MAN L . -26.25 16.17 20.17
C2 MAN L . -27.64 16.08 19.53
C3 MAN L . -28.01 17.40 18.87
C4 MAN L . -27.86 18.55 19.85
C5 MAN L . -26.46 18.55 20.44
C6 MAN L . -26.27 19.60 21.52
O2 MAN L . -28.60 15.76 20.55
O3 MAN L . -29.34 17.34 18.37
O4 MAN L . -28.06 19.79 19.17
O5 MAN L . -26.20 17.28 21.07
O6 MAN L . -27.16 19.39 22.61
C1 NAG M . -44.52 -1.94 9.07
C2 NAG M . -45.69 -2.21 8.12
C3 NAG M . -46.30 -3.58 8.41
C4 NAG M . -45.22 -4.65 8.39
C5 NAG M . -44.08 -4.28 9.33
C6 NAG M . -42.92 -5.24 9.29
C7 NAG M . -47.19 -0.52 7.15
C8 NAG M . -48.22 0.53 7.44
N2 NAG M . -46.69 -1.17 8.21
O3 NAG M . -47.30 -3.86 7.45
O4 NAG M . -45.80 -5.89 8.82
O5 NAG M . -43.56 -2.99 8.96
O6 NAG M . -42.34 -5.29 8.00
O7 NAG M . -46.84 -0.79 6.01
C1 NAG M . -45.59 -6.93 7.82
C2 NAG M . -45.94 -8.26 8.49
C3 NAG M . -45.77 -9.40 7.50
C4 NAG M . -46.59 -9.12 6.24
C5 NAG M . -46.21 -7.76 5.67
C6 NAG M . -47.05 -7.36 4.48
C7 NAG M . -45.62 -8.40 10.91
C8 NAG M . -44.64 -8.65 12.02
N2 NAG M . -45.13 -8.47 9.67
O3 NAG M . -46.20 -10.61 8.10
O4 NAG M . -46.35 -10.13 5.26
O5 NAG M . -46.41 -6.74 6.67
O6 NAG M . -48.44 -7.36 4.80
O7 NAG M . -46.80 -8.16 11.14
C1 NAG N . -15.47 -23.09 8.67
C2 NAG N . -16.74 -23.87 8.35
C3 NAG N . -17.73 -23.76 9.50
C4 NAG N . -17.08 -24.13 10.83
C5 NAG N . -15.80 -23.35 11.03
C6 NAG N . -15.02 -23.79 12.25
C7 NAG N . -17.82 -24.20 6.17
C8 NAG N . -18.42 -23.53 4.97
N2 NAG N . -17.34 -23.39 7.12
O3 NAG N . -18.85 -24.60 9.24
O4 NAG N . -17.97 -23.77 11.89
O5 NAG N . -14.93 -23.55 9.91
O6 NAG N . -14.61 -25.14 12.14
O7 NAG N . -17.77 -25.42 6.27
C1 NAG N . -18.47 -24.88 12.63
C2 NAG N . -18.78 -24.37 14.04
C3 NAG N . -19.41 -25.48 14.88
C4 NAG N . -20.63 -26.06 14.16
C5 NAG N . -20.20 -26.54 12.78
C6 NAG N . -21.35 -27.07 11.95
C7 NAG N . -17.31 -22.56 14.81
C8 NAG N . -16.04 -22.22 15.52
N2 NAG N . -17.58 -23.86 14.69
O3 NAG N . -19.81 -24.95 16.14
O4 NAG N . -21.15 -27.15 14.91
O5 NAG N . -19.64 -25.44 12.04
O6 NAG N . -22.33 -26.07 11.72
O7 NAG N . -18.07 -21.70 14.37
C1 BMA N . -22.50 -26.87 15.34
C2 BMA N . -23.12 -28.20 15.76
C3 BMA N . -24.56 -27.97 16.22
C4 BMA N . -24.61 -26.91 17.31
C5 BMA N . -23.90 -25.64 16.85
C6 BMA N . -23.79 -24.60 17.93
O2 BMA N . -22.36 -28.76 16.82
O3 BMA N . -25.09 -29.19 16.73
O4 BMA N . -25.96 -26.59 17.61
O5 BMA N . -22.56 -25.95 16.44
O6 BMA N . -23.46 -25.21 19.18
C1 MAN N . -23.88 -24.36 20.26
C2 MAN N . -23.19 -24.85 21.54
C3 MAN N . -23.70 -26.23 21.92
C4 MAN N . -25.23 -26.19 22.04
C5 MAN N . -25.83 -25.67 20.73
C6 MAN N . -27.33 -25.53 20.80
O2 MAN N . -23.42 -23.92 22.59
O3 MAN N . -23.11 -26.65 23.14
O4 MAN N . -25.75 -27.50 22.29
O5 MAN N . -25.29 -24.37 20.45
O6 MAN N . -27.87 -25.11 19.56
C1 MAN N . -22.84 -28.07 23.08
C2 MAN N . -22.73 -28.60 24.51
C3 MAN N . -21.49 -28.03 25.19
C4 MAN N . -20.25 -28.32 24.35
C5 MAN N . -20.45 -27.77 22.93
C6 MAN N . -19.30 -28.12 22.01
O2 MAN N . -22.68 -30.02 24.49
O3 MAN N . -21.34 -28.60 26.48
O4 MAN N . -19.11 -27.69 24.93
O5 MAN N . -21.62 -28.36 22.36
O6 MAN N . -18.07 -27.61 22.50
C1 MAN N . -26.01 -29.73 15.76
C2 MAN N . -27.30 -30.12 16.49
C3 MAN N . -27.03 -31.24 17.49
C4 MAN N . -26.34 -32.41 16.79
C5 MAN N . -25.09 -31.92 16.05
C6 MAN N . -24.42 -33.00 15.25
O2 MAN N . -28.28 -30.53 15.54
O3 MAN N . -28.25 -31.67 18.08
O4 MAN N . -25.97 -33.38 17.76
O5 MAN N . -25.47 -30.88 15.13
O6 MAN N . -23.27 -32.51 14.57
C1 D10 O . 11.00 -14.13 -42.75
C2 D10 O . 12.42 -14.49 -42.37
C3 D10 O . 13.45 -13.99 -43.36
C4 D10 O . 14.87 -14.44 -43.06
C5 D10 O . 15.89 -14.02 -44.10
C6 D10 O . 17.30 -14.52 -43.80
C7 D10 O . 18.33 -14.09 -44.84
C8 D10 O . 18.05 -14.63 -46.23
C9 D10 O . 19.10 -14.21 -47.26
C10 D10 O . 18.77 -14.70 -48.65
P D3D P . -6.43 2.94 -31.56
C1 D3D P . 6.46 -12.30 -41.80
C2 D3D P . 5.22 -12.25 -42.66
C3 D3D P . 3.94 -12.03 -41.88
C4 D3D P . 3.96 -10.77 -41.02
C5 D3D P . 2.60 -10.39 -40.45
C6 D3D P . 2.63 -9.12 -39.63
C7 D3D P . 1.25 -8.65 -39.18
C8 D3D P . 1.28 -7.48 -38.22
C9 D3D P . -0.08 -6.95 -37.84
C10 D3D P . -0.06 -5.93 -36.71
C11 D3D P . -1.41 -5.35 -36.36
C12 D3D P . -1.37 -4.41 -35.17
C13 D3D P . -2.70 -3.75 -34.85
C14 D3D P . -3.26 -2.97 -36.03
C15 D3D P . -4.35 -2.01 -35.64
C16 D3D P . -4.78 0.19 -34.91
C17 D3D P . -4.17 0.99 -33.78
C18 D3D P . -4.87 2.31 -33.59
C19 D3D P . -8.86 2.99 -30.59
C20 D3D P . -10.17 2.29 -30.86
C21 D3D P . -11.35 3.04 -30.27
C22 D3D P . -1.84 0.83 -33.27
C23 D3D P . -0.47 1.22 -33.73
C24 D3D P . 0.44 1.66 -32.59
C25 D3D P . 1.83 2.05 -33.05
C26 D3D P . 2.63 0.92 -33.69
C27 D3D P . 3.92 1.37 -34.33
C28 D3D P . 4.69 0.25 -35.01
C29 D3D P . 5.91 0.74 -35.80
C30 D3D P . 6.72 -0.37 -36.36
C31 D3D P . 8.04 -0.45 -36.30
C32 D3D P . 8.89 -1.56 -36.86
C33 D3D P . 9.95 -2.02 -35.88
C34 D3D P . 9.39 -2.63 -34.61
O9 D3D P . -2.08 0.20 -32.28
C35 D3D P . 10.43 -2.96 -33.57
C36 D3D P . 9.85 -3.62 -32.33
C37 D3D P . 10.86 -3.83 -31.21
O8 D3D P . -2.78 1.27 -34.12
O2 D3D P . -6.10 2.08 -32.87
O4 D3D P . -5.39 2.67 -30.55
O5 D3D P . -7.78 2.20 -31.12
O7 D3D P . -11.20 3.22 -28.88
O6 D3D P . -10.12 0.97 -30.32
O3 D3D P . -6.72 4.34 -31.94
O1 D3D P . -3.85 -0.83 -35.31
O D3D P . -5.52 -2.28 -35.62
C D3D P . 7.73 -12.47 -42.60
C38 D3D P . 10.30 -4.49 -29.97
C39 D3D P . 11.30 -4.59 -28.84
N ABU Q . -18.29 25.95 -8.20
CD ABU Q . -19.45 25.77 -9.11
CB ABU Q . -20.39 24.69 -8.63
CG ABU Q . -21.54 24.50 -9.61
C ABU Q . -22.58 23.49 -9.16
O ABU Q . -23.20 22.85 -10.04
OXT ABU Q . -22.75 23.34 -7.93
C1 D10 R . 33.33 -1.05 -33.80
C2 D10 R . 34.32 -1.65 -32.83
C3 D10 R . 35.23 -2.69 -33.46
C4 D10 R . 36.22 -3.30 -32.49
C5 D10 R . 37.08 -4.40 -33.10
C6 D10 R . 38.03 -3.92 -34.17
C7 D10 R . 38.84 -5.02 -34.81
C8 D10 R . 39.81 -4.54 -35.88
C9 D10 R . 40.89 -3.61 -35.36
C10 D10 R . 41.88 -3.21 -36.42
C1 D10 S . 42.66 -14.14 -12.83
C2 D10 S . 42.34 -15.22 -13.84
C3 D10 S . 43.32 -16.38 -13.82
C4 D10 S . 42.97 -17.48 -14.81
C5 D10 S . 43.87 -18.70 -14.73
C6 D10 S . 45.33 -18.43 -15.09
C7 D10 S . 46.21 -19.65 -15.01
C8 D10 S . 47.67 -19.39 -15.35
C9 D10 S . 48.56 -20.61 -15.21
C10 D10 S . 50.00 -20.32 -15.55
N ABU T . -16.60 -10.03 23.54
CD ABU T . -16.22 -8.88 24.39
CB ABU T . -15.16 -9.27 25.40
CG ABU T . -14.71 -8.06 26.22
C ABU T . -13.60 -8.36 27.22
O ABU T . -12.99 -7.40 27.71
OXT ABU T . -13.38 -9.56 27.48
C1 D10 U . 29.17 -34.59 -8.96
C2 D10 U . 29.35 -35.02 -10.40
C3 D10 U . 28.09 -34.85 -11.24
C4 D10 U . 28.27 -35.11 -12.72
C5 D10 U . 28.57 -36.55 -13.08
C6 D10 U . 28.61 -36.80 -14.58
C7 D10 U . 28.76 -38.27 -14.98
C8 D10 U . 30.08 -38.90 -14.56
C9 D10 U . 30.24 -40.33 -15.01
C10 D10 U . 31.54 -40.96 -14.56
P D3D V . 11.14 -26.16 9.64
C1 D3D V . 27.47 -33.57 -3.77
C2 D3D V . 28.35 -32.45 -3.22
C3 D3D V . 28.07 -32.11 -1.77
C4 D3D V . 26.67 -31.54 -1.54
C5 D3D V . 26.33 -31.32 -0.08
C6 D3D V . 24.98 -30.69 0.15
C7 D3D V . 24.57 -30.57 1.61
C8 D3D V . 23.29 -29.79 1.83
C9 D3D V . 22.82 -29.76 3.27
C10 D3D V . 21.63 -28.84 3.50
C11 D3D V . 21.01 -28.95 4.89
C12 D3D V . 19.92 -27.94 5.14
C13 D3D V . 19.13 -28.19 6.41
C14 D3D V . 18.06 -27.13 6.66
C15 D3D V . 17.00 -27.57 7.62
C16 D3D V . 14.82 -28.51 7.77
C17 D3D V . 13.71 -27.50 7.69
C18 D3D V . 12.40 -28.01 8.24
C19 D3D V . 11.65 -25.77 12.19
C20 D3D V . 12.65 -25.06 13.07
C21 D3D V . 12.56 -23.56 12.97
C22 D3D V . 13.17 -27.92 5.34
C23 D3D V . 13.05 -27.22 4.01
C24 D3D V . 11.76 -27.54 3.27
C25 D3D V . 11.80 -28.88 2.54
C26 D3D V . 12.78 -28.92 1.39
C27 D3D V . 12.80 -30.26 0.65
C28 D3D V . 13.77 -30.32 -0.51
C29 D3D V . 13.81 -31.68 -1.20
C30 D3D V . 14.77 -31.77 -2.34
C31 D3D V . 14.60 -32.51 -3.43
C32 D3D V . 15.55 -32.63 -4.58
C33 D3D V . 16.20 -31.33 -4.99
C34 D3D V . 15.24 -30.27 -5.50
O9 D3D V . 12.98 -29.08 5.53
C35 D3D V . 15.92 -28.98 -5.92
C36 D3D V . 14.95 -27.90 -6.39
C37 D3D V . 15.64 -26.61 -6.80
O8 D3D V . 13.53 -27.03 6.31
O2 D3D V . 12.16 -27.38 9.52
O4 D3D V . 11.25 -25.34 8.42
O5 D3D V . 11.88 -25.36 10.82
O7 D3D V . 13.47 -22.93 13.86
O6 D3D V . 12.44 -25.47 14.44
O3 D3D V . 9.82 -26.63 10.10
O1 D3D V . 15.93 -28.04 6.97
O D3D V . 17.08 -27.52 8.82
C D3D V . 27.82 -33.96 -5.19
C38 D3D V . 14.68 -25.53 -7.26
C39 D3D V . 15.37 -24.29 -7.73
C1 D10 W . 9.42 -35.19 -27.37
C2 D10 W . 10.49 -34.27 -27.92
C3 D10 W . 10.63 -34.35 -29.43
C4 D10 W . 11.75 -33.49 -30.00
C5 D10 W . 11.83 -33.52 -31.51
C6 D10 W . 12.13 -34.88 -32.11
C7 D10 W . 12.19 -34.89 -33.63
C8 D10 W . 12.60 -36.22 -34.22
C9 D10 W . 12.67 -36.22 -35.74
C10 D10 W . 13.08 -37.55 -36.32
#